data_2DNP
#
_entry.id   2DNP
#
_entity_poly.entity_id   1
_entity_poly.type   'polypeptide(L)'
_entity_poly.pdbx_seq_one_letter_code
;GSSGSSGNTWKIFVGNVSAACTSQELRSLFERRGRVIECDVVKDYAFVHMEKEADAKAAIAQLNGKEVKGKRINVELSTK
GQKKSGPSSG
;
_entity_poly.pdbx_strand_id   A
#
# COMPACT_ATOMS: atom_id res chain seq x y z
N GLY A 1 25.26 -4.55 4.40
CA GLY A 1 24.65 -3.23 4.41
C GLY A 1 23.37 -3.18 3.59
N SER A 2 22.68 -2.05 3.66
CA SER A 2 21.43 -1.87 2.93
C SER A 2 21.67 -1.92 1.42
N SER A 3 20.60 -2.08 0.66
CA SER A 3 20.69 -2.16 -0.79
C SER A 3 19.32 -1.93 -1.44
N GLY A 4 19.33 -1.43 -2.67
CA GLY A 4 18.09 -1.19 -3.37
C GLY A 4 18.21 -1.40 -4.87
N SER A 5 17.91 -2.61 -5.31
CA SER A 5 18.00 -2.95 -6.73
C SER A 5 17.12 -2.02 -7.57
N SER A 6 15.89 -1.81 -7.11
CA SER A 6 14.95 -0.94 -7.81
C SER A 6 13.80 -0.52 -6.91
N GLY A 7 13.36 0.71 -7.04
CA GLY A 7 12.27 1.22 -6.23
C GLY A 7 12.41 0.84 -4.77
N ASN A 8 13.40 1.42 -4.10
CA ASN A 8 13.65 1.13 -2.69
C ASN A 8 12.36 1.23 -1.88
N THR A 9 11.67 2.36 -2.01
CA THR A 9 10.41 2.58 -1.29
C THR A 9 9.48 1.39 -1.43
N TRP A 10 8.56 1.24 -0.49
CA TRP A 10 7.61 0.13 -0.51
C TRP A 10 6.60 0.30 -1.65
N LYS A 11 5.80 -0.73 -1.88
CA LYS A 11 4.80 -0.70 -2.93
C LYS A 11 3.57 -1.51 -2.55
N ILE A 12 2.41 -0.86 -2.55
CA ILE A 12 1.17 -1.53 -2.21
C ILE A 12 0.17 -1.49 -3.36
N PHE A 13 -0.19 -2.66 -3.87
CA PHE A 13 -1.13 -2.74 -4.98
C PHE A 13 -2.56 -2.65 -4.48
N VAL A 14 -3.33 -1.73 -5.07
CA VAL A 14 -4.72 -1.53 -4.69
C VAL A 14 -5.66 -1.78 -5.86
N GLY A 15 -6.50 -2.81 -5.74
CA GLY A 15 -7.43 -3.14 -6.80
C GLY A 15 -8.85 -2.79 -6.44
N ASN A 16 -9.78 -3.03 -7.36
CA ASN A 16 -11.19 -2.74 -7.14
C ASN A 16 -11.39 -1.28 -6.77
N VAL A 17 -10.68 -0.39 -7.47
CA VAL A 17 -10.79 1.04 -7.21
C VAL A 17 -11.97 1.64 -7.96
N SER A 18 -12.96 2.12 -7.21
CA SER A 18 -14.15 2.72 -7.80
C SER A 18 -13.77 3.64 -8.96
N ALA A 19 -14.67 3.76 -9.94
CA ALA A 19 -14.43 4.61 -11.10
C ALA A 19 -14.49 6.09 -10.72
N ALA A 20 -15.37 6.41 -9.78
CA ALA A 20 -15.52 7.79 -9.33
C ALA A 20 -14.61 8.08 -8.14
N CYS A 21 -13.48 7.39 -8.10
CA CYS A 21 -12.51 7.58 -7.02
C CYS A 21 -11.35 8.47 -7.48
N THR A 22 -10.99 9.43 -6.63
CA THR A 22 -9.89 10.34 -6.95
C THR A 22 -8.62 9.96 -6.21
N SER A 23 -7.48 10.08 -6.88
CA SER A 23 -6.19 9.74 -6.27
C SER A 23 -6.10 10.28 -4.85
N GLN A 24 -6.33 11.58 -4.70
CA GLN A 24 -6.28 12.21 -3.39
C GLN A 24 -6.90 11.31 -2.32
N GLU A 25 -7.99 10.65 -2.68
CA GLU A 25 -8.69 9.75 -1.75
C GLU A 25 -7.76 8.63 -1.29
N LEU A 26 -7.25 7.85 -2.24
CA LEU A 26 -6.36 6.74 -1.93
C LEU A 26 -5.19 7.22 -1.07
N ARG A 27 -4.50 8.25 -1.55
CA ARG A 27 -3.36 8.80 -0.83
C ARG A 27 -3.73 9.14 0.61
N SER A 28 -4.79 9.93 0.78
CA SER A 28 -5.24 10.33 2.10
C SER A 28 -5.30 9.13 3.04
N LEU A 29 -5.92 8.05 2.57
CA LEU A 29 -6.04 6.83 3.37
C LEU A 29 -4.67 6.34 3.83
N PHE A 30 -3.82 5.98 2.88
CA PHE A 30 -2.48 5.49 3.19
C PHE A 30 -1.71 6.52 4.00
N GLU A 31 -2.07 7.79 3.85
CA GLU A 31 -1.41 8.87 4.57
C GLU A 31 -1.79 8.85 6.05
N ARG A 32 -3.09 8.74 6.32
CA ARG A 32 -3.59 8.72 7.69
C ARG A 32 -3.04 7.51 8.44
N ARG A 33 -2.85 6.41 7.72
CA ARG A 33 -2.33 5.18 8.31
C ARG A 33 -0.82 5.27 8.52
N GLY A 34 -0.19 6.20 7.82
CA GLY A 34 1.25 6.37 7.94
C GLY A 34 1.82 7.30 6.89
N ARG A 35 3.14 7.42 6.85
CA ARG A 35 3.81 8.28 5.89
C ARG A 35 3.67 7.71 4.48
N VAL A 36 3.44 8.60 3.51
CA VAL A 36 3.29 8.18 2.12
C VAL A 36 4.14 9.04 1.20
N ILE A 37 5.25 8.47 0.72
CA ILE A 37 6.15 9.18 -0.16
C ILE A 37 5.53 9.37 -1.54
N GLU A 38 5.19 8.27 -2.19
CA GLU A 38 4.58 8.31 -3.52
C GLU A 38 3.22 7.62 -3.52
N CYS A 39 2.29 8.15 -4.31
CA CYS A 39 0.95 7.58 -4.39
C CYS A 39 0.34 7.85 -5.77
N ASP A 40 0.26 6.81 -6.59
CA ASP A 40 -0.29 6.93 -7.93
C ASP A 40 -1.50 5.99 -8.10
N VAL A 41 -2.35 6.32 -9.06
CA VAL A 41 -3.54 5.52 -9.34
C VAL A 41 -3.57 5.04 -10.78
N VAL A 42 -3.83 3.75 -10.98
CA VAL A 42 -3.89 3.18 -12.31
C VAL A 42 -5.33 2.99 -12.77
N LYS A 43 -5.50 2.61 -14.04
CA LYS A 43 -6.82 2.41 -14.60
C LYS A 43 -7.80 1.92 -13.53
N ASP A 44 -7.69 0.65 -13.18
CA ASP A 44 -8.56 0.06 -12.16
C ASP A 44 -7.81 -0.16 -10.86
N TYR A 45 -6.52 -0.45 -10.97
CA TYR A 45 -5.68 -0.69 -9.79
C TYR A 45 -4.91 0.57 -9.41
N ALA A 46 -4.13 0.46 -8.34
CA ALA A 46 -3.33 1.59 -7.86
C ALA A 46 -1.99 1.13 -7.32
N PHE A 47 -1.11 2.08 -7.02
CA PHE A 47 0.20 1.77 -6.49
C PHE A 47 0.66 2.84 -5.49
N VAL A 48 0.70 2.46 -4.22
CA VAL A 48 1.12 3.37 -3.16
C VAL A 48 2.45 2.95 -2.56
N HIS A 49 3.38 3.90 -2.49
CA HIS A 49 4.70 3.64 -1.94
C HIS A 49 4.88 4.33 -0.60
N MET A 50 5.17 3.54 0.43
CA MET A 50 5.37 4.09 1.77
C MET A 50 6.82 3.91 2.23
N GLU A 51 7.20 4.65 3.26
CA GLU A 51 8.57 4.57 3.79
C GLU A 51 8.65 3.56 4.91
N LYS A 52 7.93 3.82 6.00
CA LYS A 52 7.93 2.92 7.15
C LYS A 52 7.20 1.63 6.83
N GLU A 53 7.93 0.52 6.92
CA GLU A 53 7.34 -0.80 6.65
C GLU A 53 6.20 -1.10 7.60
N ALA A 54 6.46 -0.93 8.90
CA ALA A 54 5.45 -1.19 9.92
C ALA A 54 4.11 -0.58 9.53
N ASP A 55 4.12 0.71 9.21
CA ASP A 55 2.90 1.41 8.82
C ASP A 55 2.32 0.83 7.54
N ALA A 56 3.19 0.43 6.62
CA ALA A 56 2.78 -0.15 5.35
C ALA A 56 1.79 -1.30 5.58
N LYS A 57 2.26 -2.36 6.21
CA LYS A 57 1.42 -3.52 6.48
C LYS A 57 0.19 -3.12 7.27
N ALA A 58 0.39 -2.44 8.39
CA ALA A 58 -0.71 -1.99 9.24
C ALA A 58 -1.87 -1.46 8.40
N ALA A 59 -1.54 -0.62 7.41
CA ALA A 59 -2.55 -0.05 6.54
C ALA A 59 -3.26 -1.13 5.73
N ILE A 60 -2.49 -1.90 4.98
CA ILE A 60 -3.04 -2.97 4.15
C ILE A 60 -4.07 -3.77 4.94
N ALA A 61 -3.87 -3.87 6.25
CA ALA A 61 -4.80 -4.61 7.11
C ALA A 61 -6.07 -3.82 7.36
N GLN A 62 -5.92 -2.53 7.67
CA GLN A 62 -7.07 -1.67 7.94
C GLN A 62 -7.65 -1.13 6.63
N LEU A 63 -7.01 -1.47 5.52
CA LEU A 63 -7.47 -1.02 4.21
C LEU A 63 -8.02 -2.19 3.39
N ASN A 64 -7.25 -3.26 3.33
CA ASN A 64 -7.66 -4.45 2.57
C ASN A 64 -9.10 -4.81 2.88
N GLY A 65 -10.01 -4.38 2.01
CA GLY A 65 -11.42 -4.67 2.21
C GLY A 65 -12.24 -3.42 2.48
N LYS A 66 -11.66 -2.48 3.20
CA LYS A 66 -12.34 -1.23 3.52
C LYS A 66 -13.25 -0.80 2.38
N GLU A 67 -14.53 -0.61 2.68
CA GLU A 67 -15.50 -0.18 1.67
C GLU A 67 -15.27 1.27 1.27
N VAL A 68 -14.98 1.49 0.00
CA VAL A 68 -14.75 2.84 -0.51
C VAL A 68 -15.64 3.13 -1.71
N LYS A 69 -16.32 4.26 -1.65
CA LYS A 69 -17.22 4.66 -2.74
C LYS A 69 -18.19 3.54 -3.09
N GLY A 70 -18.58 2.77 -2.08
CA GLY A 70 -19.50 1.67 -2.31
C GLY A 70 -18.81 0.41 -2.77
N LYS A 71 -17.60 0.56 -3.29
CA LYS A 71 -16.82 -0.57 -3.77
C LYS A 71 -15.70 -0.92 -2.80
N ARG A 72 -15.61 -2.19 -2.42
CA ARG A 72 -14.59 -2.64 -1.49
C ARG A 72 -13.24 -2.77 -2.18
N ILE A 73 -12.31 -1.90 -1.83
CA ILE A 73 -10.97 -1.91 -2.43
C ILE A 73 -10.15 -3.08 -1.88
N ASN A 74 -9.32 -3.66 -2.74
CA ASN A 74 -8.47 -4.78 -2.34
C ASN A 74 -7.00 -4.36 -2.30
N VAL A 75 -6.48 -4.18 -1.09
CA VAL A 75 -5.09 -3.78 -0.90
C VAL A 75 -4.22 -4.98 -0.53
N GLU A 76 -3.02 -5.02 -1.10
CA GLU A 76 -2.09 -6.12 -0.81
C GLU A 76 -0.66 -5.71 -1.17
N LEU A 77 0.29 -6.19 -0.36
CA LEU A 77 1.70 -5.89 -0.59
C LEU A 77 2.15 -6.31 -1.98
N SER A 78 2.62 -5.37 -2.76
CA SER A 78 3.08 -5.64 -4.12
C SER A 78 4.31 -6.56 -4.10
N THR A 79 5.31 -6.18 -3.32
CA THR A 79 6.53 -6.96 -3.22
C THR A 79 6.24 -8.38 -2.77
N LYS A 80 6.62 -9.36 -3.59
CA LYS A 80 6.39 -10.76 -3.27
C LYS A 80 7.63 -11.38 -2.60
N GLY A 81 8.80 -11.08 -3.17
CA GLY A 81 10.03 -11.61 -2.62
C GLY A 81 10.46 -10.90 -1.35
N GLN A 82 11.03 -11.65 -0.42
CA GLN A 82 11.47 -11.08 0.86
C GLN A 82 12.95 -11.37 1.09
N LYS A 83 13.69 -10.34 1.48
CA LYS A 83 15.12 -10.48 1.75
C LYS A 83 15.46 -10.01 3.16
N LYS A 84 15.28 -10.90 4.13
CA LYS A 84 15.57 -10.59 5.52
C LYS A 84 17.00 -11.00 5.89
N SER A 85 17.95 -10.10 5.63
CA SER A 85 19.35 -10.38 5.92
C SER A 85 19.59 -10.39 7.43
N GLY A 86 20.54 -11.21 7.86
CA GLY A 86 20.85 -11.31 9.28
C GLY A 86 20.02 -12.35 9.99
N PRO A 87 20.47 -12.75 11.19
CA PRO A 87 19.77 -13.75 12.00
C PRO A 87 18.44 -13.24 12.56
N SER A 88 17.75 -14.09 13.31
CA SER A 88 16.47 -13.71 13.89
C SER A 88 16.65 -13.23 15.33
N SER A 89 15.81 -12.28 15.73
CA SER A 89 15.88 -11.73 17.08
C SER A 89 15.60 -12.81 18.13
N GLY A 90 16.25 -12.69 19.28
CA GLY A 90 16.05 -13.66 20.34
C GLY A 90 15.78 -13.00 21.68
N GLY A 1 3.46 -10.18 -8.72
CA GLY A 1 4.17 -10.21 -9.99
C GLY A 1 3.86 -9.01 -10.86
N SER A 2 4.33 -7.84 -10.45
CA SER A 2 4.09 -6.61 -11.19
C SER A 2 5.39 -5.84 -11.39
N SER A 3 5.62 -5.39 -12.62
CA SER A 3 6.83 -4.64 -12.95
C SER A 3 6.54 -3.15 -13.02
N GLY A 4 7.08 -2.39 -12.07
CA GLY A 4 6.85 -0.95 -12.05
C GLY A 4 8.13 -0.17 -12.29
N SER A 5 8.35 0.86 -11.48
CA SER A 5 9.54 1.70 -11.61
C SER A 5 10.56 1.37 -10.52
N SER A 6 11.82 1.68 -10.79
CA SER A 6 12.89 1.43 -9.83
C SER A 6 12.83 2.40 -8.67
N GLY A 7 13.16 1.93 -7.48
CA GLY A 7 13.14 2.77 -6.30
C GLY A 7 13.42 2.00 -5.02
N ASN A 8 13.22 2.65 -3.89
CA ASN A 8 13.46 2.02 -2.59
C ASN A 8 12.17 1.94 -1.78
N THR A 9 11.45 3.05 -1.71
CA THR A 9 10.19 3.11 -0.96
C THR A 9 9.37 1.84 -1.18
N TRP A 10 8.42 1.61 -0.28
CA TRP A 10 7.56 0.43 -0.38
C TRP A 10 6.59 0.56 -1.54
N LYS A 11 5.79 -0.48 -1.77
CA LYS A 11 4.81 -0.47 -2.85
C LYS A 11 3.60 -1.32 -2.49
N ILE A 12 2.43 -0.68 -2.44
CA ILE A 12 1.20 -1.37 -2.11
C ILE A 12 0.21 -1.33 -3.27
N PHE A 13 -0.17 -2.52 -3.75
CA PHE A 13 -1.11 -2.61 -4.86
C PHE A 13 -2.55 -2.47 -4.38
N VAL A 14 -3.27 -1.53 -4.99
CA VAL A 14 -4.66 -1.29 -4.63
C VAL A 14 -5.60 -1.56 -5.80
N GLY A 15 -6.38 -2.62 -5.69
CA GLY A 15 -7.31 -2.96 -6.75
C GLY A 15 -8.75 -2.64 -6.39
N ASN A 16 -9.67 -2.94 -7.30
CA ASN A 16 -11.08 -2.69 -7.07
C ASN A 16 -11.32 -1.22 -6.72
N VAL A 17 -10.61 -0.33 -7.39
CA VAL A 17 -10.74 1.10 -7.15
C VAL A 17 -11.96 1.67 -7.87
N SER A 18 -12.95 2.11 -7.09
CA SER A 18 -14.17 2.68 -7.64
C SER A 18 -13.86 3.55 -8.85
N ALA A 19 -14.58 3.31 -9.94
CA ALA A 19 -14.39 4.08 -11.16
C ALA A 19 -14.47 5.58 -10.89
N ALA A 20 -15.30 5.95 -9.92
CA ALA A 20 -15.47 7.36 -9.56
C ALA A 20 -14.61 7.72 -8.36
N CYS A 21 -13.44 7.09 -8.25
CA CYS A 21 -12.52 7.35 -7.16
C CYS A 21 -11.41 8.28 -7.59
N THR A 22 -10.91 9.09 -6.66
CA THR A 22 -9.84 10.03 -6.94
C THR A 22 -8.54 9.63 -6.24
N SER A 23 -7.41 10.07 -6.79
CA SER A 23 -6.11 9.74 -6.22
C SER A 23 -6.01 10.27 -4.79
N GLN A 24 -6.25 11.56 -4.61
CA GLN A 24 -6.18 12.18 -3.30
C GLN A 24 -6.84 11.29 -2.24
N GLU A 25 -7.89 10.58 -2.65
CA GLU A 25 -8.61 9.70 -1.74
C GLU A 25 -7.69 8.62 -1.19
N LEU A 26 -7.23 7.74 -2.06
CA LEU A 26 -6.34 6.65 -1.67
C LEU A 26 -5.15 7.19 -0.88
N ARG A 27 -4.52 8.23 -1.40
CA ARG A 27 -3.37 8.84 -0.74
C ARG A 27 -3.69 9.19 0.71
N SER A 28 -4.84 9.85 0.91
CA SER A 28 -5.26 10.24 2.25
C SER A 28 -5.30 9.03 3.18
N LEU A 29 -5.91 7.95 2.72
CA LEU A 29 -6.02 6.73 3.51
C LEU A 29 -4.65 6.28 4.00
N PHE A 30 -3.78 5.91 3.07
CA PHE A 30 -2.44 5.45 3.41
C PHE A 30 -1.71 6.50 4.25
N GLU A 31 -1.83 7.76 3.85
CA GLU A 31 -1.18 8.85 4.57
C GLU A 31 -1.54 8.82 6.04
N ARG A 32 -2.81 8.57 6.33
CA ARG A 32 -3.28 8.51 7.71
C ARG A 32 -2.74 7.27 8.42
N ARG A 33 -2.65 6.17 7.69
CA ARG A 33 -2.14 4.92 8.25
C ARG A 33 -0.61 4.90 8.24
N GLY A 34 -0.01 6.04 7.90
CA GLY A 34 1.44 6.12 7.85
C GLY A 34 1.93 7.10 6.81
N ARG A 35 3.24 7.31 6.76
CA ARG A 35 3.84 8.23 5.81
C ARG A 35 3.69 7.72 4.38
N VAL A 36 3.40 8.62 3.45
CA VAL A 36 3.23 8.25 2.05
C VAL A 36 4.06 9.16 1.14
N ILE A 37 5.11 8.61 0.56
CA ILE A 37 5.98 9.37 -0.34
C ILE A 37 5.35 9.52 -1.72
N GLU A 38 5.16 8.38 -2.40
CA GLU A 38 4.57 8.38 -3.73
C GLU A 38 3.19 7.74 -3.71
N CYS A 39 2.30 8.23 -4.57
CA CYS A 39 0.95 7.71 -4.66
C CYS A 39 0.36 7.94 -6.05
N ASP A 40 0.22 6.85 -6.80
CA ASP A 40 -0.33 6.93 -8.16
C ASP A 40 -1.53 6.00 -8.30
N VAL A 41 -2.45 6.37 -9.20
CA VAL A 41 -3.64 5.57 -9.43
C VAL A 41 -3.71 5.10 -10.88
N VAL A 42 -3.95 3.82 -11.07
CA VAL A 42 -4.04 3.23 -12.41
C VAL A 42 -5.49 3.03 -12.81
N LYS A 43 -5.70 2.64 -14.08
CA LYS A 43 -7.04 2.41 -14.59
C LYS A 43 -7.96 1.88 -13.51
N ASP A 44 -7.81 0.61 -13.17
CA ASP A 44 -8.63 -0.02 -12.13
C ASP A 44 -7.83 -0.21 -10.85
N TYR A 45 -6.55 -0.56 -11.00
CA TYR A 45 -5.69 -0.78 -9.84
C TYR A 45 -4.96 0.51 -9.46
N ALA A 46 -4.06 0.40 -8.48
CA ALA A 46 -3.29 1.55 -8.03
C ALA A 46 -1.96 1.12 -7.43
N PHE A 47 -1.12 2.09 -7.10
CA PHE A 47 0.18 1.81 -6.52
C PHE A 47 0.59 2.91 -5.54
N VAL A 48 0.63 2.57 -4.26
CA VAL A 48 1.01 3.52 -3.22
C VAL A 48 2.30 3.11 -2.53
N HIS A 49 3.28 4.00 -2.55
CA HIS A 49 4.58 3.73 -1.93
C HIS A 49 4.67 4.38 -0.55
N MET A 50 5.13 3.61 0.43
CA MET A 50 5.26 4.11 1.79
C MET A 50 6.69 3.96 2.30
N GLU A 51 7.07 4.81 3.25
CA GLU A 51 8.42 4.77 3.81
C GLU A 51 8.50 3.77 4.97
N LYS A 52 7.65 3.97 5.97
CA LYS A 52 7.63 3.09 7.13
C LYS A 52 7.00 1.75 6.78
N GLU A 53 7.75 0.67 6.98
CA GLU A 53 7.26 -0.67 6.70
C GLU A 53 6.11 -1.05 7.62
N ALA A 54 6.36 -0.99 8.93
CA ALA A 54 5.34 -1.33 9.91
C ALA A 54 4.01 -0.69 9.56
N ASP A 55 4.03 0.62 9.31
CA ASP A 55 2.81 1.35 8.96
C ASP A 55 2.21 0.80 7.66
N ALA A 56 3.07 0.46 6.71
CA ALA A 56 2.62 -0.06 5.43
C ALA A 56 1.67 -1.24 5.63
N LYS A 57 2.17 -2.31 6.22
CA LYS A 57 1.38 -3.51 6.47
C LYS A 57 0.10 -3.16 7.24
N ALA A 58 0.26 -2.51 8.38
CA ALA A 58 -0.87 -2.12 9.20
C ALA A 58 -2.01 -1.58 8.35
N ALA A 59 -1.69 -0.66 7.46
CA ALA A 59 -2.69 -0.07 6.58
C ALA A 59 -3.38 -1.13 5.73
N ILE A 60 -2.58 -1.95 5.04
CA ILE A 60 -3.11 -3.00 4.19
C ILE A 60 -4.15 -3.84 4.95
N ALA A 61 -3.97 -3.95 6.26
CA ALA A 61 -4.88 -4.71 7.10
C ALA A 61 -6.19 -3.95 7.33
N GLN A 62 -6.07 -2.66 7.66
CA GLN A 62 -7.23 -1.83 7.91
C GLN A 62 -7.80 -1.29 6.60
N LEU A 63 -7.12 -1.60 5.50
CA LEU A 63 -7.57 -1.14 4.18
C LEU A 63 -8.10 -2.30 3.35
N ASN A 64 -7.33 -3.38 3.29
CA ASN A 64 -7.73 -4.57 2.53
C ASN A 64 -9.19 -4.92 2.81
N GLY A 65 -10.09 -4.44 1.96
CA GLY A 65 -11.50 -4.72 2.13
C GLY A 65 -12.30 -3.47 2.44
N LYS A 66 -11.72 -2.57 3.22
CA LYS A 66 -12.38 -1.32 3.58
C LYS A 66 -13.21 -0.78 2.42
N GLU A 67 -14.51 -0.59 2.66
CA GLU A 67 -15.41 -0.08 1.63
C GLU A 67 -15.06 1.37 1.28
N VAL A 68 -14.77 1.60 0.01
CA VAL A 68 -14.42 2.94 -0.46
C VAL A 68 -15.30 3.36 -1.63
N LYS A 69 -16.04 4.45 -1.46
CA LYS A 69 -16.92 4.95 -2.50
C LYS A 69 -17.93 3.89 -2.92
N GLY A 70 -18.36 3.07 -1.96
CA GLY A 70 -19.32 2.03 -2.24
C GLY A 70 -18.67 0.75 -2.74
N LYS A 71 -17.47 0.89 -3.31
CA LYS A 71 -16.74 -0.26 -3.83
C LYS A 71 -15.63 -0.67 -2.87
N ARG A 72 -15.55 -1.97 -2.59
CA ARG A 72 -14.53 -2.49 -1.68
C ARG A 72 -13.17 -2.56 -2.38
N ILE A 73 -12.21 -1.82 -1.86
CA ILE A 73 -10.86 -1.81 -2.42
C ILE A 73 -10.03 -2.98 -1.90
N ASN A 74 -9.23 -3.57 -2.79
CA ASN A 74 -8.39 -4.71 -2.42
C ASN A 74 -6.93 -4.28 -2.32
N VAL A 75 -6.44 -4.15 -1.09
CA VAL A 75 -5.06 -3.74 -0.85
C VAL A 75 -4.20 -4.95 -0.46
N GLU A 76 -2.99 -4.99 -1.00
CA GLU A 76 -2.07 -6.09 -0.71
C GLU A 76 -0.63 -5.70 -1.06
N LEU A 77 0.32 -6.17 -0.25
CA LEU A 77 1.73 -5.88 -0.47
C LEU A 77 2.17 -6.34 -1.85
N SER A 78 2.72 -5.41 -2.63
CA SER A 78 3.19 -5.73 -3.98
C SER A 78 4.50 -6.51 -3.93
N THR A 79 5.44 -6.03 -3.13
CA THR A 79 6.73 -6.67 -3.00
C THR A 79 6.78 -7.56 -1.76
N LYS A 80 6.76 -8.88 -1.98
CA LYS A 80 6.80 -9.84 -0.88
C LYS A 80 7.88 -9.46 0.13
N GLY A 81 9.09 -9.23 -0.37
CA GLY A 81 10.19 -8.87 0.50
C GLY A 81 10.59 -10.00 1.44
N GLN A 82 10.70 -11.20 0.88
CA GLN A 82 11.07 -12.37 1.68
C GLN A 82 12.53 -12.28 2.14
N LYS A 83 12.72 -12.00 3.42
CA LYS A 83 14.07 -11.89 3.98
C LYS A 83 14.20 -12.73 5.25
N LYS A 84 15.33 -13.40 5.40
CA LYS A 84 15.58 -14.24 6.57
C LYS A 84 16.83 -13.77 7.31
N SER A 85 16.71 -12.69 8.07
CA SER A 85 17.83 -12.15 8.82
C SER A 85 17.42 -11.81 10.26
N GLY A 86 18.38 -11.42 11.07
CA GLY A 86 18.11 -11.08 12.45
C GLY A 86 18.33 -9.60 12.74
N PRO A 87 17.82 -9.13 13.89
CA PRO A 87 17.96 -7.74 14.30
C PRO A 87 19.39 -7.38 14.68
N SER A 88 19.84 -6.20 14.27
CA SER A 88 21.20 -5.75 14.57
C SER A 88 21.24 -4.23 14.71
N SER A 89 21.91 -3.77 15.75
CA SER A 89 22.04 -2.33 16.00
C SER A 89 23.19 -1.73 15.20
N GLY A 90 23.15 -0.41 15.02
CA GLY A 90 24.20 0.26 14.28
C GLY A 90 24.02 0.14 12.78
N GLY A 1 13.63 -10.41 -10.41
CA GLY A 1 14.32 -9.19 -10.00
C GLY A 1 15.53 -9.49 -9.14
N SER A 2 15.64 -8.79 -8.01
CA SER A 2 16.77 -8.98 -7.10
C SER A 2 16.28 -9.26 -5.68
N SER A 3 17.02 -10.09 -4.96
CA SER A 3 16.66 -10.44 -3.59
C SER A 3 17.44 -9.61 -2.59
N GLY A 4 16.73 -8.94 -1.69
CA GLY A 4 17.38 -8.10 -0.69
C GLY A 4 16.98 -6.65 -0.79
N SER A 5 17.13 -5.92 0.31
CA SER A 5 16.77 -4.51 0.35
C SER A 5 18.01 -3.62 0.27
N SER A 6 17.86 -2.44 -0.30
CA SER A 6 18.96 -1.50 -0.43
C SER A 6 18.60 -0.13 0.13
N GLY A 7 17.46 0.40 -0.32
CA GLY A 7 17.02 1.70 0.14
C GLY A 7 15.97 2.32 -0.76
N ASN A 8 14.89 1.59 -1.00
CA ASN A 8 13.81 2.07 -1.86
C ASN A 8 12.49 2.13 -1.10
N THR A 9 11.59 2.98 -1.56
CA THR A 9 10.28 3.13 -0.93
C THR A 9 9.42 1.88 -1.14
N TRP A 10 8.49 1.64 -0.21
CA TRP A 10 7.61 0.50 -0.30
C TRP A 10 6.61 0.65 -1.44
N LYS A 11 5.87 -0.41 -1.71
CA LYS A 11 4.86 -0.39 -2.77
C LYS A 11 3.65 -1.23 -2.40
N ILE A 12 2.49 -0.61 -2.42
CA ILE A 12 1.24 -1.30 -2.08
C ILE A 12 0.26 -1.26 -3.24
N PHE A 13 -0.18 -2.44 -3.67
CA PHE A 13 -1.12 -2.55 -4.78
C PHE A 13 -2.56 -2.39 -4.28
N VAL A 14 -3.36 -1.63 -5.03
CA VAL A 14 -4.74 -1.40 -4.68
C VAL A 14 -5.67 -1.67 -5.85
N GLY A 15 -6.45 -2.74 -5.75
CA GLY A 15 -7.37 -3.10 -6.81
C GLY A 15 -8.81 -2.82 -6.46
N ASN A 16 -9.70 -2.91 -7.45
CA ASN A 16 -11.11 -2.67 -7.23
C ASN A 16 -11.35 -1.21 -6.84
N VAL A 17 -10.63 -0.30 -7.49
CA VAL A 17 -10.77 1.12 -7.22
C VAL A 17 -11.99 1.71 -7.92
N SER A 18 -12.97 2.13 -7.13
CA SER A 18 -14.20 2.70 -7.68
C SER A 18 -13.89 3.65 -8.84
N ALA A 19 -14.71 3.59 -9.88
CA ALA A 19 -14.52 4.44 -11.05
C ALA A 19 -14.52 5.91 -10.66
N ALA A 20 -15.39 6.28 -9.72
CA ALA A 20 -15.49 7.65 -9.26
C ALA A 20 -14.57 7.90 -8.06
N CYS A 21 -13.42 7.23 -8.06
CA CYS A 21 -12.47 7.38 -6.98
C CYS A 21 -11.30 8.27 -7.39
N THR A 22 -10.94 9.21 -6.53
CA THR A 22 -9.84 10.13 -6.81
C THR A 22 -8.57 9.71 -6.09
N SER A 23 -7.43 9.96 -6.72
CA SER A 23 -6.14 9.59 -6.14
C SER A 23 -6.03 10.12 -4.70
N GLN A 24 -6.21 11.42 -4.55
CA GLN A 24 -6.12 12.05 -3.24
C GLN A 24 -6.76 11.17 -2.17
N GLU A 25 -7.88 10.54 -2.52
CA GLU A 25 -8.58 9.66 -1.59
C GLU A 25 -7.67 8.55 -1.09
N LEU A 26 -7.10 7.79 -2.02
CA LEU A 26 -6.20 6.69 -1.68
C LEU A 26 -5.00 7.19 -0.89
N ARG A 27 -4.33 8.21 -1.44
CA ARG A 27 -3.16 8.79 -0.79
C ARG A 27 -3.45 9.11 0.67
N SER A 28 -4.54 9.85 0.90
CA SER A 28 -4.93 10.24 2.25
C SER A 28 -5.02 9.01 3.17
N LEU A 29 -5.76 8.01 2.72
CA LEU A 29 -5.94 6.78 3.49
C LEU A 29 -4.60 6.28 4.02
N PHE A 30 -3.68 5.98 3.11
CA PHE A 30 -2.36 5.49 3.49
C PHE A 30 -1.62 6.52 4.35
N GLU A 31 -1.75 7.79 3.98
CA GLU A 31 -1.10 8.87 4.71
C GLU A 31 -1.46 8.80 6.19
N ARG A 32 -2.73 8.55 6.49
CA ARG A 32 -3.19 8.46 7.87
C ARG A 32 -2.66 7.20 8.54
N ARG A 33 -2.61 6.11 7.79
CA ARG A 33 -2.12 4.84 8.32
C ARG A 33 -0.61 4.73 8.17
N GLY A 34 0.03 5.86 7.88
CA GLY A 34 1.47 5.87 7.72
C GLY A 34 1.93 6.89 6.69
N ARG A 35 3.24 7.15 6.65
CA ARG A 35 3.80 8.12 5.72
C ARG A 35 3.69 7.60 4.29
N VAL A 36 3.44 8.51 3.35
CA VAL A 36 3.31 8.14 1.95
C VAL A 36 4.13 9.08 1.06
N ILE A 37 5.22 8.55 0.51
CA ILE A 37 6.09 9.34 -0.36
C ILE A 37 5.50 9.49 -1.75
N GLU A 38 5.25 8.36 -2.41
CA GLU A 38 4.68 8.37 -3.75
C GLU A 38 3.29 7.73 -3.74
N CYS A 39 2.45 8.17 -4.68
CA CYS A 39 1.09 7.65 -4.78
C CYS A 39 0.53 7.88 -6.18
N ASP A 40 0.30 6.78 -6.90
CA ASP A 40 -0.23 6.86 -8.26
C ASP A 40 -1.41 5.91 -8.44
N VAL A 41 -2.38 6.32 -9.23
CA VAL A 41 -3.56 5.51 -9.48
C VAL A 41 -3.62 5.05 -10.93
N VAL A 42 -3.90 3.76 -11.14
CA VAL A 42 -3.98 3.20 -12.48
C VAL A 42 -5.43 3.03 -12.91
N LYS A 43 -5.62 2.67 -14.18
CA LYS A 43 -6.95 2.47 -14.73
C LYS A 43 -7.90 1.94 -13.65
N ASP A 44 -7.77 0.66 -13.33
CA ASP A 44 -8.62 0.03 -12.32
C ASP A 44 -7.86 -0.14 -11.01
N TYR A 45 -6.59 -0.54 -11.11
CA TYR A 45 -5.77 -0.75 -9.93
C TYR A 45 -5.02 0.53 -9.56
N ALA A 46 -4.24 0.47 -8.49
CA ALA A 46 -3.47 1.62 -8.03
C ALA A 46 -2.21 1.19 -7.30
N PHE A 47 -1.27 2.11 -7.15
CA PHE A 47 -0.01 1.82 -6.48
C PHE A 47 0.34 2.92 -5.48
N VAL A 48 0.51 2.53 -4.22
CA VAL A 48 0.85 3.48 -3.17
C VAL A 48 2.14 3.08 -2.46
N HIS A 49 3.14 3.95 -2.52
CA HIS A 49 4.43 3.70 -1.89
C HIS A 49 4.48 4.34 -0.51
N MET A 50 5.16 3.66 0.42
CA MET A 50 5.29 4.17 1.79
C MET A 50 6.73 4.03 2.28
N GLU A 51 7.08 4.83 3.28
CA GLU A 51 8.43 4.80 3.84
C GLU A 51 8.51 3.83 5.02
N LYS A 52 7.65 4.05 6.01
CA LYS A 52 7.61 3.19 7.19
C LYS A 52 6.98 1.85 6.88
N GLU A 53 7.74 0.78 7.10
CA GLU A 53 7.25 -0.57 6.84
C GLU A 53 6.09 -0.93 7.76
N ALA A 54 6.35 -0.90 9.06
CA ALA A 54 5.33 -1.21 10.06
C ALA A 54 3.98 -0.60 9.66
N ASP A 55 3.99 0.68 9.35
CA ASP A 55 2.78 1.39 8.97
C ASP A 55 2.21 0.81 7.67
N ALA A 56 3.10 0.45 6.75
CA ALA A 56 2.68 -0.11 5.47
C ALA A 56 1.73 -1.28 5.66
N LYS A 57 2.17 -2.28 6.42
CA LYS A 57 1.35 -3.45 6.69
C LYS A 57 0.05 -3.07 7.40
N ALA A 58 0.18 -2.27 8.45
CA ALA A 58 -0.99 -1.82 9.21
C ALA A 58 -2.08 -1.30 8.28
N ALA A 59 -1.70 -0.43 7.35
CA ALA A 59 -2.65 0.13 6.40
C ALA A 59 -3.33 -0.95 5.59
N ILE A 60 -2.53 -1.83 4.99
CA ILE A 60 -3.06 -2.92 4.17
C ILE A 60 -4.10 -3.72 4.96
N ALA A 61 -3.95 -3.75 6.27
CA ALA A 61 -4.88 -4.48 7.12
C ALA A 61 -6.19 -3.73 7.30
N GLN A 62 -6.09 -2.43 7.57
CA GLN A 62 -7.28 -1.59 7.75
C GLN A 62 -7.84 -1.16 6.40
N LEU A 63 -7.09 -1.43 5.33
CA LEU A 63 -7.52 -1.05 3.98
C LEU A 63 -8.03 -2.27 3.23
N ASN A 64 -7.24 -3.34 3.25
CA ASN A 64 -7.62 -4.58 2.56
C ASN A 64 -9.08 -4.94 2.86
N GLY A 65 -9.98 -4.46 2.01
CA GLY A 65 -11.39 -4.75 2.19
C GLY A 65 -12.21 -3.50 2.43
N LYS A 66 -11.62 -2.53 3.13
CA LYS A 66 -12.30 -1.28 3.43
C LYS A 66 -13.21 -0.86 2.27
N GLU A 67 -14.46 -0.55 2.59
CA GLU A 67 -15.43 -0.14 1.59
C GLU A 67 -15.20 1.31 1.18
N VAL A 68 -14.82 1.51 -0.09
CA VAL A 68 -14.58 2.85 -0.60
C VAL A 68 -15.50 3.17 -1.78
N LYS A 69 -16.27 4.24 -1.65
CA LYS A 69 -17.20 4.65 -2.70
C LYS A 69 -18.16 3.52 -3.04
N GLY A 70 -18.59 2.77 -2.03
CA GLY A 70 -19.50 1.67 -2.26
C GLY A 70 -18.80 0.41 -2.72
N LYS A 71 -17.64 0.58 -3.34
CA LYS A 71 -16.87 -0.55 -3.83
C LYS A 71 -15.73 -0.89 -2.87
N ARG A 72 -15.63 -2.16 -2.50
CA ARG A 72 -14.58 -2.60 -1.57
C ARG A 72 -13.24 -2.72 -2.31
N ILE A 73 -12.28 -1.91 -1.88
CA ILE A 73 -10.95 -1.92 -2.48
C ILE A 73 -10.10 -3.06 -1.94
N ASN A 74 -9.33 -3.68 -2.82
CA ASN A 74 -8.46 -4.80 -2.43
C ASN A 74 -7.01 -4.36 -2.35
N VAL A 75 -6.50 -4.19 -1.14
CA VAL A 75 -5.12 -3.77 -0.93
C VAL A 75 -4.25 -4.94 -0.50
N GLU A 76 -3.03 -4.99 -1.02
CA GLU A 76 -2.09 -6.07 -0.69
C GLU A 76 -0.66 -5.66 -0.99
N LEU A 77 0.26 -6.06 -0.13
CA LEU A 77 1.67 -5.73 -0.31
C LEU A 77 2.17 -6.18 -1.67
N SER A 78 2.67 -5.23 -2.45
CA SER A 78 3.17 -5.53 -3.78
C SER A 78 4.50 -6.26 -3.71
N THR A 79 5.47 -5.66 -3.02
CA THR A 79 6.79 -6.26 -2.87
C THR A 79 6.94 -6.95 -1.51
N LYS A 80 6.66 -8.25 -1.50
CA LYS A 80 6.76 -9.04 -0.27
C LYS A 80 8.18 -8.99 0.28
N GLY A 81 8.32 -9.34 1.57
CA GLY A 81 9.62 -9.35 2.19
C GLY A 81 9.55 -9.56 3.69
N GLN A 82 8.78 -10.55 4.11
CA GLN A 82 8.62 -10.86 5.53
C GLN A 82 9.94 -11.27 6.14
N LYS A 83 10.11 -10.95 7.42
CA LYS A 83 11.35 -11.29 8.14
C LYS A 83 11.04 -11.73 9.57
N LYS A 84 11.67 -12.81 10.00
CA LYS A 84 11.48 -13.34 11.34
C LYS A 84 12.70 -13.09 12.21
N SER A 85 12.47 -12.62 13.43
CA SER A 85 13.56 -12.35 14.37
C SER A 85 13.60 -13.39 15.48
N GLY A 86 14.59 -13.26 16.35
CA GLY A 86 14.74 -14.20 17.45
C GLY A 86 15.27 -13.55 18.71
N PRO A 87 14.88 -14.08 19.88
CA PRO A 87 15.31 -13.56 21.17
C PRO A 87 16.79 -13.82 21.44
N SER A 88 17.53 -12.75 21.73
CA SER A 88 18.95 -12.86 22.01
C SER A 88 19.30 -12.24 23.35
N SER A 89 20.26 -12.85 24.05
CA SER A 89 20.69 -12.35 25.35
C SER A 89 20.93 -10.85 25.31
N GLY A 90 21.00 -10.24 26.49
CA GLY A 90 21.24 -8.80 26.56
C GLY A 90 22.70 -8.47 26.76
N GLY A 1 23.46 -5.23 -13.16
CA GLY A 1 22.12 -5.01 -12.65
C GLY A 1 21.80 -5.88 -11.45
N SER A 2 22.15 -5.41 -10.27
CA SER A 2 21.89 -6.16 -9.04
C SER A 2 21.08 -5.34 -8.05
N SER A 3 21.51 -4.11 -7.83
CA SER A 3 20.83 -3.21 -6.89
C SER A 3 21.01 -1.76 -7.31
N GLY A 4 19.95 -0.97 -7.15
CA GLY A 4 20.01 0.44 -7.51
C GLY A 4 19.27 1.32 -6.54
N SER A 5 19.83 2.49 -6.24
CA SER A 5 19.21 3.42 -5.31
C SER A 5 18.17 4.30 -6.02
N SER A 6 16.95 3.81 -6.08
CA SER A 6 15.86 4.54 -6.73
C SER A 6 14.68 4.73 -5.78
N GLY A 7 14.80 5.68 -4.87
CA GLY A 7 13.74 5.94 -3.93
C GLY A 7 13.78 5.01 -2.73
N ASN A 8 13.85 3.71 -2.99
CA ASN A 8 13.91 2.72 -1.93
C ASN A 8 12.66 2.80 -1.04
N THR A 9 11.50 2.96 -1.67
CA THR A 9 10.25 3.04 -0.95
C THR A 9 9.39 1.80 -1.15
N TRP A 10 8.46 1.56 -0.24
CA TRP A 10 7.59 0.40 -0.33
C TRP A 10 6.57 0.57 -1.45
N LYS A 11 5.77 -0.46 -1.68
CA LYS A 11 4.75 -0.43 -2.73
C LYS A 11 3.53 -1.25 -2.33
N ILE A 12 2.35 -0.72 -2.58
CA ILE A 12 1.11 -1.41 -2.26
C ILE A 12 0.12 -1.35 -3.41
N PHE A 13 -0.26 -2.52 -3.93
CA PHE A 13 -1.20 -2.60 -5.03
C PHE A 13 -2.64 -2.58 -4.53
N VAL A 14 -3.41 -1.62 -5.03
CA VAL A 14 -4.81 -1.49 -4.62
C VAL A 14 -5.74 -1.68 -5.81
N GLY A 15 -6.53 -2.75 -5.77
CA GLY A 15 -7.46 -3.03 -6.85
C GLY A 15 -8.90 -2.73 -6.48
N ASN A 16 -9.81 -2.96 -7.42
CA ASN A 16 -11.23 -2.71 -7.19
C ASN A 16 -11.46 -1.24 -6.82
N VAL A 17 -10.70 -0.35 -7.44
CA VAL A 17 -10.82 1.08 -7.18
C VAL A 17 -11.98 1.69 -7.98
N SER A 18 -12.99 2.15 -7.27
CA SER A 18 -14.16 2.75 -7.92
C SER A 18 -13.74 3.69 -9.04
N ALA A 19 -14.52 3.72 -10.11
CA ALA A 19 -14.22 4.57 -11.26
C ALA A 19 -14.27 6.04 -10.87
N ALA A 20 -15.13 6.37 -9.91
CA ALA A 20 -15.27 7.74 -9.45
C ALA A 20 -14.36 8.02 -8.25
N CYS A 21 -13.21 7.35 -8.22
CA CYS A 21 -12.26 7.52 -7.14
C CYS A 21 -11.10 8.42 -7.56
N THR A 22 -10.70 9.31 -6.67
CA THR A 22 -9.60 10.23 -6.95
C THR A 22 -8.35 9.85 -6.17
N SER A 23 -7.21 9.86 -6.85
CA SER A 23 -5.94 9.52 -6.23
C SER A 23 -5.83 10.15 -4.83
N GLN A 24 -6.20 11.42 -4.74
CA GLN A 24 -6.15 12.14 -3.48
C GLN A 24 -6.77 11.30 -2.35
N GLU A 25 -7.86 10.62 -2.66
CA GLU A 25 -8.54 9.80 -1.67
C GLU A 25 -7.61 8.70 -1.15
N LEU A 26 -7.25 7.77 -2.03
CA LEU A 26 -6.38 6.66 -1.66
C LEU A 26 -5.17 7.17 -0.88
N ARG A 27 -4.55 8.23 -1.40
CA ARG A 27 -3.37 8.82 -0.75
C ARG A 27 -3.67 9.17 0.70
N SER A 28 -4.78 9.87 0.92
CA SER A 28 -5.18 10.28 2.26
C SER A 28 -5.25 9.08 3.19
N LEU A 29 -5.81 7.98 2.70
CA LEU A 29 -5.94 6.76 3.49
C LEU A 29 -4.57 6.28 3.98
N PHE A 30 -3.71 5.93 3.03
CA PHE A 30 -2.37 5.45 3.37
C PHE A 30 -1.62 6.47 4.22
N GLU A 31 -2.01 7.74 4.09
CA GLU A 31 -1.38 8.81 4.85
C GLU A 31 -1.75 8.73 6.33
N ARG A 32 -3.06 8.65 6.59
CA ARG A 32 -3.55 8.57 7.96
C ARG A 32 -3.01 7.33 8.66
N ARG A 33 -2.79 6.26 7.88
CA ARG A 33 -2.28 5.01 8.42
C ARG A 33 -0.76 5.06 8.56
N GLY A 34 -0.14 6.06 7.94
CA GLY A 34 1.29 6.20 7.99
C GLY A 34 1.84 7.14 6.93
N ARG A 35 3.14 7.39 6.96
CA ARG A 35 3.78 8.27 5.99
C ARG A 35 3.61 7.75 4.57
N VAL A 36 3.39 8.66 3.64
CA VAL A 36 3.22 8.29 2.23
C VAL A 36 4.04 9.18 1.31
N ILE A 37 5.14 8.62 0.79
CA ILE A 37 6.02 9.37 -0.09
C ILE A 37 5.37 9.58 -1.46
N GLU A 38 5.03 8.49 -2.13
CA GLU A 38 4.40 8.55 -3.43
C GLU A 38 3.04 7.87 -3.42
N CYS A 39 2.28 8.03 -4.50
CA CYS A 39 0.96 7.43 -4.62
C CYS A 39 0.37 7.67 -6.00
N ASP A 40 0.29 6.61 -6.80
CA ASP A 40 -0.25 6.71 -8.15
C ASP A 40 -1.48 5.81 -8.30
N VAL A 41 -2.34 6.15 -9.26
CA VAL A 41 -3.54 5.37 -9.52
C VAL A 41 -3.61 4.90 -10.96
N VAL A 42 -4.08 3.68 -11.16
CA VAL A 42 -4.19 3.11 -12.50
C VAL A 42 -5.65 2.87 -12.88
N LYS A 43 -5.87 2.49 -14.13
CA LYS A 43 -7.23 2.22 -14.61
C LYS A 43 -8.12 1.70 -13.49
N ASP A 44 -7.93 0.44 -13.14
CA ASP A 44 -8.71 -0.18 -12.08
C ASP A 44 -7.89 -0.34 -10.81
N TYR A 45 -6.62 -0.71 -10.97
CA TYR A 45 -5.72 -0.90 -9.84
C TYR A 45 -4.95 0.38 -9.54
N ALA A 46 -4.20 0.36 -8.45
CA ALA A 46 -3.41 1.52 -8.04
C ALA A 46 -2.12 1.10 -7.35
N PHE A 47 -1.18 2.02 -7.22
CA PHE A 47 0.09 1.74 -6.58
C PHE A 47 0.46 2.85 -5.59
N VAL A 48 0.66 2.47 -4.32
CA VAL A 48 1.02 3.42 -3.28
C VAL A 48 2.38 3.10 -2.69
N HIS A 49 3.19 4.13 -2.50
CA HIS A 49 4.52 3.96 -1.93
C HIS A 49 4.59 4.54 -0.51
N MET A 50 5.10 3.74 0.42
CA MET A 50 5.22 4.17 1.81
C MET A 50 6.65 4.02 2.30
N GLU A 51 7.02 4.83 3.29
CA GLU A 51 8.37 4.79 3.85
C GLU A 51 8.46 3.73 4.96
N LYS A 52 7.85 4.02 6.09
CA LYS A 52 7.87 3.10 7.23
C LYS A 52 7.17 1.79 6.86
N GLU A 53 7.92 0.69 6.95
CA GLU A 53 7.38 -0.63 6.63
C GLU A 53 6.23 -0.99 7.57
N ALA A 54 6.49 -0.86 8.88
CA ALA A 54 5.49 -1.18 9.88
C ALA A 54 4.13 -0.60 9.50
N ASP A 55 4.12 0.69 9.17
CA ASP A 55 2.88 1.37 8.79
C ASP A 55 2.32 0.78 7.50
N ALA A 56 3.21 0.44 6.58
CA ALA A 56 2.81 -0.14 5.29
C ALA A 56 1.85 -1.30 5.50
N LYS A 57 2.30 -2.32 6.22
CA LYS A 57 1.49 -3.50 6.49
C LYS A 57 0.23 -3.13 7.26
N ALA A 58 0.42 -2.51 8.43
CA ALA A 58 -0.70 -2.10 9.26
C ALA A 58 -1.84 -1.53 8.42
N ALA A 59 -1.48 -0.71 7.43
CA ALA A 59 -2.47 -0.09 6.55
C ALA A 59 -3.18 -1.15 5.71
N ILE A 60 -2.39 -1.91 4.96
CA ILE A 60 -2.95 -2.96 4.10
C ILE A 60 -3.93 -3.84 4.87
N ALA A 61 -3.79 -3.86 6.18
CA ALA A 61 -4.67 -4.65 7.03
C ALA A 61 -5.98 -3.91 7.31
N GLN A 62 -5.86 -2.63 7.66
CA GLN A 62 -7.03 -1.81 7.96
C GLN A 62 -7.63 -1.24 6.68
N LEU A 63 -6.97 -1.50 5.55
CA LEU A 63 -7.44 -1.00 4.26
C LEU A 63 -7.99 -2.15 3.41
N ASN A 64 -7.23 -3.22 3.31
CA ASN A 64 -7.63 -4.39 2.53
C ASN A 64 -9.08 -4.76 2.83
N GLY A 65 -10.00 -4.34 1.96
CA GLY A 65 -11.40 -4.64 2.15
C GLY A 65 -12.22 -3.39 2.46
N LYS A 66 -11.62 -2.46 3.18
CA LYS A 66 -12.30 -1.22 3.55
C LYS A 66 -13.23 -0.75 2.42
N GLU A 67 -14.50 -0.56 2.75
CA GLU A 67 -15.48 -0.11 1.77
C GLU A 67 -15.20 1.32 1.33
N VAL A 68 -14.94 1.49 0.04
CA VAL A 68 -14.65 2.81 -0.52
C VAL A 68 -15.55 3.11 -1.71
N LYS A 69 -16.12 4.32 -1.72
CA LYS A 69 -17.01 4.74 -2.80
C LYS A 69 -18.01 3.64 -3.14
N GLY A 70 -18.44 2.90 -2.12
CA GLY A 70 -19.40 1.82 -2.33
C GLY A 70 -18.73 0.53 -2.77
N LYS A 71 -17.55 0.65 -3.37
CA LYS A 71 -16.81 -0.52 -3.84
C LYS A 71 -15.68 -0.87 -2.87
N ARG A 72 -15.67 -2.12 -2.41
CA ARG A 72 -14.65 -2.58 -1.49
C ARG A 72 -13.29 -2.72 -2.20
N ILE A 73 -12.38 -1.82 -1.88
CA ILE A 73 -11.05 -1.84 -2.47
C ILE A 73 -10.21 -3.00 -1.92
N ASN A 74 -9.43 -3.62 -2.79
CA ASN A 74 -8.58 -4.75 -2.39
C ASN A 74 -7.12 -4.33 -2.36
N VAL A 75 -6.58 -4.14 -1.16
CA VAL A 75 -5.19 -3.74 -0.99
C VAL A 75 -4.32 -4.94 -0.61
N GLU A 76 -3.09 -4.95 -1.12
CA GLU A 76 -2.16 -6.04 -0.83
C GLU A 76 -0.73 -5.61 -1.11
N LEU A 77 0.20 -6.08 -0.29
CA LEU A 77 1.61 -5.75 -0.44
C LEU A 77 2.12 -6.19 -1.82
N SER A 78 2.93 -5.34 -2.44
CA SER A 78 3.48 -5.63 -3.76
C SER A 78 4.80 -6.39 -3.64
N THR A 79 5.78 -5.76 -3.03
CA THR A 79 7.11 -6.37 -2.85
C THR A 79 6.97 -7.79 -2.29
N LYS A 80 7.06 -8.77 -3.18
CA LYS A 80 6.96 -10.17 -2.78
C LYS A 80 7.93 -10.49 -1.65
N GLY A 81 9.18 -10.07 -1.81
CA GLY A 81 10.18 -10.32 -0.80
C GLY A 81 9.68 -10.02 0.60
N GLN A 82 10.11 -10.82 1.56
CA GLN A 82 9.70 -10.64 2.95
C GLN A 82 10.86 -10.12 3.79
N LYS A 83 10.58 -9.86 5.06
CA LYS A 83 11.60 -9.36 5.98
C LYS A 83 12.91 -10.14 5.84
N LYS A 84 14.02 -9.41 5.74
CA LYS A 84 15.32 -10.05 5.61
C LYS A 84 15.42 -11.29 6.48
N SER A 85 15.15 -11.12 7.77
CA SER A 85 15.20 -12.23 8.71
C SER A 85 16.64 -12.70 8.92
N GLY A 86 17.56 -11.74 8.93
CA GLY A 86 18.97 -12.06 9.13
C GLY A 86 19.28 -12.46 10.54
N PRO A 87 19.10 -11.51 11.48
CA PRO A 87 19.36 -11.74 12.91
C PRO A 87 18.36 -12.70 13.54
N SER A 88 17.40 -13.16 12.73
CA SER A 88 16.39 -14.09 13.21
C SER A 88 16.98 -15.08 14.22
N SER A 89 16.48 -15.02 15.45
CA SER A 89 16.95 -15.91 16.51
C SER A 89 16.06 -15.81 17.75
N GLY A 90 16.06 -16.87 18.54
CA GLY A 90 15.25 -16.88 19.74
C GLY A 90 15.73 -15.90 20.79
N GLY A 1 11.95 5.73 -12.35
CA GLY A 1 12.79 6.91 -12.48
C GLY A 1 14.26 6.55 -12.67
N SER A 2 14.97 6.38 -11.56
CA SER A 2 16.39 6.05 -11.61
C SER A 2 17.18 7.13 -12.33
N SER A 3 16.88 8.39 -11.99
CA SER A 3 17.56 9.52 -12.60
C SER A 3 18.55 10.16 -11.62
N GLY A 4 19.29 9.31 -10.92
CA GLY A 4 20.26 9.81 -9.95
C GLY A 4 19.95 9.36 -8.53
N SER A 5 18.86 9.89 -7.98
CA SER A 5 18.47 9.55 -6.62
C SER A 5 17.93 8.12 -6.55
N SER A 6 17.90 7.56 -5.34
CA SER A 6 17.41 6.20 -5.14
C SER A 6 16.21 6.18 -4.20
N GLY A 7 15.03 5.97 -4.77
CA GLY A 7 13.82 5.93 -3.97
C GLY A 7 13.82 4.79 -2.99
N ASN A 8 13.72 3.56 -3.49
CA ASN A 8 13.69 2.38 -2.64
C ASN A 8 12.56 2.45 -1.62
N THR A 9 11.39 2.87 -2.08
CA THR A 9 10.22 2.99 -1.22
C THR A 9 9.29 1.81 -1.40
N TRP A 10 8.45 1.56 -0.40
CA TRP A 10 7.50 0.46 -0.44
C TRP A 10 6.48 0.67 -1.56
N LYS A 11 5.69 -0.36 -1.82
CA LYS A 11 4.66 -0.29 -2.86
C LYS A 11 3.45 -1.13 -2.49
N ILE A 12 2.30 -0.49 -2.37
CA ILE A 12 1.06 -1.18 -2.02
C ILE A 12 0.08 -1.16 -3.17
N PHE A 13 -0.23 -2.34 -3.72
CA PHE A 13 -1.16 -2.45 -4.84
C PHE A 13 -2.60 -2.43 -4.34
N VAL A 14 -3.41 -1.54 -4.90
CA VAL A 14 -4.81 -1.42 -4.51
C VAL A 14 -5.72 -1.63 -5.72
N GLY A 15 -6.44 -2.75 -5.73
CA GLY A 15 -7.34 -3.05 -6.82
C GLY A 15 -8.79 -2.79 -6.46
N ASN A 16 -9.69 -3.01 -7.41
CA ASN A 16 -11.12 -2.80 -7.19
C ASN A 16 -11.40 -1.33 -6.88
N VAL A 17 -10.74 -0.44 -7.61
CA VAL A 17 -10.92 1.00 -7.40
C VAL A 17 -12.12 1.51 -8.18
N SER A 18 -13.05 2.16 -7.47
CA SER A 18 -14.26 2.68 -8.09
C SER A 18 -13.91 3.66 -9.20
N ALA A 19 -14.85 3.88 -10.12
CA ALA A 19 -14.65 4.80 -11.23
C ALA A 19 -14.65 6.25 -10.76
N ALA A 20 -15.47 6.53 -9.75
CA ALA A 20 -15.58 7.89 -9.21
C ALA A 20 -14.61 8.08 -8.04
N CYS A 21 -13.48 7.39 -8.09
CA CYS A 21 -12.49 7.48 -7.03
C CYS A 21 -11.35 8.41 -7.44
N THR A 22 -10.87 9.21 -6.49
CA THR A 22 -9.79 10.16 -6.76
C THR A 22 -8.48 9.65 -6.15
N SER A 23 -7.36 10.08 -6.73
CA SER A 23 -6.05 9.67 -6.26
C SER A 23 -5.82 10.15 -4.83
N GLN A 24 -6.44 11.27 -4.48
CA GLN A 24 -6.30 11.84 -3.15
C GLN A 24 -6.98 10.94 -2.10
N GLU A 25 -8.05 10.28 -2.51
CA GLU A 25 -8.79 9.39 -1.62
C GLU A 25 -7.87 8.32 -1.04
N LEU A 26 -7.41 7.42 -1.91
CA LEU A 26 -6.53 6.34 -1.49
C LEU A 26 -5.26 6.89 -0.85
N ARG A 27 -4.73 7.97 -1.41
CA ARG A 27 -3.53 8.58 -0.88
C ARG A 27 -3.72 9.01 0.58
N SER A 28 -4.82 9.72 0.85
CA SER A 28 -5.11 10.18 2.19
C SER A 28 -5.15 9.01 3.17
N LEU A 29 -5.86 7.95 2.79
CA LEU A 29 -5.97 6.77 3.63
C LEU A 29 -4.60 6.28 4.09
N PHE A 30 -3.73 5.96 3.14
CA PHE A 30 -2.39 5.48 3.45
C PHE A 30 -1.62 6.54 4.24
N GLU A 31 -1.88 7.80 3.93
CA GLU A 31 -1.20 8.91 4.61
C GLU A 31 -1.53 8.91 6.10
N ARG A 32 -2.77 8.56 6.43
CA ARG A 32 -3.21 8.52 7.81
C ARG A 32 -2.68 7.29 8.52
N ARG A 33 -2.59 6.18 7.80
CA ARG A 33 -2.09 4.93 8.37
C ARG A 33 -0.58 4.84 8.24
N GLY A 34 0.04 5.95 7.87
CA GLY A 34 1.49 5.98 7.71
C GLY A 34 1.94 7.02 6.70
N ARG A 35 3.26 7.19 6.59
CA ARG A 35 3.82 8.16 5.65
C ARG A 35 3.67 7.66 4.21
N VAL A 36 3.42 8.60 3.30
CA VAL A 36 3.26 8.27 1.89
C VAL A 36 4.12 9.16 1.01
N ILE A 37 5.20 8.61 0.50
CA ILE A 37 6.12 9.37 -0.36
C ILE A 37 5.59 9.44 -1.78
N GLU A 38 5.31 8.28 -2.38
CA GLU A 38 4.80 8.22 -3.74
C GLU A 38 3.41 7.58 -3.77
N CYS A 39 2.54 8.12 -4.61
CA CYS A 39 1.19 7.60 -4.74
C CYS A 39 0.64 7.83 -6.14
N ASP A 40 0.26 6.75 -6.82
CA ASP A 40 -0.29 6.85 -8.16
C ASP A 40 -1.46 5.90 -8.35
N VAL A 41 -2.42 6.31 -9.18
CA VAL A 41 -3.60 5.49 -9.44
C VAL A 41 -3.62 4.99 -10.88
N VAL A 42 -3.97 3.72 -11.05
CA VAL A 42 -4.02 3.11 -12.37
C VAL A 42 -5.47 2.90 -12.82
N LYS A 43 -5.65 2.50 -14.08
CA LYS A 43 -6.97 2.25 -14.62
C LYS A 43 -7.92 1.73 -13.55
N ASP A 44 -7.76 0.46 -13.20
CA ASP A 44 -8.60 -0.17 -12.18
C ASP A 44 -7.83 -0.33 -10.88
N TYR A 45 -6.54 -0.62 -10.99
CA TYR A 45 -5.70 -0.81 -9.81
C TYR A 45 -4.98 0.48 -9.45
N ALA A 46 -4.17 0.42 -8.40
CA ALA A 46 -3.41 1.59 -7.95
C ALA A 46 -2.16 1.18 -7.17
N PHE A 47 -1.25 2.11 -7.00
CA PHE A 47 -0.01 1.84 -6.29
C PHE A 47 0.31 2.97 -5.31
N VAL A 48 0.40 2.63 -4.03
CA VAL A 48 0.70 3.60 -2.99
C VAL A 48 2.00 3.26 -2.27
N HIS A 49 3.02 4.08 -2.49
CA HIS A 49 4.32 3.88 -1.86
C HIS A 49 4.32 4.38 -0.43
N MET A 50 5.22 3.83 0.39
CA MET A 50 5.31 4.22 1.79
C MET A 50 6.74 4.05 2.30
N GLU A 51 7.11 4.87 3.28
CA GLU A 51 8.44 4.80 3.87
C GLU A 51 8.50 3.78 5.00
N LYS A 52 7.77 4.07 6.08
CA LYS A 52 7.73 3.18 7.23
C LYS A 52 7.05 1.86 6.88
N GLU A 53 7.81 0.77 6.97
CA GLU A 53 7.28 -0.55 6.67
C GLU A 53 6.14 -0.92 7.60
N ALA A 54 6.43 -0.93 8.90
CA ALA A 54 5.43 -1.26 9.91
C ALA A 54 4.08 -0.67 9.55
N ASP A 55 4.06 0.61 9.23
CA ASP A 55 2.83 1.30 8.87
C ASP A 55 2.24 0.73 7.58
N ALA A 56 3.12 0.43 6.64
CA ALA A 56 2.70 -0.14 5.35
C ALA A 56 1.77 -1.33 5.56
N LYS A 57 2.26 -2.34 6.27
CA LYS A 57 1.48 -3.54 6.53
C LYS A 57 0.20 -3.19 7.29
N ALA A 58 0.35 -2.50 8.41
CA ALA A 58 -0.80 -2.11 9.22
C ALA A 58 -1.93 -1.56 8.36
N ALA A 59 -1.58 -0.64 7.46
CA ALA A 59 -2.56 -0.03 6.57
C ALA A 59 -3.25 -1.10 5.72
N ILE A 60 -2.47 -1.96 5.09
CA ILE A 60 -3.01 -3.02 4.26
C ILE A 60 -4.03 -3.86 5.01
N ALA A 61 -3.86 -3.94 6.33
CA ALA A 61 -4.77 -4.70 7.18
C ALA A 61 -6.07 -3.94 7.41
N GLN A 62 -5.94 -2.66 7.75
CA GLN A 62 -7.12 -1.81 8.00
C GLN A 62 -7.68 -1.26 6.71
N LEU A 63 -7.01 -1.56 5.59
CA LEU A 63 -7.45 -1.10 4.28
C LEU A 63 -7.99 -2.25 3.44
N ASN A 64 -7.22 -3.33 3.38
CA ASN A 64 -7.62 -4.51 2.61
C ASN A 64 -9.09 -4.85 2.88
N GLY A 65 -9.96 -4.37 2.00
CA GLY A 65 -11.38 -4.64 2.16
C GLY A 65 -12.19 -3.39 2.43
N LYS A 66 -11.60 -2.47 3.21
CA LYS A 66 -12.28 -1.22 3.55
C LYS A 66 -13.13 -0.72 2.38
N GLU A 67 -14.44 -0.59 2.62
CA GLU A 67 -15.36 -0.13 1.60
C GLU A 67 -15.11 1.33 1.25
N VAL A 68 -14.82 1.60 -0.02
CA VAL A 68 -14.56 2.96 -0.49
C VAL A 68 -15.23 3.21 -1.83
N LYS A 69 -15.87 4.37 -1.93
CA LYS A 69 -16.57 4.75 -3.17
C LYS A 69 -17.65 3.74 -3.51
N GLY A 70 -18.21 3.11 -2.49
CA GLY A 70 -19.26 2.12 -2.70
C GLY A 70 -18.72 0.76 -3.04
N LYS A 71 -17.47 0.72 -3.50
CA LYS A 71 -16.83 -0.54 -3.87
C LYS A 71 -15.73 -0.90 -2.88
N ARG A 72 -15.63 -2.18 -2.54
CA ARG A 72 -14.62 -2.65 -1.60
C ARG A 72 -13.25 -2.74 -2.28
N ILE A 73 -12.35 -1.85 -1.91
CA ILE A 73 -11.00 -1.84 -2.48
C ILE A 73 -10.16 -2.99 -1.93
N ASN A 74 -9.36 -3.59 -2.79
CA ASN A 74 -8.49 -4.70 -2.39
C ASN A 74 -7.04 -4.25 -2.30
N VAL A 75 -6.56 -4.09 -1.07
CA VAL A 75 -5.18 -3.66 -0.84
C VAL A 75 -4.30 -4.84 -0.48
N GLU A 76 -3.06 -4.82 -0.96
CA GLU A 76 -2.11 -5.89 -0.69
C GLU A 76 -0.68 -5.45 -1.00
N LEU A 77 0.26 -5.88 -0.16
CA LEU A 77 1.66 -5.53 -0.35
C LEU A 77 2.17 -5.98 -1.72
N SER A 78 2.83 -5.07 -2.43
CA SER A 78 3.36 -5.37 -3.75
C SER A 78 4.67 -6.16 -3.64
N THR A 79 5.59 -5.65 -2.83
CA THR A 79 6.88 -6.30 -2.65
C THR A 79 6.99 -6.91 -1.25
N LYS A 80 6.95 -8.24 -1.19
CA LYS A 80 7.05 -8.94 0.09
C LYS A 80 8.41 -9.60 0.24
N GLY A 81 8.81 -9.86 1.48
CA GLY A 81 10.09 -10.49 1.74
C GLY A 81 10.49 -10.40 3.20
N GLN A 82 9.96 -11.30 4.01
CA GLN A 82 10.27 -11.33 5.43
C GLN A 82 10.25 -12.76 5.97
N LYS A 83 11.42 -13.24 6.37
CA LYS A 83 11.55 -14.59 6.91
C LYS A 83 12.21 -14.58 8.28
N LYS A 84 11.39 -14.70 9.33
CA LYS A 84 11.89 -14.69 10.69
C LYS A 84 11.00 -15.55 11.60
N SER A 85 11.64 -16.30 12.49
CA SER A 85 10.90 -17.17 13.41
C SER A 85 11.20 -16.79 14.87
N GLY A 86 10.17 -16.37 15.58
CA GLY A 86 10.33 -15.99 16.98
C GLY A 86 9.20 -16.49 17.85
N PRO A 87 9.29 -17.75 18.29
CA PRO A 87 8.27 -18.36 19.15
C PRO A 87 8.26 -17.76 20.56
N SER A 88 9.44 -17.46 21.07
CA SER A 88 9.57 -16.90 22.41
C SER A 88 8.87 -15.54 22.49
N SER A 89 7.66 -15.54 23.03
CA SER A 89 6.88 -14.30 23.16
C SER A 89 7.67 -13.24 23.92
N GLY A 90 7.90 -12.10 23.27
CA GLY A 90 8.64 -11.03 23.90
C GLY A 90 7.83 -9.74 24.00
N GLY A 1 19.23 -6.65 -5.34
CA GLY A 1 20.15 -6.28 -4.28
C GLY A 1 19.51 -5.42 -3.21
N SER A 2 20.31 -4.96 -2.26
CA SER A 2 19.80 -4.13 -1.18
C SER A 2 20.59 -2.82 -1.08
N SER A 3 19.93 -1.76 -0.63
CA SER A 3 20.57 -0.46 -0.50
C SER A 3 20.26 0.15 0.87
N GLY A 4 18.98 0.13 1.24
CA GLY A 4 18.57 0.69 2.51
C GLY A 4 17.30 1.51 2.41
N SER A 5 17.27 2.64 3.12
CA SER A 5 16.10 3.51 3.10
C SER A 5 16.43 4.86 2.45
N SER A 6 17.18 4.80 1.35
CA SER A 6 17.58 6.01 0.64
C SER A 6 17.01 6.01 -0.77
N GLY A 7 15.77 6.49 -0.91
CA GLY A 7 15.13 6.55 -2.21
C GLY A 7 14.18 5.39 -2.43
N ASN A 8 14.59 4.20 -1.99
CA ASN A 8 13.77 3.01 -2.15
C ASN A 8 12.54 3.06 -1.24
N THR A 9 11.37 3.16 -1.86
CA THR A 9 10.12 3.23 -1.11
C THR A 9 9.28 1.97 -1.32
N TRP A 10 8.40 1.68 -0.37
CA TRP A 10 7.54 0.51 -0.46
C TRP A 10 6.56 0.64 -1.62
N LYS A 11 5.74 -0.39 -1.82
CA LYS A 11 4.75 -0.38 -2.89
C LYS A 11 3.54 -1.22 -2.52
N ILE A 12 2.37 -0.59 -2.51
CA ILE A 12 1.13 -1.28 -2.17
C ILE A 12 0.15 -1.27 -3.34
N PHE A 13 -0.24 -2.45 -3.79
CA PHE A 13 -1.17 -2.58 -4.90
C PHE A 13 -2.62 -2.52 -4.41
N VAL A 14 -3.37 -1.55 -4.95
CA VAL A 14 -4.76 -1.38 -4.56
C VAL A 14 -5.69 -1.62 -5.75
N GLY A 15 -6.47 -2.69 -5.67
CA GLY A 15 -7.39 -3.02 -6.75
C GLY A 15 -8.83 -2.72 -6.39
N ASN A 16 -9.73 -2.91 -7.35
CA ASN A 16 -11.15 -2.65 -7.14
C ASN A 16 -11.39 -1.20 -6.74
N VAL A 17 -10.66 -0.28 -7.39
CA VAL A 17 -10.78 1.14 -7.11
C VAL A 17 -11.96 1.74 -7.87
N SER A 18 -13.01 2.11 -7.13
CA SER A 18 -14.20 2.70 -7.73
C SER A 18 -13.82 3.62 -8.90
N ALA A 19 -14.42 3.37 -10.06
CA ALA A 19 -14.15 4.17 -11.24
C ALA A 19 -14.23 5.66 -10.92
N ALA A 20 -15.13 6.02 -10.03
CA ALA A 20 -15.31 7.41 -9.63
C ALA A 20 -14.48 7.74 -8.40
N CYS A 21 -13.32 7.11 -8.28
CA CYS A 21 -12.43 7.34 -7.14
C CYS A 21 -11.26 8.23 -7.54
N THR A 22 -10.91 9.15 -6.65
CA THR A 22 -9.80 10.07 -6.92
C THR A 22 -8.54 9.62 -6.21
N SER A 23 -7.38 9.95 -6.79
CA SER A 23 -6.10 9.58 -6.21
C SER A 23 -5.93 10.18 -4.81
N GLN A 24 -6.51 11.37 -4.62
CA GLN A 24 -6.42 12.05 -3.33
C GLN A 24 -7.03 11.20 -2.23
N GLU A 25 -8.09 10.46 -2.57
CA GLU A 25 -8.76 9.61 -1.60
C GLU A 25 -7.82 8.54 -1.07
N LEU A 26 -7.26 7.75 -1.97
CA LEU A 26 -6.34 6.68 -1.59
C LEU A 26 -5.13 7.25 -0.84
N ARG A 27 -4.47 8.23 -1.44
CA ARG A 27 -3.30 8.85 -0.83
C ARG A 27 -3.57 9.17 0.64
N SER A 28 -4.67 9.86 0.91
CA SER A 28 -5.04 10.23 2.27
C SER A 28 -5.09 9.00 3.17
N LEU A 29 -5.83 7.98 2.73
CA LEU A 29 -5.97 6.75 3.50
C LEU A 29 -4.62 6.28 4.02
N PHE A 30 -3.70 5.99 3.11
CA PHE A 30 -2.37 5.53 3.48
C PHE A 30 -1.65 6.57 4.34
N GLU A 31 -1.77 7.84 3.94
CA GLU A 31 -1.13 8.93 4.66
C GLU A 31 -1.49 8.86 6.15
N ARG A 32 -2.74 8.55 6.44
CA ARG A 32 -3.21 8.46 7.81
C ARG A 32 -2.66 7.22 8.50
N ARG A 33 -2.59 6.12 7.76
CA ARG A 33 -2.08 4.87 8.29
C ARG A 33 -0.56 4.78 8.14
N GLY A 34 0.06 5.92 7.85
CA GLY A 34 1.50 5.96 7.68
C GLY A 34 1.94 6.97 6.65
N ARG A 35 3.23 7.28 6.64
CA ARG A 35 3.78 8.25 5.69
C ARG A 35 3.64 7.75 4.26
N VAL A 36 3.35 8.67 3.34
CA VAL A 36 3.19 8.33 1.94
C VAL A 36 4.02 9.24 1.04
N ILE A 37 5.11 8.69 0.51
CA ILE A 37 6.00 9.45 -0.36
C ILE A 37 5.41 9.60 -1.76
N GLU A 38 5.23 8.46 -2.44
CA GLU A 38 4.66 8.47 -3.78
C GLU A 38 3.31 7.76 -3.82
N CYS A 39 2.35 8.35 -4.51
CA CYS A 39 1.02 7.77 -4.61
C CYS A 39 0.47 7.93 -6.03
N ASP A 40 0.38 6.82 -6.76
CA ASP A 40 -0.13 6.84 -8.12
C ASP A 40 -1.34 5.93 -8.26
N VAL A 41 -2.25 6.30 -9.16
CA VAL A 41 -3.46 5.51 -9.38
C VAL A 41 -3.53 5.03 -10.83
N VAL A 42 -3.79 3.74 -11.00
CA VAL A 42 -3.89 3.15 -12.33
C VAL A 42 -5.34 2.97 -12.75
N LYS A 43 -5.55 2.65 -14.02
CA LYS A 43 -6.89 2.45 -14.54
C LYS A 43 -7.84 1.93 -13.46
N ASP A 44 -7.70 0.65 -13.13
CA ASP A 44 -8.53 0.03 -12.11
C ASP A 44 -7.76 -0.13 -10.80
N TYR A 45 -6.51 -0.53 -10.91
CA TYR A 45 -5.66 -0.72 -9.73
C TYR A 45 -4.88 0.56 -9.42
N ALA A 46 -4.09 0.50 -8.34
CA ALA A 46 -3.29 1.65 -7.94
C ALA A 46 -2.02 1.20 -7.21
N PHE A 47 -1.06 2.11 -7.08
CA PHE A 47 0.20 1.81 -6.41
C PHE A 47 0.58 2.92 -5.44
N VAL A 48 0.60 2.59 -4.15
CA VAL A 48 0.95 3.58 -3.12
C VAL A 48 2.24 3.19 -2.42
N HIS A 49 3.27 4.02 -2.57
CA HIS A 49 4.57 3.76 -1.95
C HIS A 49 4.64 4.42 -0.57
N MET A 50 5.17 3.69 0.40
CA MET A 50 5.30 4.20 1.75
C MET A 50 6.74 4.08 2.24
N GLU A 51 7.08 4.86 3.27
CA GLU A 51 8.42 4.84 3.83
C GLU A 51 8.52 3.86 4.98
N LYS A 52 7.66 4.02 5.97
CA LYS A 52 7.64 3.14 7.13
C LYS A 52 7.01 1.79 6.79
N GLU A 53 7.76 0.72 7.00
CA GLU A 53 7.27 -0.62 6.71
C GLU A 53 6.12 -0.99 7.64
N ALA A 54 6.38 -0.98 8.94
CA ALA A 54 5.36 -1.32 9.92
C ALA A 54 4.01 -0.71 9.55
N ASP A 55 4.02 0.58 9.24
CA ASP A 55 2.81 1.28 8.86
C ASP A 55 2.22 0.71 7.57
N ALA A 56 3.10 0.40 6.61
CA ALA A 56 2.67 -0.16 5.34
C ALA A 56 1.74 -1.34 5.54
N LYS A 57 2.24 -2.38 6.20
CA LYS A 57 1.44 -3.57 6.46
C LYS A 57 0.16 -3.23 7.20
N ALA A 58 0.29 -2.50 8.31
CA ALA A 58 -0.85 -2.11 9.11
C ALA A 58 -1.97 -1.57 8.22
N ALA A 59 -1.63 -0.63 7.35
CA ALA A 59 -2.61 -0.05 6.44
C ALA A 59 -3.31 -1.12 5.60
N ILE A 60 -2.52 -1.99 4.98
CA ILE A 60 -3.06 -3.06 4.16
C ILE A 60 -4.10 -3.87 4.92
N ALA A 61 -3.91 -3.97 6.23
CA ALA A 61 -4.84 -4.72 7.08
C ALA A 61 -6.13 -3.93 7.31
N GLN A 62 -5.99 -2.66 7.62
CA GLN A 62 -7.14 -1.80 7.86
C GLN A 62 -7.72 -1.27 6.54
N LEU A 63 -7.06 -1.61 5.45
CA LEU A 63 -7.49 -1.17 4.12
C LEU A 63 -8.07 -2.33 3.33
N ASN A 64 -7.34 -3.44 3.29
CA ASN A 64 -7.79 -4.62 2.56
C ASN A 64 -9.25 -4.94 2.88
N GLY A 65 -10.16 -4.45 2.04
CA GLY A 65 -11.57 -4.70 2.26
C GLY A 65 -12.34 -3.42 2.54
N LYS A 66 -11.70 -2.47 3.20
CA LYS A 66 -12.33 -1.20 3.54
C LYS A 66 -13.23 -0.74 2.41
N GLU A 67 -14.49 -0.46 2.72
CA GLU A 67 -15.46 0.01 1.74
C GLU A 67 -15.18 1.45 1.34
N VAL A 68 -14.96 1.67 0.03
CA VAL A 68 -14.69 3.01 -0.47
C VAL A 68 -15.54 3.31 -1.69
N LYS A 69 -16.35 4.37 -1.60
CA LYS A 69 -17.21 4.77 -2.69
C LYS A 69 -18.18 3.66 -3.06
N GLY A 70 -18.62 2.91 -2.05
CA GLY A 70 -19.55 1.82 -2.28
C GLY A 70 -18.86 0.55 -2.71
N LYS A 71 -17.70 0.69 -3.34
CA LYS A 71 -16.93 -0.46 -3.81
C LYS A 71 -15.79 -0.77 -2.85
N ARG A 72 -15.68 -2.03 -2.45
CA ARG A 72 -14.63 -2.46 -1.54
C ARG A 72 -13.30 -2.59 -2.27
N ILE A 73 -12.31 -1.82 -1.83
CA ILE A 73 -10.98 -1.85 -2.44
C ILE A 73 -10.16 -2.99 -1.89
N ASN A 74 -9.38 -3.63 -2.76
CA ASN A 74 -8.53 -4.75 -2.37
C ASN A 74 -7.07 -4.33 -2.30
N VAL A 75 -6.56 -4.16 -1.08
CA VAL A 75 -5.18 -3.75 -0.88
C VAL A 75 -4.30 -4.95 -0.52
N GLU A 76 -3.08 -4.97 -1.04
CA GLU A 76 -2.15 -6.05 -0.77
C GLU A 76 -0.71 -5.63 -1.06
N LEU A 77 0.21 -6.05 -0.19
CA LEU A 77 1.61 -5.71 -0.36
C LEU A 77 2.13 -6.16 -1.73
N SER A 78 2.57 -5.20 -2.53
CA SER A 78 3.08 -5.49 -3.86
C SER A 78 4.26 -6.47 -3.79
N THR A 79 5.27 -6.10 -3.00
CA THR A 79 6.45 -6.93 -2.86
C THR A 79 6.19 -8.09 -1.90
N LYS A 80 5.76 -9.22 -2.44
CA LYS A 80 5.47 -10.40 -1.64
C LYS A 80 6.67 -10.76 -0.75
N GLY A 81 6.38 -11.38 0.39
CA GLY A 81 7.43 -11.76 1.32
C GLY A 81 7.23 -13.15 1.88
N GLN A 82 8.02 -13.50 2.89
CA GLN A 82 7.93 -14.81 3.51
C GLN A 82 7.47 -14.69 4.96
N LYS A 83 6.94 -15.78 5.50
CA LYS A 83 6.47 -15.80 6.89
C LYS A 83 7.40 -16.60 7.77
N LYS A 84 8.03 -15.92 8.73
CA LYS A 84 8.96 -16.58 9.64
C LYS A 84 9.24 -15.68 10.85
N SER A 85 8.92 -16.19 12.04
CA SER A 85 9.14 -15.44 13.27
C SER A 85 8.82 -16.30 14.49
N GLY A 86 9.79 -16.42 15.40
CA GLY A 86 9.60 -17.21 16.59
C GLY A 86 9.52 -16.36 17.85
N PRO A 87 8.31 -15.84 18.14
CA PRO A 87 8.08 -15.00 19.31
C PRO A 87 8.17 -15.78 20.61
N SER A 88 9.33 -15.75 21.24
CA SER A 88 9.55 -16.47 22.50
C SER A 88 10.16 -15.54 23.55
N SER A 89 9.31 -14.75 24.20
CA SER A 89 9.76 -13.82 25.22
C SER A 89 8.62 -13.46 26.17
N GLY A 90 8.90 -13.52 27.48
CA GLY A 90 7.89 -13.19 28.46
C GLY A 90 8.48 -12.60 29.72
N GLY A 1 17.46 -10.43 -7.16
CA GLY A 1 18.00 -9.09 -7.33
C GLY A 1 16.95 -8.09 -7.75
N SER A 2 17.34 -7.16 -8.62
CA SER A 2 16.42 -6.13 -9.10
C SER A 2 15.96 -6.44 -10.52
N SER A 3 14.64 -6.63 -10.66
CA SER A 3 14.07 -6.95 -11.96
C SER A 3 14.54 -5.97 -13.02
N GLY A 4 14.37 -4.67 -12.75
CA GLY A 4 14.79 -3.65 -13.68
C GLY A 4 15.14 -2.34 -13.00
N SER A 5 14.25 -1.89 -12.11
CA SER A 5 14.47 -0.63 -11.40
C SER A 5 14.63 -0.89 -9.90
N SER A 6 15.54 -0.16 -9.27
CA SER A 6 15.80 -0.32 -7.84
C SER A 6 14.72 0.40 -7.03
N GLY A 7 13.77 -0.38 -6.50
CA GLY A 7 12.70 0.20 -5.71
C GLY A 7 13.10 0.41 -4.26
N ASN A 8 13.23 1.68 -3.87
CA ASN A 8 13.62 2.02 -2.51
C ASN A 8 12.40 2.06 -1.59
N THR A 9 11.42 2.88 -1.95
CA THR A 9 10.21 3.01 -1.16
C THR A 9 9.30 1.80 -1.34
N TRP A 10 8.49 1.52 -0.33
CA TRP A 10 7.58 0.38 -0.37
C TRP A 10 6.59 0.53 -1.53
N LYS A 11 5.80 -0.52 -1.75
CA LYS A 11 4.80 -0.51 -2.83
C LYS A 11 3.58 -1.34 -2.45
N ILE A 12 2.42 -0.70 -2.43
CA ILE A 12 1.18 -1.37 -2.09
C ILE A 12 0.19 -1.32 -3.25
N PHE A 13 -0.17 -2.49 -3.76
CA PHE A 13 -1.11 -2.59 -4.88
C PHE A 13 -2.55 -2.55 -4.37
N VAL A 14 -3.35 -1.65 -4.94
CA VAL A 14 -4.75 -1.52 -4.55
C VAL A 14 -5.67 -1.69 -5.74
N GLY A 15 -6.41 -2.79 -5.77
CA GLY A 15 -7.32 -3.06 -6.87
C GLY A 15 -8.76 -2.78 -6.49
N ASN A 16 -9.67 -3.06 -7.41
CA ASN A 16 -11.10 -2.83 -7.19
C ASN A 16 -11.37 -1.37 -6.82
N VAL A 17 -10.69 -0.46 -7.51
CA VAL A 17 -10.85 0.97 -7.25
C VAL A 17 -12.09 1.51 -7.95
N SER A 18 -12.97 2.15 -7.18
CA SER A 18 -14.19 2.71 -7.72
C SER A 18 -13.89 3.71 -8.83
N ALA A 19 -14.78 3.79 -9.81
CA ALA A 19 -14.61 4.70 -10.94
C ALA A 19 -14.61 6.15 -10.47
N ALA A 20 -15.43 6.45 -9.48
CA ALA A 20 -15.51 7.81 -8.93
C ALA A 20 -14.52 8.00 -7.80
N CYS A 21 -13.37 7.34 -7.89
CA CYS A 21 -12.35 7.44 -6.86
C CYS A 21 -11.18 8.30 -7.34
N THR A 22 -10.79 9.27 -6.53
CA THR A 22 -9.70 10.17 -6.89
C THR A 22 -8.43 9.81 -6.12
N SER A 23 -7.28 10.04 -6.74
CA SER A 23 -6.00 9.73 -6.12
C SER A 23 -5.97 10.21 -4.67
N GLN A 24 -6.14 11.52 -4.47
CA GLN A 24 -6.12 12.10 -3.14
C GLN A 24 -6.79 11.17 -2.14
N GLU A 25 -7.88 10.54 -2.56
CA GLU A 25 -8.62 9.63 -1.69
C GLU A 25 -7.69 8.54 -1.14
N LEU A 26 -7.13 7.74 -2.03
CA LEU A 26 -6.22 6.67 -1.64
C LEU A 26 -5.02 7.22 -0.87
N ARG A 27 -4.39 8.25 -1.42
CA ARG A 27 -3.24 8.87 -0.79
C ARG A 27 -3.53 9.19 0.68
N SER A 28 -4.60 9.93 0.91
CA SER A 28 -4.99 10.31 2.26
C SER A 28 -5.06 9.08 3.17
N LEU A 29 -5.78 8.06 2.72
CA LEU A 29 -5.93 6.83 3.49
C LEU A 29 -4.58 6.36 4.03
N PHE A 30 -3.66 6.04 3.12
CA PHE A 30 -2.33 5.57 3.51
C PHE A 30 -1.62 6.61 4.37
N GLU A 31 -1.70 7.87 3.95
CA GLU A 31 -1.06 8.96 4.68
C GLU A 31 -1.44 8.91 6.17
N ARG A 32 -2.70 8.61 6.43
CA ARG A 32 -3.21 8.52 7.80
C ARG A 32 -2.67 7.28 8.50
N ARG A 33 -2.58 6.18 7.76
CA ARG A 33 -2.08 4.93 8.31
C ARG A 33 -0.57 4.82 8.15
N GLY A 34 0.08 5.95 7.87
CA GLY A 34 1.52 5.95 7.69
C GLY A 34 1.98 7.00 6.69
N ARG A 35 3.29 7.15 6.55
CA ARG A 35 3.85 8.12 5.63
C ARG A 35 3.74 7.64 4.18
N VAL A 36 3.41 8.55 3.28
CA VAL A 36 3.27 8.21 1.86
C VAL A 36 4.13 9.13 0.99
N ILE A 37 5.19 8.57 0.42
CA ILE A 37 6.08 9.34 -0.44
C ILE A 37 5.52 9.45 -1.85
N GLU A 38 5.26 8.31 -2.47
CA GLU A 38 4.72 8.27 -3.83
C GLU A 38 3.35 7.61 -3.85
N CYS A 39 2.42 8.20 -4.60
CA CYS A 39 1.07 7.66 -4.70
C CYS A 39 0.51 7.89 -6.11
N ASP A 40 0.28 6.80 -6.83
CA ASP A 40 -0.25 6.87 -8.19
C ASP A 40 -1.45 5.94 -8.35
N VAL A 41 -2.40 6.36 -9.17
CA VAL A 41 -3.60 5.57 -9.43
C VAL A 41 -3.64 5.05 -10.86
N VAL A 42 -3.87 3.76 -11.01
CA VAL A 42 -3.93 3.14 -12.33
C VAL A 42 -5.38 2.94 -12.78
N LYS A 43 -5.55 2.57 -14.04
CA LYS A 43 -6.89 2.35 -14.60
C LYS A 43 -7.84 1.82 -13.52
N ASP A 44 -7.68 0.54 -13.19
CA ASP A 44 -8.53 -0.09 -12.18
C ASP A 44 -7.78 -0.21 -10.86
N TYR A 45 -6.51 -0.60 -10.93
CA TYR A 45 -5.69 -0.78 -9.74
C TYR A 45 -4.94 0.51 -9.41
N ALA A 46 -4.14 0.47 -8.36
CA ALA A 46 -3.37 1.63 -7.93
C ALA A 46 -2.11 1.21 -7.18
N PHE A 47 -1.14 2.11 -7.11
CA PHE A 47 0.12 1.83 -6.42
C PHE A 47 0.44 2.93 -5.42
N VAL A 48 0.67 2.54 -4.16
CA VAL A 48 0.99 3.49 -3.11
C VAL A 48 2.28 3.11 -2.40
N HIS A 49 3.30 3.97 -2.52
CA HIS A 49 4.59 3.72 -1.89
C HIS A 49 4.67 4.40 -0.53
N MET A 50 5.12 3.67 0.47
CA MET A 50 5.25 4.20 1.83
C MET A 50 6.68 4.04 2.35
N GLU A 51 7.05 4.87 3.30
CA GLU A 51 8.39 4.83 3.89
C GLU A 51 8.45 3.81 5.02
N LYS A 52 7.68 4.06 6.08
CA LYS A 52 7.65 3.16 7.23
C LYS A 52 7.00 1.83 6.86
N GLU A 53 7.75 0.75 7.06
CA GLU A 53 7.24 -0.58 6.75
C GLU A 53 6.07 -0.94 7.66
N ALA A 54 6.32 -0.95 8.97
CA ALA A 54 5.27 -1.28 9.94
C ALA A 54 3.95 -0.64 9.55
N ASP A 55 3.99 0.65 9.24
CA ASP A 55 2.78 1.38 8.85
C ASP A 55 2.20 0.81 7.55
N ALA A 56 3.07 0.48 6.61
CA ALA A 56 2.65 -0.06 5.34
C ALA A 56 1.70 -1.25 5.53
N LYS A 57 2.18 -2.28 6.21
CA LYS A 57 1.38 -3.47 6.47
C LYS A 57 0.10 -3.11 7.23
N ALA A 58 0.25 -2.34 8.29
CA ALA A 58 -0.90 -1.91 9.09
C ALA A 58 -2.03 -1.40 8.22
N ALA A 59 -1.69 -0.51 7.29
CA ALA A 59 -2.67 0.07 6.38
C ALA A 59 -3.37 -1.02 5.57
N ILE A 60 -2.58 -1.88 4.94
CA ILE A 60 -3.11 -2.97 4.13
C ILE A 60 -4.14 -3.77 4.91
N ALA A 61 -3.96 -3.86 6.22
CA ALA A 61 -4.87 -4.60 7.07
C ALA A 61 -6.17 -3.83 7.29
N GLN A 62 -6.04 -2.53 7.59
CA GLN A 62 -7.20 -1.69 7.83
C GLN A 62 -7.77 -1.17 6.51
N LEU A 63 -7.11 -1.51 5.41
CA LEU A 63 -7.55 -1.09 4.09
C LEU A 63 -8.11 -2.26 3.29
N ASN A 64 -7.36 -3.36 3.26
CA ASN A 64 -7.80 -4.55 2.54
C ASN A 64 -9.25 -4.89 2.85
N GLY A 65 -10.16 -4.38 2.01
CA GLY A 65 -11.57 -4.63 2.22
C GLY A 65 -12.36 -3.35 2.46
N LYS A 66 -11.74 -2.40 3.15
CA LYS A 66 -12.39 -1.13 3.45
C LYS A 66 -13.31 -0.71 2.31
N GLU A 67 -14.58 -0.50 2.63
CA GLU A 67 -15.57 -0.09 1.62
C GLU A 67 -15.32 1.34 1.17
N VAL A 68 -15.00 1.49 -0.12
CA VAL A 68 -14.74 2.81 -0.69
C VAL A 68 -15.62 3.07 -1.89
N LYS A 69 -16.46 4.11 -1.80
CA LYS A 69 -17.35 4.47 -2.89
C LYS A 69 -18.26 3.30 -3.27
N GLY A 70 -18.67 2.52 -2.26
CA GLY A 70 -19.53 1.39 -2.50
C GLY A 70 -18.76 0.15 -2.91
N LYS A 71 -17.57 0.35 -3.48
CA LYS A 71 -16.73 -0.75 -3.92
C LYS A 71 -15.63 -1.03 -2.91
N ARG A 72 -15.56 -2.28 -2.44
CA ARG A 72 -14.54 -2.67 -1.46
C ARG A 72 -13.18 -2.82 -2.13
N ILE A 73 -12.34 -1.82 -1.96
CA ILE A 73 -11.00 -1.84 -2.55
C ILE A 73 -10.17 -2.99 -1.99
N ASN A 74 -9.33 -3.58 -2.83
CA ASN A 74 -8.49 -4.69 -2.42
C ASN A 74 -7.03 -4.26 -2.34
N VAL A 75 -6.53 -4.09 -1.12
CA VAL A 75 -5.15 -3.69 -0.90
C VAL A 75 -4.28 -4.88 -0.50
N GLU A 76 -3.05 -4.89 -0.99
CA GLU A 76 -2.12 -5.97 -0.68
C GLU A 76 -0.68 -5.55 -0.99
N LEU A 77 0.25 -6.04 -0.17
CA LEU A 77 1.66 -5.72 -0.35
C LEU A 77 2.16 -6.18 -1.72
N SER A 78 2.78 -5.26 -2.46
CA SER A 78 3.30 -5.58 -3.78
C SER A 78 4.58 -6.41 -3.68
N THR A 79 5.52 -5.95 -2.87
CA THR A 79 6.78 -6.64 -2.68
C THR A 79 6.79 -7.43 -1.38
N LYS A 80 6.69 -8.76 -1.50
CA LYS A 80 6.68 -9.64 -0.33
C LYS A 80 8.05 -10.28 -0.12
N GLY A 81 8.94 -9.56 0.55
CA GLY A 81 10.27 -10.07 0.80
C GLY A 81 10.29 -11.10 1.91
N GLN A 82 10.29 -10.65 3.16
CA GLN A 82 10.32 -11.55 4.30
C GLN A 82 8.96 -11.58 4.99
N LYS A 83 8.59 -12.76 5.49
CA LYS A 83 7.31 -12.93 6.17
C LYS A 83 7.51 -13.04 7.67
N LYS A 84 6.51 -12.61 8.44
CA LYS A 84 6.57 -12.66 9.89
C LYS A 84 5.42 -13.50 10.45
N SER A 85 5.68 -14.16 11.58
CA SER A 85 4.67 -14.99 12.22
C SER A 85 3.87 -14.19 13.25
N GLY A 86 2.56 -14.10 13.03
CA GLY A 86 1.71 -13.36 13.95
C GLY A 86 0.64 -14.23 14.57
N PRO A 87 -0.46 -13.60 15.02
CA PRO A 87 -1.58 -14.30 15.65
C PRO A 87 -2.37 -15.14 14.65
N SER A 88 -3.27 -15.97 15.16
CA SER A 88 -4.08 -16.83 14.31
C SER A 88 -4.87 -16.01 13.30
N SER A 89 -4.80 -16.41 12.04
CA SER A 89 -5.51 -15.70 10.97
C SER A 89 -6.99 -16.08 10.97
N GLY A 90 -7.27 -17.37 11.02
CA GLY A 90 -8.64 -17.84 11.02
C GLY A 90 -8.85 -19.04 10.13
N GLY A 1 7.44 -6.77 -11.19
CA GLY A 1 8.64 -7.60 -11.17
C GLY A 1 9.82 -6.87 -10.54
N SER A 2 10.28 -7.39 -9.41
CA SER A 2 11.42 -6.78 -8.70
C SER A 2 12.74 -7.30 -9.25
N SER A 3 13.58 -6.38 -9.71
CA SER A 3 14.87 -6.74 -10.27
C SER A 3 16.01 -6.10 -9.46
N GLY A 4 17.20 -6.69 -9.56
CA GLY A 4 18.34 -6.16 -8.84
C GLY A 4 18.00 -5.77 -7.41
N SER A 5 18.65 -4.72 -6.92
CA SER A 5 18.41 -4.25 -5.56
C SER A 5 17.77 -2.87 -5.56
N SER A 6 16.45 -2.84 -5.43
CA SER A 6 15.71 -1.58 -5.44
C SER A 6 14.78 -1.49 -4.23
N GLY A 7 15.28 -0.87 -3.16
CA GLY A 7 14.48 -0.73 -1.94
C GLY A 7 14.37 0.72 -1.50
N ASN A 8 14.06 1.61 -2.42
CA ASN A 8 13.93 3.03 -2.11
C ASN A 8 12.65 3.29 -1.33
N THR A 9 11.52 2.84 -1.88
CA THR A 9 10.24 3.03 -1.23
C THR A 9 9.35 1.80 -1.39
N TRP A 10 8.45 1.59 -0.44
CA TRP A 10 7.54 0.45 -0.48
C TRP A 10 6.54 0.59 -1.63
N LYS A 11 5.71 -0.44 -1.81
CA LYS A 11 4.71 -0.42 -2.86
C LYS A 11 3.48 -1.23 -2.45
N ILE A 12 2.32 -0.59 -2.49
CA ILE A 12 1.07 -1.25 -2.12
C ILE A 12 0.08 -1.23 -3.28
N PHE A 13 -0.25 -2.42 -3.79
CA PHE A 13 -1.19 -2.53 -4.90
C PHE A 13 -2.64 -2.50 -4.40
N VAL A 14 -3.42 -1.59 -4.95
CA VAL A 14 -4.83 -1.46 -4.56
C VAL A 14 -5.75 -1.66 -5.76
N GLY A 15 -6.47 -2.78 -5.76
CA GLY A 15 -7.38 -3.08 -6.85
C GLY A 15 -8.82 -2.74 -6.50
N ASN A 16 -9.72 -2.97 -7.45
CA ASN A 16 -11.14 -2.67 -7.25
C ASN A 16 -11.35 -1.20 -6.90
N VAL A 17 -10.58 -0.33 -7.56
CA VAL A 17 -10.69 1.10 -7.32
C VAL A 17 -11.88 1.69 -8.06
N SER A 18 -12.92 2.06 -7.30
CA SER A 18 -14.12 2.63 -7.88
C SER A 18 -13.78 3.60 -9.00
N ALA A 19 -14.54 3.52 -10.09
CA ALA A 19 -14.31 4.38 -11.24
C ALA A 19 -14.31 5.85 -10.83
N ALA A 20 -15.16 6.19 -9.87
CA ALA A 20 -15.27 7.56 -9.37
C ALA A 20 -14.35 7.79 -8.18
N CYS A 21 -13.20 7.13 -8.19
CA CYS A 21 -12.24 7.26 -7.09
C CYS A 21 -11.06 8.12 -7.51
N THR A 22 -10.70 9.09 -6.67
CA THR A 22 -9.59 9.98 -6.95
C THR A 22 -8.33 9.56 -6.19
N SER A 23 -7.17 9.77 -6.80
CA SER A 23 -5.90 9.41 -6.18
C SER A 23 -5.81 9.99 -4.77
N GLN A 24 -6.02 11.29 -4.66
CA GLN A 24 -5.95 11.98 -3.37
C GLN A 24 -6.62 11.15 -2.29
N GLU A 25 -7.74 10.53 -2.64
CA GLU A 25 -8.48 9.70 -1.69
C GLU A 25 -7.59 8.60 -1.10
N LEU A 26 -7.13 7.70 -1.96
CA LEU A 26 -6.27 6.61 -1.54
C LEU A 26 -5.06 7.13 -0.78
N ARG A 27 -4.45 8.19 -1.31
CA ARG A 27 -3.27 8.78 -0.70
C ARG A 27 -3.56 9.16 0.76
N SER A 28 -4.66 9.87 0.97
CA SER A 28 -5.04 10.30 2.31
C SER A 28 -5.13 9.11 3.25
N LEU A 29 -5.79 8.05 2.81
CA LEU A 29 -5.95 6.84 3.61
C LEU A 29 -4.60 6.37 4.15
N PHE A 30 -3.69 6.04 3.22
CA PHE A 30 -2.36 5.58 3.61
C PHE A 30 -1.64 6.61 4.46
N GLU A 31 -1.83 7.88 4.12
CA GLU A 31 -1.20 8.98 4.86
C GLU A 31 -1.52 8.88 6.35
N ARG A 32 -2.76 8.55 6.67
CA ARG A 32 -3.19 8.43 8.06
C ARG A 32 -2.62 7.17 8.70
N ARG A 33 -2.59 6.09 7.93
CA ARG A 33 -2.07 4.82 8.42
C ARG A 33 -0.55 4.75 8.23
N GLY A 34 0.06 5.89 7.94
CA GLY A 34 1.49 5.93 7.74
C GLY A 34 1.91 6.98 6.73
N ARG A 35 3.20 7.28 6.67
CA ARG A 35 3.72 8.27 5.75
C ARG A 35 3.58 7.80 4.30
N VAL A 36 3.28 8.73 3.41
CA VAL A 36 3.12 8.41 1.99
C VAL A 36 3.99 9.32 1.12
N ILE A 37 5.02 8.74 0.53
CA ILE A 37 5.92 9.49 -0.34
C ILE A 37 5.35 9.65 -1.74
N GLU A 38 5.04 8.52 -2.37
CA GLU A 38 4.48 8.53 -3.72
C GLU A 38 3.14 7.80 -3.76
N CYS A 39 2.18 8.39 -4.44
CA CYS A 39 0.84 7.80 -4.56
C CYS A 39 0.26 8.04 -5.95
N ASP A 40 -0.01 6.95 -6.66
CA ASP A 40 -0.57 7.03 -8.00
C ASP A 40 -1.63 5.95 -8.22
N VAL A 41 -2.71 6.32 -8.90
CA VAL A 41 -3.80 5.40 -9.17
C VAL A 41 -3.81 4.98 -10.64
N VAL A 42 -4.01 3.69 -10.87
CA VAL A 42 -4.04 3.16 -12.24
C VAL A 42 -5.47 2.91 -12.69
N LYS A 43 -5.64 2.61 -13.98
CA LYS A 43 -6.96 2.35 -14.54
C LYS A 43 -7.88 1.73 -13.49
N ASP A 44 -7.67 0.45 -13.21
CA ASP A 44 -8.48 -0.25 -12.22
C ASP A 44 -7.73 -0.42 -10.90
N TYR A 45 -6.45 -0.75 -11.00
CA TYR A 45 -5.61 -0.94 -9.82
C TYR A 45 -4.92 0.37 -9.43
N ALA A 46 -4.19 0.34 -8.33
CA ALA A 46 -3.47 1.51 -7.84
C ALA A 46 -2.14 1.12 -7.22
N PHE A 47 -1.25 2.10 -7.06
CA PHE A 47 0.06 1.86 -6.48
C PHE A 47 0.41 2.94 -5.46
N VAL A 48 0.61 2.53 -4.21
CA VAL A 48 0.94 3.46 -3.14
C VAL A 48 2.27 3.10 -2.49
N HIS A 49 3.22 4.02 -2.58
CA HIS A 49 4.55 3.80 -2.00
C HIS A 49 4.66 4.45 -0.63
N MET A 50 5.13 3.69 0.35
CA MET A 50 5.29 4.20 1.71
C MET A 50 6.73 4.07 2.18
N GLU A 51 7.10 4.86 3.18
CA GLU A 51 8.46 4.82 3.72
C GLU A 51 8.56 3.85 4.88
N LYS A 52 7.66 4.00 5.85
CA LYS A 52 7.65 3.13 7.02
C LYS A 52 7.03 1.78 6.68
N GLU A 53 7.79 0.71 6.90
CA GLU A 53 7.32 -0.64 6.62
C GLU A 53 6.16 -1.02 7.55
N ALA A 54 6.44 -1.00 8.86
CA ALA A 54 5.44 -1.34 9.85
C ALA A 54 4.08 -0.73 9.51
N ASP A 55 4.08 0.57 9.24
CA ASP A 55 2.86 1.28 8.88
C ASP A 55 2.26 0.72 7.59
N ALA A 56 3.13 0.42 6.64
CA ALA A 56 2.69 -0.12 5.35
C ALA A 56 1.74 -1.30 5.55
N LYS A 57 2.23 -2.34 6.21
CA LYS A 57 1.42 -3.53 6.47
C LYS A 57 0.14 -3.17 7.22
N ALA A 58 0.29 -2.44 8.32
CA ALA A 58 -0.86 -2.03 9.12
C ALA A 58 -1.98 -1.49 8.24
N ALA A 59 -1.63 -0.56 7.35
CA ALA A 59 -2.61 0.04 6.46
C ALA A 59 -3.31 -1.02 5.62
N ILE A 60 -2.53 -1.89 4.98
CA ILE A 60 -3.08 -2.95 4.16
C ILE A 60 -4.11 -3.77 4.93
N ALA A 61 -3.92 -3.85 6.25
CA ALA A 61 -4.83 -4.60 7.10
C ALA A 61 -6.13 -3.84 7.32
N GLN A 62 -6.01 -2.55 7.64
CA GLN A 62 -7.18 -1.71 7.89
C GLN A 62 -7.74 -1.18 6.57
N LEU A 63 -7.08 -1.50 5.47
CA LEU A 63 -7.52 -1.06 4.16
C LEU A 63 -8.07 -2.23 3.34
N ASN A 64 -7.30 -3.32 3.29
CA ASN A 64 -7.71 -4.50 2.56
C ASN A 64 -9.17 -4.85 2.84
N GLY A 65 -10.06 -4.35 1.99
CA GLY A 65 -11.48 -4.61 2.17
C GLY A 65 -12.28 -3.35 2.43
N LYS A 66 -11.69 -2.41 3.15
CA LYS A 66 -12.34 -1.16 3.48
C LYS A 66 -13.23 -0.69 2.31
N GLU A 67 -14.51 -0.46 2.59
CA GLU A 67 -15.45 -0.02 1.58
C GLU A 67 -15.15 1.41 1.14
N VAL A 68 -14.87 1.59 -0.14
CA VAL A 68 -14.56 2.91 -0.68
C VAL A 68 -15.47 3.24 -1.86
N LYS A 69 -16.23 4.32 -1.73
CA LYS A 69 -17.15 4.74 -2.79
C LYS A 69 -18.15 3.65 -3.11
N GLY A 70 -18.61 2.94 -2.09
CA GLY A 70 -19.57 1.87 -2.30
C GLY A 70 -18.91 0.57 -2.69
N LYS A 71 -17.75 0.67 -3.35
CA LYS A 71 -17.02 -0.51 -3.79
C LYS A 71 -15.87 -0.82 -2.83
N ARG A 72 -15.72 -2.09 -2.49
CA ARG A 72 -14.65 -2.52 -1.58
C ARG A 72 -13.32 -2.65 -2.31
N ILE A 73 -12.34 -1.88 -1.86
CA ILE A 73 -11.02 -1.89 -2.48
C ILE A 73 -10.18 -3.04 -1.93
N ASN A 74 -9.38 -3.65 -2.81
CA ASN A 74 -8.52 -4.76 -2.42
C ASN A 74 -7.06 -4.32 -2.34
N VAL A 75 -6.57 -4.16 -1.12
CA VAL A 75 -5.18 -3.73 -0.91
C VAL A 75 -4.29 -4.92 -0.54
N GLU A 76 -3.07 -4.92 -1.04
CA GLU A 76 -2.12 -5.99 -0.77
C GLU A 76 -0.69 -5.56 -1.08
N LEU A 77 0.25 -6.01 -0.26
CA LEU A 77 1.65 -5.67 -0.45
C LEU A 77 2.14 -6.14 -1.82
N SER A 78 2.58 -5.19 -2.64
CA SER A 78 3.07 -5.50 -3.98
C SER A 78 4.43 -6.18 -3.91
N THR A 79 5.32 -5.64 -3.08
CA THR A 79 6.66 -6.20 -2.91
C THR A 79 6.60 -7.60 -2.33
N LYS A 80 7.28 -8.54 -2.97
CA LYS A 80 7.30 -9.92 -2.52
C LYS A 80 8.39 -10.12 -1.45
N GLY A 81 9.62 -9.76 -1.81
CA GLY A 81 10.73 -9.91 -0.87
C GLY A 81 10.95 -11.35 -0.46
N GLN A 82 12.12 -11.62 0.13
CA GLN A 82 12.46 -12.96 0.57
C GLN A 82 12.91 -12.97 2.03
N LYS A 83 12.11 -13.60 2.88
CA LYS A 83 12.43 -13.67 4.31
C LYS A 83 13.94 -13.81 4.52
N LYS A 84 14.43 -13.22 5.60
CA LYS A 84 15.85 -13.27 5.92
C LYS A 84 16.07 -13.77 7.35
N SER A 85 16.87 -14.82 7.49
CA SER A 85 17.16 -15.40 8.80
C SER A 85 18.55 -16.03 8.82
N GLY A 86 18.96 -16.48 10.00
CA GLY A 86 20.27 -17.11 10.14
C GLY A 86 20.93 -16.79 11.47
N PRO A 87 20.33 -17.29 12.56
CA PRO A 87 20.84 -17.07 13.92
C PRO A 87 22.15 -17.82 14.17
N SER A 88 23.17 -17.09 14.60
CA SER A 88 24.47 -17.69 14.88
C SER A 88 25.09 -17.07 16.13
N SER A 89 25.62 -17.93 16.99
CA SER A 89 26.25 -17.47 18.23
C SER A 89 25.31 -16.54 19.00
N GLY A 90 24.03 -16.90 19.05
CA GLY A 90 23.06 -16.08 19.75
C GLY A 90 23.20 -16.17 21.25
N GLY A 1 6.51 9.11 -11.99
CA GLY A 1 5.98 8.22 -13.00
C GLY A 1 5.42 6.94 -12.42
N SER A 2 5.99 5.80 -12.82
CA SER A 2 5.56 4.51 -12.34
C SER A 2 6.68 3.49 -12.40
N SER A 3 6.70 2.56 -11.43
CA SER A 3 7.72 1.54 -11.36
C SER A 3 9.11 2.14 -11.62
N GLY A 4 9.36 3.31 -11.03
CA GLY A 4 10.64 3.97 -11.21
C GLY A 4 11.74 3.32 -10.41
N SER A 5 12.98 3.74 -10.64
CA SER A 5 14.13 3.18 -9.94
C SER A 5 14.68 4.18 -8.92
N SER A 6 14.78 5.44 -9.34
CA SER A 6 15.30 6.50 -8.47
C SER A 6 14.41 6.67 -7.25
N GLY A 7 14.73 5.96 -6.18
CA GLY A 7 13.95 6.05 -4.96
C GLY A 7 13.73 4.70 -4.31
N ASN A 8 13.92 4.64 -3.00
CA ASN A 8 13.74 3.39 -2.25
C ASN A 8 12.52 3.48 -1.34
N THR A 9 11.35 3.16 -1.88
CA THR A 9 10.11 3.20 -1.11
C THR A 9 9.31 1.92 -1.31
N TRP A 10 8.44 1.63 -0.35
CA TRP A 10 7.59 0.44 -0.42
C TRP A 10 6.61 0.53 -1.58
N LYS A 11 5.80 -0.50 -1.76
CA LYS A 11 4.81 -0.54 -2.83
C LYS A 11 3.60 -1.35 -2.41
N ILE A 12 2.42 -0.74 -2.53
CA ILE A 12 1.17 -1.42 -2.18
C ILE A 12 0.19 -1.39 -3.34
N PHE A 13 -0.17 -2.58 -3.83
CA PHE A 13 -1.10 -2.70 -4.93
C PHE A 13 -2.54 -2.59 -4.45
N VAL A 14 -3.30 -1.69 -5.06
CA VAL A 14 -4.69 -1.48 -4.70
C VAL A 14 -5.62 -1.71 -5.88
N GLY A 15 -6.41 -2.77 -5.81
CA GLY A 15 -7.34 -3.07 -6.89
C GLY A 15 -8.77 -2.73 -6.55
N ASN A 16 -9.68 -3.02 -7.47
CA ASN A 16 -11.10 -2.73 -7.25
C ASN A 16 -11.30 -1.27 -6.88
N VAL A 17 -10.56 -0.38 -7.54
CA VAL A 17 -10.67 1.04 -7.28
C VAL A 17 -11.88 1.65 -7.97
N SER A 18 -12.88 2.03 -7.18
CA SER A 18 -14.10 2.61 -7.72
C SER A 18 -13.79 3.55 -8.88
N ALA A 19 -14.55 3.42 -9.96
CA ALA A 19 -14.37 4.26 -11.14
C ALA A 19 -14.39 5.73 -10.78
N ALA A 20 -15.26 6.09 -9.84
CA ALA A 20 -15.38 7.47 -9.40
C ALA A 20 -14.52 7.74 -8.17
N CYS A 21 -13.34 7.11 -8.14
CA CYS A 21 -12.41 7.28 -7.02
C CYS A 21 -11.26 8.20 -7.41
N THR A 22 -10.95 9.15 -6.54
CA THR A 22 -9.87 10.10 -6.78
C THR A 22 -8.61 9.71 -6.01
N SER A 23 -7.45 9.90 -6.64
CA SER A 23 -6.18 9.58 -6.00
C SER A 23 -6.11 10.17 -4.59
N GLN A 24 -6.34 11.47 -4.48
CA GLN A 24 -6.31 12.15 -3.19
C GLN A 24 -6.94 11.28 -2.10
N GLU A 25 -8.04 10.61 -2.44
CA GLU A 25 -8.72 9.75 -1.49
C GLU A 25 -7.80 8.65 -0.98
N LEU A 26 -7.23 7.89 -1.91
CA LEU A 26 -6.32 6.80 -1.56
C LEU A 26 -5.13 7.32 -0.77
N ARG A 27 -4.44 8.31 -1.34
CA ARG A 27 -3.27 8.90 -0.69
C ARG A 27 -3.57 9.20 0.78
N SER A 28 -4.69 9.86 1.03
CA SER A 28 -5.08 10.21 2.39
C SER A 28 -5.14 8.97 3.28
N LEU A 29 -5.87 7.96 2.82
CA LEU A 29 -6.00 6.71 3.58
C LEU A 29 -4.65 6.23 4.09
N PHE A 30 -3.73 5.99 3.17
CA PHE A 30 -2.39 5.54 3.53
C PHE A 30 -1.67 6.57 4.39
N GLU A 31 -1.77 7.84 4.00
CA GLU A 31 -1.13 8.92 4.73
C GLU A 31 -1.51 8.86 6.21
N ARG A 32 -2.77 8.58 6.49
CA ARG A 32 -3.25 8.50 7.87
C ARG A 32 -2.69 7.27 8.57
N ARG A 33 -2.63 6.15 7.83
CA ARG A 33 -2.12 4.90 8.38
C ARG A 33 -0.61 4.82 8.24
N GLY A 34 0.02 5.97 7.97
CA GLY A 34 1.46 6.01 7.81
C GLY A 34 1.91 7.00 6.76
N ARG A 35 3.20 7.28 6.72
CA ARG A 35 3.75 8.22 5.76
C ARG A 35 3.60 7.69 4.33
N VAL A 36 3.44 8.60 3.38
CA VAL A 36 3.28 8.23 1.98
C VAL A 36 4.10 9.14 1.07
N ILE A 37 5.16 8.59 0.49
CA ILE A 37 6.03 9.34 -0.41
C ILE A 37 5.40 9.48 -1.79
N GLU A 38 5.21 8.35 -2.46
CA GLU A 38 4.62 8.35 -3.79
C GLU A 38 3.23 7.71 -3.77
N CYS A 39 2.35 8.21 -4.63
CA CYS A 39 0.98 7.70 -4.71
C CYS A 39 0.42 7.90 -6.11
N ASP A 40 0.24 6.80 -6.82
CA ASP A 40 -0.31 6.85 -8.18
C ASP A 40 -1.50 5.90 -8.32
N VAL A 41 -2.45 6.29 -9.17
CA VAL A 41 -3.65 5.48 -9.39
C VAL A 41 -3.75 5.06 -10.86
N VAL A 42 -3.96 3.77 -11.09
CA VAL A 42 -4.08 3.24 -12.44
C VAL A 42 -5.55 3.02 -12.81
N LYS A 43 -5.79 2.69 -14.07
CA LYS A 43 -7.15 2.44 -14.56
C LYS A 43 -8.02 1.87 -13.45
N ASP A 44 -7.82 0.59 -13.15
CA ASP A 44 -8.59 -0.08 -12.09
C ASP A 44 -7.76 -0.26 -10.84
N TYR A 45 -6.48 -0.57 -11.02
CA TYR A 45 -5.57 -0.78 -9.90
C TYR A 45 -4.80 0.50 -9.58
N ALA A 46 -3.98 0.44 -8.54
CA ALA A 46 -3.19 1.59 -8.12
C ALA A 46 -1.91 1.16 -7.41
N PHE A 47 -0.98 2.09 -7.22
CA PHE A 47 0.28 1.79 -6.55
C PHE A 47 0.62 2.89 -5.55
N VAL A 48 0.66 2.52 -4.28
CA VAL A 48 0.99 3.48 -3.22
C VAL A 48 2.26 3.08 -2.49
N HIS A 49 3.29 3.91 -2.62
CA HIS A 49 4.58 3.63 -1.98
C HIS A 49 4.63 4.29 -0.60
N MET A 50 5.19 3.57 0.37
CA MET A 50 5.31 4.09 1.72
C MET A 50 6.75 3.99 2.22
N GLU A 51 7.09 4.79 3.22
CA GLU A 51 8.42 4.79 3.79
C GLU A 51 8.53 3.80 4.95
N LYS A 52 7.67 3.99 5.95
CA LYS A 52 7.66 3.13 7.12
C LYS A 52 7.02 1.78 6.79
N GLU A 53 7.77 0.70 7.01
CA GLU A 53 7.27 -0.64 6.73
C GLU A 53 6.11 -0.99 7.67
N ALA A 54 6.39 -0.98 8.97
CA ALA A 54 5.38 -1.28 9.97
C ALA A 54 4.03 -0.71 9.58
N ASP A 55 4.00 0.59 9.28
CA ASP A 55 2.77 1.25 8.89
C ASP A 55 2.22 0.66 7.61
N ALA A 56 3.10 0.37 6.66
CA ALA A 56 2.70 -0.20 5.37
C ALA A 56 1.75 -1.38 5.58
N LYS A 57 2.18 -2.35 6.38
CA LYS A 57 1.37 -3.53 6.65
C LYS A 57 0.07 -3.15 7.36
N ALA A 58 0.19 -2.42 8.46
CA ALA A 58 -0.98 -1.99 9.23
C ALA A 58 -2.05 -1.41 8.30
N ALA A 59 -1.63 -0.54 7.39
CA ALA A 59 -2.55 0.08 6.46
C ALA A 59 -3.26 -0.97 5.60
N ILE A 60 -2.48 -1.86 5.02
CA ILE A 60 -3.03 -2.92 4.17
C ILE A 60 -4.08 -3.73 4.92
N ALA A 61 -3.96 -3.76 6.25
CA ALA A 61 -4.90 -4.50 7.09
C ALA A 61 -6.19 -3.71 7.28
N GLN A 62 -6.06 -2.42 7.59
CA GLN A 62 -7.21 -1.56 7.80
C GLN A 62 -7.79 -1.09 6.47
N LEU A 63 -7.05 -1.30 5.39
CA LEU A 63 -7.49 -0.90 4.07
C LEU A 63 -8.04 -2.09 3.29
N ASN A 64 -7.28 -3.18 3.28
CA ASN A 64 -7.69 -4.40 2.56
C ASN A 64 -9.15 -4.74 2.89
N GLY A 65 -10.06 -4.35 2.00
CA GLY A 65 -11.47 -4.63 2.21
C GLY A 65 -12.27 -3.37 2.47
N LYS A 66 -11.66 -2.41 3.14
CA LYS A 66 -12.33 -1.15 3.46
C LYS A 66 -13.20 -0.70 2.30
N GLU A 67 -14.48 -0.45 2.59
CA GLU A 67 -15.43 -0.01 1.58
C GLU A 67 -15.15 1.44 1.16
N VAL A 68 -14.80 1.62 -0.12
CA VAL A 68 -14.51 2.94 -0.65
C VAL A 68 -15.42 3.28 -1.82
N LYS A 69 -16.28 4.28 -1.63
CA LYS A 69 -17.20 4.71 -2.67
C LYS A 69 -18.15 3.58 -3.04
N GLY A 70 -18.58 2.81 -2.04
CA GLY A 70 -19.49 1.71 -2.28
C GLY A 70 -18.78 0.46 -2.75
N LYS A 71 -17.62 0.64 -3.37
CA LYS A 71 -16.84 -0.49 -3.88
C LYS A 71 -15.70 -0.83 -2.92
N ARG A 72 -15.64 -2.10 -2.51
CA ARG A 72 -14.60 -2.55 -1.60
C ARG A 72 -13.26 -2.69 -2.31
N ILE A 73 -12.31 -1.84 -1.95
CA ILE A 73 -10.99 -1.87 -2.56
C ILE A 73 -10.15 -3.02 -2.00
N ASN A 74 -9.33 -3.62 -2.87
CA ASN A 74 -8.48 -4.72 -2.46
C ASN A 74 -7.01 -4.29 -2.37
N VAL A 75 -6.53 -4.11 -1.15
CA VAL A 75 -5.15 -3.69 -0.92
C VAL A 75 -4.28 -4.87 -0.49
N GLU A 76 -3.09 -4.95 -1.06
CA GLU A 76 -2.16 -6.03 -0.73
C GLU A 76 -0.71 -5.61 -1.00
N LEU A 77 0.19 -6.06 -0.13
CA LEU A 77 1.61 -5.73 -0.27
C LEU A 77 2.15 -6.22 -1.60
N SER A 78 2.92 -5.37 -2.27
CA SER A 78 3.50 -5.72 -3.57
C SER A 78 4.74 -6.59 -3.38
N THR A 79 4.84 -7.64 -4.19
CA THR A 79 5.97 -8.56 -4.12
C THR A 79 6.22 -9.02 -2.68
N LYS A 80 5.15 -9.35 -1.97
CA LYS A 80 5.25 -9.80 -0.59
C LYS A 80 6.32 -10.88 -0.45
N GLY A 81 7.35 -10.59 0.35
CA GLY A 81 8.42 -11.53 0.56
C GLY A 81 8.89 -11.58 2.00
N GLN A 82 8.21 -12.36 2.82
CA GLN A 82 8.57 -12.48 4.24
C GLN A 82 8.36 -13.91 4.73
N LYS A 83 9.43 -14.49 5.26
CA LYS A 83 9.37 -15.86 5.77
C LYS A 83 8.92 -15.87 7.24
N LYS A 84 7.91 -15.06 7.55
CA LYS A 84 7.39 -14.98 8.91
C LYS A 84 7.22 -16.37 9.51
N SER A 85 7.76 -16.57 10.70
CA SER A 85 7.68 -17.85 11.37
C SER A 85 7.92 -17.70 12.87
N GLY A 86 7.09 -18.36 13.68
CA GLY A 86 7.23 -18.28 15.12
C GLY A 86 6.48 -17.11 15.71
N PRO A 87 6.94 -16.64 16.88
CA PRO A 87 6.31 -15.51 17.58
C PRO A 87 6.54 -14.18 16.86
N SER A 88 5.46 -13.60 16.35
CA SER A 88 5.53 -12.34 15.62
C SER A 88 6.32 -11.30 16.43
N SER A 89 7.58 -11.10 16.03
CA SER A 89 8.44 -10.14 16.72
C SER A 89 8.00 -8.71 16.43
N GLY A 90 7.97 -8.35 15.15
CA GLY A 90 7.57 -7.01 14.76
C GLY A 90 6.82 -6.99 13.45
N GLY A 1 26.34 -9.53 5.43
CA GLY A 1 25.64 -10.33 4.44
C GLY A 1 24.19 -10.56 4.80
N SER A 2 23.52 -11.41 4.03
CA SER A 2 22.11 -11.71 4.27
C SER A 2 21.37 -10.47 4.76
N SER A 3 21.65 -9.34 4.14
CA SER A 3 21.01 -8.08 4.51
C SER A 3 19.78 -7.82 3.66
N GLY A 4 18.83 -7.09 4.22
CA GLY A 4 17.61 -6.78 3.48
C GLY A 4 17.86 -5.95 2.25
N SER A 5 16.81 -5.72 1.46
CA SER A 5 16.94 -4.94 0.24
C SER A 5 16.44 -3.51 0.45
N SER A 6 16.81 -2.93 1.60
CA SER A 6 16.41 -1.57 1.93
C SER A 6 17.02 -0.56 0.96
N GLY A 7 16.21 0.40 0.53
CA GLY A 7 16.69 1.41 -0.39
C GLY A 7 15.55 2.19 -1.04
N ASN A 8 14.71 1.48 -1.78
CA ASN A 8 13.58 2.11 -2.46
C ASN A 8 12.33 2.07 -1.59
N THR A 9 11.50 3.11 -1.71
CA THR A 9 10.27 3.19 -0.93
C THR A 9 9.40 1.96 -1.13
N TRP A 10 8.49 1.72 -0.19
CA TRP A 10 7.60 0.57 -0.26
C TRP A 10 6.57 0.75 -1.38
N LYS A 11 5.80 -0.28 -1.63
CA LYS A 11 4.77 -0.24 -2.68
C LYS A 11 3.57 -1.12 -2.30
N ILE A 12 2.38 -0.55 -2.42
CA ILE A 12 1.15 -1.27 -2.10
C ILE A 12 0.16 -1.22 -3.26
N PHE A 13 -0.18 -2.39 -3.79
CA PHE A 13 -1.12 -2.47 -4.90
C PHE A 13 -2.56 -2.41 -4.39
N VAL A 14 -3.37 -1.55 -5.02
CA VAL A 14 -4.77 -1.40 -4.63
C VAL A 14 -5.69 -1.63 -5.83
N GLY A 15 -6.45 -2.72 -5.78
CA GLY A 15 -7.36 -3.04 -6.86
C GLY A 15 -8.81 -2.79 -6.48
N ASN A 16 -9.71 -3.03 -7.43
CA ASN A 16 -11.14 -2.82 -7.20
C ASN A 16 -11.43 -1.37 -6.86
N VAL A 17 -10.78 -0.46 -7.60
CA VAL A 17 -10.96 0.97 -7.38
C VAL A 17 -12.18 1.49 -8.15
N SER A 18 -13.11 2.09 -7.42
CA SER A 18 -14.33 2.62 -8.04
C SER A 18 -13.99 3.57 -9.18
N ALA A 19 -15.00 3.96 -9.94
CA ALA A 19 -14.81 4.87 -11.06
C ALA A 19 -14.82 6.32 -10.60
N ALA A 20 -15.65 6.62 -9.61
CA ALA A 20 -15.74 7.97 -9.07
C ALA A 20 -14.74 8.19 -7.93
N CYS A 21 -13.65 7.45 -7.97
CA CYS A 21 -12.61 7.56 -6.95
C CYS A 21 -11.46 8.43 -7.43
N THR A 22 -10.94 9.27 -6.53
CA THR A 22 -9.84 10.16 -6.86
C THR A 22 -8.55 9.71 -6.18
N SER A 23 -7.41 10.08 -6.77
CA SER A 23 -6.12 9.71 -6.23
C SER A 23 -5.99 10.15 -4.77
N GLN A 24 -6.15 11.45 -4.54
CA GLN A 24 -6.06 12.00 -3.19
C GLN A 24 -6.77 11.10 -2.19
N GLU A 25 -7.85 10.47 -2.62
CA GLU A 25 -8.62 9.58 -1.76
C GLU A 25 -7.73 8.48 -1.17
N LEU A 26 -7.32 7.56 -2.03
CA LEU A 26 -6.46 6.45 -1.61
C LEU A 26 -5.22 6.97 -0.88
N ARG A 27 -4.59 7.99 -1.47
CA ARG A 27 -3.39 8.58 -0.88
C ARG A 27 -3.64 8.98 0.57
N SER A 28 -4.71 9.74 0.79
CA SER A 28 -5.06 10.20 2.13
C SER A 28 -5.14 9.03 3.10
N LEU A 29 -5.82 7.97 2.68
CA LEU A 29 -5.97 6.78 3.52
C LEU A 29 -4.62 6.29 4.03
N PHE A 30 -3.72 6.00 3.10
CA PHE A 30 -2.39 5.53 3.46
C PHE A 30 -1.62 6.58 4.26
N GLU A 31 -1.79 7.85 3.88
CA GLU A 31 -1.12 8.94 4.55
C GLU A 31 -1.45 8.93 6.04
N ARG A 32 -2.69 8.61 6.37
CA ARG A 32 -3.13 8.57 7.76
C ARG A 32 -2.54 7.36 8.48
N ARG A 33 -2.59 6.21 7.83
CA ARG A 33 -2.06 4.97 8.40
C ARG A 33 -0.54 4.95 8.32
N GLY A 34 0.05 6.05 7.88
CA GLY A 34 1.50 6.14 7.77
C GLY A 34 1.93 7.15 6.74
N ARG A 35 3.24 7.35 6.62
CA ARG A 35 3.80 8.30 5.67
C ARG A 35 3.70 7.75 4.25
N VAL A 36 3.31 8.62 3.31
CA VAL A 36 3.19 8.23 1.92
C VAL A 36 4.01 9.13 1.01
N ILE A 37 5.16 8.63 0.58
CA ILE A 37 6.05 9.40 -0.30
C ILE A 37 5.50 9.46 -1.72
N GLU A 38 5.31 8.29 -2.33
CA GLU A 38 4.79 8.20 -3.68
C GLU A 38 3.41 7.55 -3.70
N CYS A 39 2.56 8.02 -4.60
CA CYS A 39 1.21 7.48 -4.72
C CYS A 39 0.63 7.76 -6.10
N ASP A 40 0.25 6.71 -6.81
CA ASP A 40 -0.31 6.85 -8.15
C ASP A 40 -1.49 5.89 -8.34
N VAL A 41 -2.38 6.24 -9.27
CA VAL A 41 -3.55 5.41 -9.54
C VAL A 41 -3.55 4.91 -10.98
N VAL A 42 -3.95 3.66 -11.17
CA VAL A 42 -4.00 3.06 -12.50
C VAL A 42 -5.43 2.83 -12.96
N LYS A 43 -5.58 2.42 -14.21
CA LYS A 43 -6.90 2.17 -14.78
C LYS A 43 -7.87 1.69 -13.70
N ASP A 44 -7.73 0.42 -13.31
CA ASP A 44 -8.59 -0.16 -12.29
C ASP A 44 -7.85 -0.29 -10.96
N TYR A 45 -6.57 -0.64 -11.03
CA TYR A 45 -5.75 -0.79 -9.84
C TYR A 45 -5.02 0.50 -9.51
N ALA A 46 -4.18 0.46 -8.47
CA ALA A 46 -3.42 1.62 -8.06
C ALA A 46 -2.18 1.22 -7.26
N PHE A 47 -1.27 2.17 -7.06
CA PHE A 47 -0.04 1.90 -6.33
C PHE A 47 0.22 3.02 -5.31
N VAL A 48 0.49 2.62 -4.07
CA VAL A 48 0.75 3.57 -3.00
C VAL A 48 2.05 3.24 -2.27
N HIS A 49 3.06 4.08 -2.44
CA HIS A 49 4.36 3.87 -1.81
C HIS A 49 4.33 4.37 -0.36
N MET A 50 5.23 3.84 0.46
CA MET A 50 5.32 4.23 1.86
C MET A 50 6.74 4.09 2.38
N GLU A 51 7.07 4.86 3.42
CA GLU A 51 8.40 4.81 4.01
C GLU A 51 8.46 3.80 5.14
N LYS A 52 7.69 4.05 6.20
CA LYS A 52 7.65 3.16 7.35
C LYS A 52 7.00 1.84 6.98
N GLU A 53 7.76 0.75 7.09
CA GLU A 53 7.26 -0.58 6.77
C GLU A 53 6.11 -0.95 7.70
N ALA A 54 6.36 -0.89 9.01
CA ALA A 54 5.34 -1.22 9.99
C ALA A 54 3.98 -0.63 9.61
N ASP A 55 3.98 0.66 9.29
CA ASP A 55 2.74 1.34 8.90
C ASP A 55 2.19 0.76 7.61
N ALA A 56 3.09 0.39 6.70
CA ALA A 56 2.68 -0.18 5.41
C ALA A 56 1.76 -1.36 5.61
N LYS A 57 2.23 -2.38 6.31
CA LYS A 57 1.44 -3.57 6.57
C LYS A 57 0.15 -3.23 7.31
N ALA A 58 0.29 -2.55 8.44
CA ALA A 58 -0.86 -2.15 9.24
C ALA A 58 -1.98 -1.58 8.36
N ALA A 59 -1.61 -0.67 7.45
CA ALA A 59 -2.57 -0.07 6.55
C ALA A 59 -3.27 -1.11 5.70
N ILE A 60 -2.49 -1.99 5.08
CA ILE A 60 -3.04 -3.05 4.24
C ILE A 60 -4.09 -3.86 4.99
N ALA A 61 -3.92 -3.96 6.31
CA ALA A 61 -4.85 -4.70 7.14
C ALA A 61 -6.14 -3.93 7.36
N GLN A 62 -6.01 -2.65 7.68
CA GLN A 62 -7.18 -1.79 7.91
C GLN A 62 -7.72 -1.24 6.59
N LEU A 63 -7.03 -1.56 5.50
CA LEU A 63 -7.44 -1.10 4.18
C LEU A 63 -7.98 -2.25 3.34
N ASN A 64 -7.23 -3.35 3.30
CA ASN A 64 -7.63 -4.52 2.53
C ASN A 64 -9.09 -4.88 2.80
N GLY A 65 -9.97 -4.44 1.92
CA GLY A 65 -11.38 -4.72 2.09
C GLY A 65 -12.20 -3.48 2.41
N LYS A 66 -11.58 -2.55 3.16
CA LYS A 66 -12.25 -1.31 3.53
C LYS A 66 -13.14 -0.81 2.41
N GLU A 67 -14.43 -0.66 2.72
CA GLU A 67 -15.40 -0.18 1.73
C GLU A 67 -15.15 1.28 1.39
N VAL A 68 -14.81 1.55 0.13
CA VAL A 68 -14.55 2.90 -0.33
C VAL A 68 -15.24 3.17 -1.66
N LYS A 69 -15.85 4.35 -1.77
CA LYS A 69 -16.55 4.73 -3.00
C LYS A 69 -17.64 3.72 -3.34
N GLY A 70 -18.18 3.07 -2.32
CA GLY A 70 -19.22 2.08 -2.54
C GLY A 70 -18.66 0.72 -2.91
N LYS A 71 -17.43 0.69 -3.40
CA LYS A 71 -16.79 -0.55 -3.79
C LYS A 71 -15.67 -0.91 -2.84
N ARG A 72 -15.59 -2.19 -2.48
CA ARG A 72 -14.55 -2.67 -1.56
C ARG A 72 -13.20 -2.77 -2.28
N ILE A 73 -12.28 -1.89 -1.91
CA ILE A 73 -10.95 -1.89 -2.50
C ILE A 73 -10.09 -3.03 -1.95
N ASN A 74 -9.32 -3.66 -2.84
CA ASN A 74 -8.46 -4.76 -2.45
C ASN A 74 -7.00 -4.31 -2.37
N VAL A 75 -6.50 -4.15 -1.14
CA VAL A 75 -5.13 -3.72 -0.92
C VAL A 75 -4.24 -4.91 -0.57
N GLU A 76 -3.02 -4.90 -1.09
CA GLU A 76 -2.07 -5.98 -0.83
C GLU A 76 -0.64 -5.49 -1.02
N LEU A 77 0.27 -5.97 -0.16
CA LEU A 77 1.67 -5.59 -0.24
C LEU A 77 2.26 -5.97 -1.60
N SER A 78 2.72 -4.96 -2.33
CA SER A 78 3.31 -5.20 -3.65
C SER A 78 4.78 -5.56 -3.53
N THR A 79 5.05 -6.87 -3.39
CA THR A 79 6.41 -7.36 -3.25
C THR A 79 6.55 -8.75 -3.84
N LYS A 80 7.73 -9.05 -4.37
CA LYS A 80 8.00 -10.36 -4.96
C LYS A 80 8.53 -11.33 -3.92
N GLY A 81 7.62 -11.97 -3.18
CA GLY A 81 8.02 -12.91 -2.16
C GLY A 81 6.88 -13.81 -1.72
N GLN A 82 7.21 -14.85 -0.95
CA GLN A 82 6.21 -15.78 -0.46
C GLN A 82 5.85 -15.49 0.99
N LYS A 83 6.87 -15.34 1.83
CA LYS A 83 6.67 -15.07 3.25
C LYS A 83 7.16 -13.67 3.60
N LYS A 84 8.36 -13.33 3.14
CA LYS A 84 8.94 -12.01 3.40
C LYS A 84 9.92 -11.62 2.29
N SER A 85 10.34 -10.36 2.31
CA SER A 85 11.28 -9.86 1.31
C SER A 85 12.67 -9.70 1.90
N GLY A 86 13.36 -10.81 2.10
CA GLY A 86 14.70 -10.78 2.66
C GLY A 86 14.69 -10.86 4.17
N PRO A 87 14.19 -11.98 4.71
CA PRO A 87 14.12 -12.20 6.16
C PRO A 87 15.50 -12.40 6.78
N SER A 88 15.59 -12.19 8.09
CA SER A 88 16.84 -12.34 8.80
C SER A 88 16.61 -12.78 10.24
N SER A 89 17.36 -13.78 10.68
CA SER A 89 17.22 -14.31 12.04
C SER A 89 18.18 -13.60 12.99
N GLY A 90 18.29 -12.28 12.85
CA GLY A 90 19.18 -11.51 13.70
C GLY A 90 18.93 -10.02 13.59
N GLY A 1 13.14 -10.55 -7.67
CA GLY A 1 13.19 -11.75 -6.86
C GLY A 1 13.70 -11.49 -5.46
N SER A 2 14.92 -11.00 -5.35
CA SER A 2 15.53 -10.71 -4.05
C SER A 2 15.94 -9.24 -3.96
N SER A 3 15.07 -8.36 -4.45
CA SER A 3 15.34 -6.93 -4.42
C SER A 3 15.26 -6.39 -2.99
N GLY A 4 16.31 -5.70 -2.57
CA GLY A 4 16.34 -5.15 -1.23
C GLY A 4 15.30 -4.06 -1.03
N SER A 5 14.85 -3.90 0.20
CA SER A 5 13.84 -2.89 0.53
C SER A 5 14.49 -1.58 0.96
N SER A 6 15.51 -1.69 1.82
CA SER A 6 16.22 -0.52 2.31
C SER A 6 16.60 0.41 1.17
N GLY A 7 16.36 1.71 1.35
CA GLY A 7 16.69 2.68 0.33
C GLY A 7 15.47 3.09 -0.48
N ASN A 8 14.93 2.15 -1.25
CA ASN A 8 13.76 2.42 -2.08
C ASN A 8 12.48 2.37 -1.26
N THR A 9 11.49 3.16 -1.66
CA THR A 9 10.22 3.21 -0.96
C THR A 9 9.42 1.93 -1.17
N TRP A 10 8.45 1.69 -0.30
CA TRP A 10 7.61 0.49 -0.40
C TRP A 10 6.60 0.64 -1.53
N LYS A 11 5.81 -0.41 -1.75
CA LYS A 11 4.81 -0.40 -2.80
C LYS A 11 3.60 -1.26 -2.40
N ILE A 12 2.41 -0.67 -2.50
CA ILE A 12 1.18 -1.39 -2.16
C ILE A 12 0.22 -1.40 -3.33
N PHE A 13 -0.12 -2.60 -3.80
CA PHE A 13 -1.05 -2.74 -4.91
C PHE A 13 -2.49 -2.73 -4.43
N VAL A 14 -3.30 -1.83 -5.00
CA VAL A 14 -4.70 -1.71 -4.64
C VAL A 14 -5.60 -1.88 -5.85
N GLY A 15 -6.47 -2.89 -5.79
CA GLY A 15 -7.38 -3.15 -6.89
C GLY A 15 -8.83 -2.84 -6.53
N ASN A 16 -9.74 -3.17 -7.44
CA ASN A 16 -11.16 -2.92 -7.21
C ASN A 16 -11.42 -1.45 -6.94
N VAL A 17 -10.70 -0.58 -7.64
CA VAL A 17 -10.85 0.86 -7.47
C VAL A 17 -12.05 1.38 -8.24
N SER A 18 -12.99 2.01 -7.53
CA SER A 18 -14.19 2.55 -8.15
C SER A 18 -13.83 3.47 -9.31
N ALA A 19 -14.83 3.80 -10.13
CA ALA A 19 -14.62 4.68 -11.27
C ALA A 19 -14.59 6.13 -10.84
N ALA A 20 -15.44 6.48 -9.87
CA ALA A 20 -15.51 7.85 -9.36
C ALA A 20 -14.55 8.05 -8.20
N CYS A 21 -13.44 7.33 -8.23
CA CYS A 21 -12.43 7.44 -7.17
C CYS A 21 -11.28 8.33 -7.60
N THR A 22 -10.78 9.15 -6.66
CA THR A 22 -9.68 10.06 -6.94
C THR A 22 -8.44 9.67 -6.16
N SER A 23 -7.28 9.83 -6.78
CA SER A 23 -6.01 9.51 -6.14
C SER A 23 -5.92 10.14 -4.75
N GLN A 24 -6.21 11.43 -4.68
CA GLN A 24 -6.17 12.16 -3.41
C GLN A 24 -6.78 11.32 -2.29
N GLU A 25 -7.87 10.62 -2.60
CA GLU A 25 -8.54 9.80 -1.62
C GLU A 25 -7.62 8.69 -1.10
N LEU A 26 -7.21 7.80 -2.00
CA LEU A 26 -6.33 6.70 -1.64
C LEU A 26 -5.14 7.20 -0.82
N ARG A 27 -4.49 8.25 -1.30
CA ARG A 27 -3.35 8.83 -0.61
C ARG A 27 -3.70 9.19 0.82
N SER A 28 -4.77 9.97 0.98
CA SER A 28 -5.21 10.39 2.31
C SER A 28 -5.27 9.21 3.27
N LEU A 29 -5.89 8.12 2.82
CA LEU A 29 -6.01 6.91 3.64
C LEU A 29 -4.65 6.43 4.09
N PHE A 30 -3.83 5.97 3.15
CA PHE A 30 -2.49 5.48 3.46
C PHE A 30 -1.71 6.50 4.28
N GLU A 31 -2.03 7.78 4.09
CA GLU A 31 -1.37 8.85 4.81
C GLU A 31 -1.71 8.81 6.30
N ARG A 32 -2.99 8.66 6.59
CA ARG A 32 -3.46 8.60 7.97
C ARG A 32 -2.94 7.35 8.67
N ARG A 33 -2.70 6.30 7.90
CA ARG A 33 -2.20 5.04 8.44
C ARG A 33 -0.68 5.08 8.59
N GLY A 34 -0.05 6.07 7.95
CA GLY A 34 1.39 6.20 8.03
C GLY A 34 1.94 7.17 7.00
N ARG A 35 3.25 7.21 6.86
CA ARG A 35 3.90 8.10 5.91
C ARG A 35 3.65 7.64 4.48
N VAL A 36 3.43 8.59 3.58
CA VAL A 36 3.18 8.28 2.17
C VAL A 36 4.00 9.20 1.26
N ILE A 37 5.04 8.63 0.65
CA ILE A 37 5.90 9.39 -0.24
C ILE A 37 5.25 9.55 -1.62
N GLU A 38 4.92 8.42 -2.24
CA GLU A 38 4.30 8.43 -3.56
C GLU A 38 2.92 7.77 -3.52
N CYS A 39 2.14 8.00 -4.56
CA CYS A 39 0.80 7.42 -4.65
C CYS A 39 0.15 7.73 -5.99
N ASP A 40 0.01 6.71 -6.82
CA ASP A 40 -0.59 6.88 -8.15
C ASP A 40 -1.72 5.88 -8.36
N VAL A 41 -2.81 6.34 -8.97
CA VAL A 41 -3.96 5.49 -9.23
C VAL A 41 -4.00 5.06 -10.70
N VAL A 42 -4.23 3.77 -10.92
CA VAL A 42 -4.30 3.24 -12.28
C VAL A 42 -5.74 2.95 -12.69
N LYS A 43 -5.94 2.63 -13.96
CA LYS A 43 -7.27 2.33 -14.48
C LYS A 43 -8.14 1.71 -13.41
N ASP A 44 -7.91 0.43 -13.11
CA ASP A 44 -8.68 -0.28 -12.11
C ASP A 44 -7.85 -0.46 -10.83
N TYR A 45 -6.56 -0.69 -10.98
CA TYR A 45 -5.67 -0.88 -9.85
C TYR A 45 -4.96 0.42 -9.49
N ALA A 46 -4.11 0.36 -8.47
CA ALA A 46 -3.36 1.53 -8.03
C ALA A 46 -2.04 1.13 -7.39
N PHE A 47 -1.19 2.12 -7.13
CA PHE A 47 0.11 1.87 -6.53
C PHE A 47 0.45 2.93 -5.49
N VAL A 48 0.65 2.50 -4.25
CA VAL A 48 0.97 3.41 -3.16
C VAL A 48 2.30 3.05 -2.51
N HIS A 49 3.20 4.03 -2.43
CA HIS A 49 4.51 3.81 -1.83
C HIS A 49 4.57 4.40 -0.43
N MET A 50 5.26 3.71 0.47
CA MET A 50 5.40 4.16 1.85
C MET A 50 6.83 3.99 2.34
N GLU A 51 7.23 4.83 3.28
CA GLU A 51 8.58 4.77 3.84
C GLU A 51 8.66 3.77 4.99
N LYS A 52 7.81 3.98 5.99
CA LYS A 52 7.77 3.09 7.15
C LYS A 52 7.13 1.75 6.79
N GLU A 53 7.89 0.68 6.92
CA GLU A 53 7.39 -0.66 6.61
C GLU A 53 6.24 -1.03 7.54
N ALA A 54 6.49 -0.96 8.85
CA ALA A 54 5.47 -1.28 9.84
C ALA A 54 4.13 -0.65 9.48
N ASP A 55 4.15 0.63 9.15
CA ASP A 55 2.94 1.36 8.79
C ASP A 55 2.34 0.80 7.51
N ALA A 56 3.21 0.40 6.58
CA ALA A 56 2.77 -0.15 5.30
C ALA A 56 1.81 -1.32 5.52
N LYS A 57 2.28 -2.34 6.23
CA LYS A 57 1.48 -3.53 6.50
C LYS A 57 0.21 -3.16 7.27
N ALA A 58 0.39 -2.50 8.41
CA ALA A 58 -0.73 -2.09 9.23
C ALA A 58 -1.85 -1.50 8.38
N ALA A 59 -1.48 -0.69 7.39
CA ALA A 59 -2.45 -0.07 6.51
C ALA A 59 -3.17 -1.11 5.67
N ILE A 60 -2.40 -1.99 5.02
CA ILE A 60 -2.97 -3.03 4.18
C ILE A 60 -3.99 -3.86 4.95
N ALA A 61 -3.84 -3.89 6.27
CA ALA A 61 -4.76 -4.65 7.12
C ALA A 61 -6.04 -3.87 7.37
N GLN A 62 -5.90 -2.59 7.69
CA GLN A 62 -7.05 -1.74 7.96
C GLN A 62 -7.62 -1.18 6.66
N LEU A 63 -6.96 -1.49 5.55
CA LEU A 63 -7.41 -1.01 4.24
C LEU A 63 -7.97 -2.15 3.41
N ASN A 64 -7.22 -3.25 3.34
CA ASN A 64 -7.65 -4.41 2.57
C ASN A 64 -9.10 -4.76 2.86
N GLY A 65 -10.00 -4.34 1.98
CA GLY A 65 -11.41 -4.62 2.17
C GLY A 65 -12.22 -3.36 2.46
N LYS A 66 -11.59 -2.41 3.16
CA LYS A 66 -12.27 -1.16 3.50
C LYS A 66 -13.15 -0.68 2.36
N GLU A 67 -14.42 -0.43 2.65
CA GLU A 67 -15.37 0.03 1.65
C GLU A 67 -15.09 1.48 1.26
N VAL A 68 -14.76 1.68 -0.02
CA VAL A 68 -14.46 3.03 -0.52
C VAL A 68 -15.15 3.28 -1.86
N LYS A 69 -15.78 4.44 -1.99
CA LYS A 69 -16.47 4.80 -3.22
C LYS A 69 -17.58 3.80 -3.53
N GLY A 70 -18.12 3.18 -2.49
CA GLY A 70 -19.18 2.21 -2.67
C GLY A 70 -18.65 0.83 -3.02
N LYS A 71 -17.40 0.77 -3.47
CA LYS A 71 -16.78 -0.49 -3.83
C LYS A 71 -15.66 -0.86 -2.85
N ARG A 72 -15.60 -2.13 -2.48
CA ARG A 72 -14.58 -2.60 -1.55
C ARG A 72 -13.22 -2.75 -2.25
N ILE A 73 -12.31 -1.84 -1.93
CA ILE A 73 -10.97 -1.87 -2.52
C ILE A 73 -10.14 -3.01 -1.95
N ASN A 74 -9.36 -3.66 -2.81
CA ASN A 74 -8.51 -4.76 -2.40
C ASN A 74 -7.05 -4.35 -2.32
N VAL A 75 -6.56 -4.15 -1.11
CA VAL A 75 -5.17 -3.75 -0.90
C VAL A 75 -4.30 -4.95 -0.52
N GLU A 76 -3.09 -4.98 -1.07
CA GLU A 76 -2.15 -6.06 -0.79
C GLU A 76 -0.72 -5.63 -1.04
N LEU A 77 0.21 -6.16 -0.24
CA LEU A 77 1.62 -5.82 -0.39
C LEU A 77 2.15 -6.25 -1.75
N SER A 78 2.75 -5.31 -2.47
CA SER A 78 3.30 -5.59 -3.79
C SER A 78 4.68 -6.22 -3.68
N THR A 79 5.53 -5.63 -2.84
CA THR A 79 6.88 -6.13 -2.65
C THR A 79 7.04 -6.81 -1.29
N LYS A 80 7.46 -8.06 -1.30
CA LYS A 80 7.64 -8.82 -0.06
C LYS A 80 9.13 -8.95 0.28
N GLY A 81 9.42 -9.27 1.54
CA GLY A 81 10.80 -9.42 1.96
C GLY A 81 10.95 -10.45 3.06
N GLN A 82 12.16 -11.01 3.18
CA GLN A 82 12.43 -12.02 4.19
C GLN A 82 13.64 -11.62 5.05
N LYS A 83 13.84 -12.35 6.14
CA LYS A 83 14.95 -12.08 7.04
C LYS A 83 15.09 -13.19 8.08
N LYS A 84 16.30 -13.72 8.22
CA LYS A 84 16.58 -14.77 9.18
C LYS A 84 17.69 -14.37 10.14
N SER A 85 17.72 -15.02 11.30
CA SER A 85 18.73 -14.72 12.32
C SER A 85 18.90 -15.89 13.27
N GLY A 86 20.14 -16.11 13.71
CA GLY A 86 20.41 -17.20 14.63
C GLY A 86 21.81 -17.12 15.22
N PRO A 87 21.95 -16.32 16.29
CA PRO A 87 23.23 -16.14 16.97
C PRO A 87 23.68 -17.39 17.73
N SER A 88 24.94 -17.42 18.13
CA SER A 88 25.48 -18.57 18.86
C SER A 88 26.82 -18.21 19.52
N SER A 89 27.40 -19.16 20.23
CA SER A 89 28.66 -18.95 20.92
C SER A 89 29.83 -19.04 19.94
N GLY A 90 29.90 -20.14 19.21
CA GLY A 90 30.97 -20.33 18.25
C GLY A 90 32.33 -20.39 18.90
N GLY A 1 21.40 -6.34 -3.02
CA GLY A 1 22.18 -5.22 -2.54
C GLY A 1 21.78 -4.80 -1.13
N SER A 2 22.59 -5.18 -0.15
CA SER A 2 22.32 -4.85 1.24
C SER A 2 23.35 -3.86 1.78
N SER A 3 22.91 -2.62 2.02
CA SER A 3 23.80 -1.59 2.52
C SER A 3 23.25 -1.01 3.83
N GLY A 4 22.01 -0.57 3.80
CA GLY A 4 21.39 0.01 4.98
C GLY A 4 21.25 1.51 4.90
N SER A 5 20.49 1.97 3.90
CA SER A 5 20.29 3.40 3.71
C SER A 5 18.90 3.68 3.11
N SER A 6 18.31 4.80 3.51
CA SER A 6 17.00 5.17 3.02
C SER A 6 17.04 5.55 1.54
N GLY A 7 16.57 4.64 0.69
CA GLY A 7 16.57 4.90 -0.74
C GLY A 7 15.24 4.60 -1.39
N ASN A 8 15.02 3.34 -1.73
CA ASN A 8 13.78 2.92 -2.37
C ASN A 8 12.61 3.06 -1.40
N THR A 9 11.39 2.95 -1.93
CA THR A 9 10.19 3.06 -1.11
C THR A 9 9.26 1.88 -1.33
N TRP A 10 8.50 1.53 -0.30
CA TRP A 10 7.58 0.40 -0.38
C TRP A 10 6.55 0.62 -1.48
N LYS A 11 5.73 -0.39 -1.73
CA LYS A 11 4.70 -0.30 -2.76
C LYS A 11 3.48 -1.14 -2.38
N ILE A 12 2.31 -0.50 -2.37
CA ILE A 12 1.07 -1.18 -2.02
C ILE A 12 0.08 -1.14 -3.18
N PHE A 13 -0.29 -2.32 -3.68
CA PHE A 13 -1.22 -2.42 -4.80
C PHE A 13 -2.67 -2.34 -4.29
N VAL A 14 -3.47 -1.51 -4.94
CA VAL A 14 -4.86 -1.33 -4.57
C VAL A 14 -5.78 -1.55 -5.76
N GLY A 15 -6.52 -2.65 -5.74
CA GLY A 15 -7.44 -2.96 -6.82
C GLY A 15 -8.89 -2.68 -6.46
N ASN A 16 -9.79 -2.89 -7.42
CA ASN A 16 -11.21 -2.65 -7.20
C ASN A 16 -11.46 -1.20 -6.83
N VAL A 17 -10.74 -0.29 -7.48
CA VAL A 17 -10.89 1.14 -7.21
C VAL A 17 -12.08 1.71 -7.98
N SER A 18 -13.09 2.17 -7.25
CA SER A 18 -14.28 2.74 -7.86
C SER A 18 -13.91 3.67 -9.01
N ALA A 19 -14.71 3.64 -10.07
CA ALA A 19 -14.46 4.49 -11.24
C ALA A 19 -14.48 5.96 -10.86
N ALA A 20 -15.32 6.31 -9.89
CA ALA A 20 -15.43 7.69 -9.43
C ALA A 20 -14.54 7.94 -8.23
N CYS A 21 -13.40 7.25 -8.19
CA CYS A 21 -12.46 7.41 -7.09
C CYS A 21 -11.26 8.25 -7.52
N THR A 22 -10.86 9.19 -6.66
CA THR A 22 -9.74 10.07 -6.96
C THR A 22 -8.48 9.62 -6.22
N SER A 23 -7.32 9.96 -6.76
CA SER A 23 -6.05 9.59 -6.16
C SER A 23 -5.98 10.06 -4.72
N GLN A 24 -6.06 11.37 -4.53
CA GLN A 24 -6.00 11.96 -3.20
C GLN A 24 -6.72 11.08 -2.17
N GLU A 25 -7.82 10.48 -2.59
CA GLU A 25 -8.59 9.61 -1.71
C GLU A 25 -7.72 8.51 -1.13
N LEU A 26 -7.18 7.67 -2.00
CA LEU A 26 -6.33 6.56 -1.57
C LEU A 26 -5.10 7.09 -0.84
N ARG A 27 -4.44 8.08 -1.42
CA ARG A 27 -3.26 8.67 -0.81
C ARG A 27 -3.53 9.07 0.63
N SER A 28 -4.64 9.78 0.85
CA SER A 28 -5.01 10.24 2.18
C SER A 28 -5.09 9.06 3.15
N LEU A 29 -5.89 8.05 2.78
CA LEU A 29 -6.06 6.87 3.62
C LEU A 29 -4.72 6.37 4.15
N PHE A 30 -3.82 6.04 3.23
CA PHE A 30 -2.50 5.55 3.59
C PHE A 30 -1.74 6.59 4.41
N GLU A 31 -1.85 7.85 4.00
CA GLU A 31 -1.17 8.94 4.69
C GLU A 31 -1.47 8.90 6.19
N ARG A 32 -2.71 8.58 6.53
CA ARG A 32 -3.13 8.52 7.92
C ARG A 32 -2.57 7.27 8.60
N ARG A 33 -2.64 6.13 7.91
CA ARG A 33 -2.14 4.88 8.44
C ARG A 33 -0.62 4.81 8.32
N GLY A 34 -0.01 5.90 7.87
CA GLY A 34 1.43 5.94 7.71
C GLY A 34 1.87 6.97 6.71
N ARG A 35 3.19 7.20 6.64
CA ARG A 35 3.74 8.18 5.71
C ARG A 35 3.65 7.67 4.27
N VAL A 36 3.24 8.55 3.36
CA VAL A 36 3.11 8.20 1.95
C VAL A 36 3.91 9.16 1.07
N ILE A 37 5.03 8.68 0.56
CA ILE A 37 5.89 9.50 -0.31
C ILE A 37 5.34 9.55 -1.73
N GLU A 38 5.23 8.38 -2.35
CA GLU A 38 4.72 8.30 -3.72
C GLU A 38 3.34 7.64 -3.74
N CYS A 39 2.46 8.15 -4.59
CA CYS A 39 1.10 7.62 -4.70
C CYS A 39 0.54 7.84 -6.10
N ASP A 40 0.26 6.74 -6.80
CA ASP A 40 -0.27 6.82 -8.15
C ASP A 40 -1.45 5.86 -8.33
N VAL A 41 -2.39 6.24 -9.19
CA VAL A 41 -3.57 5.43 -9.43
C VAL A 41 -3.59 4.92 -10.87
N VAL A 42 -3.88 3.64 -11.04
CA VAL A 42 -3.92 3.02 -12.36
C VAL A 42 -5.36 2.80 -12.81
N LYS A 43 -5.54 2.37 -14.05
CA LYS A 43 -6.86 2.12 -14.61
C LYS A 43 -7.82 1.64 -13.53
N ASP A 44 -7.67 0.37 -13.14
CA ASP A 44 -8.53 -0.22 -12.11
C ASP A 44 -7.79 -0.32 -10.78
N TYR A 45 -6.49 -0.60 -10.85
CA TYR A 45 -5.66 -0.74 -9.66
C TYR A 45 -4.93 0.57 -9.37
N ALA A 46 -4.09 0.55 -8.33
CA ALA A 46 -3.32 1.72 -7.95
C ALA A 46 -2.10 1.32 -7.13
N PHE A 47 -1.06 2.15 -7.20
CA PHE A 47 0.18 1.89 -6.46
C PHE A 47 0.43 2.98 -5.42
N VAL A 48 0.60 2.56 -4.17
CA VAL A 48 0.84 3.50 -3.08
C VAL A 48 2.15 3.17 -2.36
N HIS A 49 3.12 4.07 -2.47
CA HIS A 49 4.42 3.88 -1.83
C HIS A 49 4.38 4.36 -0.38
N MET A 50 5.26 3.79 0.44
CA MET A 50 5.32 4.15 1.85
C MET A 50 6.74 3.97 2.39
N GLU A 51 7.18 4.91 3.24
CA GLU A 51 8.51 4.85 3.81
C GLU A 51 8.55 3.85 4.97
N LYS A 52 7.73 4.09 5.98
CA LYS A 52 7.66 3.20 7.14
C LYS A 52 7.05 1.86 6.78
N GLU A 53 7.82 0.79 6.95
CA GLU A 53 7.35 -0.55 6.63
C GLU A 53 6.21 -0.95 7.55
N ALA A 54 6.46 -0.93 8.86
CA ALA A 54 5.45 -1.29 9.84
C ALA A 54 4.09 -0.69 9.47
N ASP A 55 4.06 0.62 9.21
CA ASP A 55 2.83 1.29 8.85
C ASP A 55 2.26 0.73 7.55
N ALA A 56 3.14 0.43 6.61
CA ALA A 56 2.72 -0.12 5.31
C ALA A 56 1.78 -1.32 5.51
N LYS A 57 2.28 -2.34 6.21
CA LYS A 57 1.50 -3.54 6.46
C LYS A 57 0.20 -3.19 7.20
N ALA A 58 0.33 -2.54 8.35
CA ALA A 58 -0.82 -2.15 9.14
C ALA A 58 -1.94 -1.60 8.26
N ALA A 59 -1.59 -0.65 7.40
CA ALA A 59 -2.56 -0.03 6.50
C ALA A 59 -3.25 -1.08 5.65
N ILE A 60 -2.46 -1.94 5.02
CA ILE A 60 -3.00 -2.99 4.16
C ILE A 60 -4.02 -3.84 4.92
N ALA A 61 -3.86 -3.91 6.23
CA ALA A 61 -4.77 -4.69 7.07
C ALA A 61 -6.07 -3.93 7.31
N GLN A 62 -5.96 -2.65 7.65
CA GLN A 62 -7.12 -1.81 7.90
C GLN A 62 -7.70 -1.26 6.59
N LEU A 63 -7.02 -1.55 5.49
CA LEU A 63 -7.46 -1.09 4.18
C LEU A 63 -8.01 -2.24 3.35
N ASN A 64 -7.25 -3.34 3.28
CA ASN A 64 -7.66 -4.51 2.52
C ASN A 64 -9.12 -4.86 2.81
N GLY A 65 -10.01 -4.38 1.94
CA GLY A 65 -11.43 -4.65 2.11
C GLY A 65 -12.23 -3.38 2.38
N LYS A 66 -11.64 -2.46 3.13
CA LYS A 66 -12.30 -1.21 3.47
C LYS A 66 -13.18 -0.73 2.31
N GLU A 67 -14.45 -0.51 2.59
CA GLU A 67 -15.39 -0.06 1.56
C GLU A 67 -15.09 1.38 1.15
N VAL A 68 -14.89 1.59 -0.14
CA VAL A 68 -14.60 2.92 -0.67
C VAL A 68 -15.50 3.26 -1.85
N LYS A 69 -16.32 4.28 -1.68
CA LYS A 69 -17.24 4.72 -2.72
C LYS A 69 -18.21 3.60 -3.09
N GLY A 70 -18.65 2.86 -2.08
CA GLY A 70 -19.59 1.78 -2.32
C GLY A 70 -18.90 0.50 -2.75
N LYS A 71 -17.73 0.64 -3.37
CA LYS A 71 -16.97 -0.51 -3.84
C LYS A 71 -15.81 -0.81 -2.88
N ARG A 72 -15.68 -2.08 -2.50
CA ARG A 72 -14.63 -2.50 -1.60
C ARG A 72 -13.29 -2.60 -2.34
N ILE A 73 -12.29 -1.85 -1.87
CA ILE A 73 -10.98 -1.86 -2.48
C ILE A 73 -10.13 -3.01 -1.95
N ASN A 74 -9.34 -3.62 -2.83
CA ASN A 74 -8.48 -4.73 -2.45
C ASN A 74 -7.02 -4.28 -2.36
N VAL A 75 -6.53 -4.13 -1.14
CA VAL A 75 -5.16 -3.72 -0.90
C VAL A 75 -4.27 -4.90 -0.53
N GLU A 76 -3.06 -4.93 -1.07
CA GLU A 76 -2.12 -6.01 -0.79
C GLU A 76 -0.68 -5.55 -1.00
N LEU A 77 0.23 -6.06 -0.18
CA LEU A 77 1.64 -5.70 -0.27
C LEU A 77 2.21 -6.10 -1.63
N SER A 78 2.68 -5.11 -2.38
CA SER A 78 3.26 -5.36 -3.70
C SER A 78 4.59 -6.08 -3.58
N THR A 79 4.96 -6.84 -4.62
CA THR A 79 6.21 -7.57 -4.63
C THR A 79 6.24 -8.62 -3.53
N LYS A 80 5.14 -9.37 -3.40
CA LYS A 80 5.05 -10.42 -2.38
C LYS A 80 6.37 -11.15 -2.22
N GLY A 81 6.74 -11.45 -0.97
CA GLY A 81 7.98 -12.13 -0.69
C GLY A 81 7.77 -13.44 0.04
N GLN A 82 8.79 -13.88 0.77
CA GLN A 82 8.71 -15.12 1.52
C GLN A 82 9.79 -15.18 2.60
N LYS A 83 9.38 -15.50 3.82
CA LYS A 83 10.32 -15.59 4.94
C LYS A 83 10.70 -17.04 5.21
N LYS A 84 11.96 -17.37 4.96
CA LYS A 84 12.46 -18.72 5.17
C LYS A 84 13.40 -18.77 6.38
N SER A 85 12.83 -18.65 7.57
CA SER A 85 13.61 -18.68 8.80
C SER A 85 12.91 -19.50 9.88
N GLY A 86 13.63 -20.47 10.44
CA GLY A 86 13.06 -21.30 11.48
C GLY A 86 13.97 -21.44 12.68
N PRO A 87 14.22 -20.32 13.37
CA PRO A 87 15.08 -20.29 14.56
C PRO A 87 14.45 -21.00 15.75
N SER A 88 15.10 -22.06 16.22
CA SER A 88 14.61 -22.83 17.35
C SER A 88 14.83 -22.08 18.66
N SER A 89 14.02 -22.39 19.66
CA SER A 89 14.13 -21.75 20.97
C SER A 89 14.66 -22.72 22.02
N GLY A 90 13.94 -23.82 22.21
CA GLY A 90 14.36 -24.82 23.18
C GLY A 90 13.75 -26.18 22.92
N GLY A 1 4.51 2.73 -18.16
CA GLY A 1 4.92 3.07 -16.82
C GLY A 1 3.87 3.90 -16.09
N SER A 2 3.34 3.35 -15.01
CA SER A 2 2.32 4.05 -14.22
C SER A 2 2.93 4.65 -12.96
N SER A 3 3.60 3.80 -12.18
CA SER A 3 4.22 4.24 -10.94
C SER A 3 5.38 5.20 -11.22
N GLY A 4 5.72 6.02 -10.23
CA GLY A 4 6.80 6.98 -10.40
C GLY A 4 8.16 6.32 -10.29
N SER A 5 9.21 7.13 -10.26
CA SER A 5 10.58 6.63 -10.17
C SER A 5 10.74 5.70 -8.97
N SER A 6 10.54 4.41 -9.20
CA SER A 6 10.65 3.43 -8.13
C SER A 6 12.09 3.34 -7.62
N GLY A 7 12.35 4.00 -6.50
CA GLY A 7 13.69 3.98 -5.93
C GLY A 7 13.76 3.21 -4.63
N ASN A 8 13.84 3.93 -3.52
CA ASN A 8 13.92 3.30 -2.20
C ASN A 8 12.64 3.57 -1.40
N THR A 9 11.60 2.81 -1.70
CA THR A 9 10.32 2.97 -1.00
C THR A 9 9.45 1.73 -1.18
N TRP A 10 8.49 1.55 -0.27
CA TRP A 10 7.59 0.41 -0.32
C TRP A 10 6.60 0.55 -1.47
N LYS A 11 5.81 -0.50 -1.70
CA LYS A 11 4.83 -0.49 -2.77
C LYS A 11 3.60 -1.31 -2.39
N ILE A 12 2.43 -0.67 -2.41
CA ILE A 12 1.18 -1.34 -2.07
C ILE A 12 0.21 -1.32 -3.24
N PHE A 13 -0.16 -2.52 -3.70
CA PHE A 13 -1.08 -2.64 -4.82
C PHE A 13 -2.53 -2.52 -4.35
N VAL A 14 -3.29 -1.64 -4.99
CA VAL A 14 -4.68 -1.43 -4.64
C VAL A 14 -5.60 -1.66 -5.83
N GLY A 15 -6.39 -2.73 -5.77
CA GLY A 15 -7.30 -3.04 -6.85
C GLY A 15 -8.74 -2.76 -6.51
N ASN A 16 -9.65 -3.06 -7.43
CA ASN A 16 -11.07 -2.83 -7.21
C ASN A 16 -11.34 -1.36 -6.89
N VAL A 17 -10.64 -0.47 -7.58
CA VAL A 17 -10.81 0.97 -7.37
C VAL A 17 -12.02 1.49 -8.12
N SER A 18 -12.94 2.11 -7.40
CA SER A 18 -14.15 2.67 -8.00
C SER A 18 -13.79 3.64 -9.13
N ALA A 19 -14.63 3.64 -10.17
CA ALA A 19 -14.40 4.53 -11.31
C ALA A 19 -14.39 5.98 -10.88
N ALA A 20 -15.26 6.33 -9.95
CA ALA A 20 -15.35 7.70 -9.44
C ALA A 20 -14.44 7.90 -8.24
N CYS A 21 -13.30 7.23 -8.24
CA CYS A 21 -12.34 7.34 -7.15
C CYS A 21 -11.15 8.21 -7.54
N THR A 22 -10.81 9.16 -6.67
CA THR A 22 -9.70 10.07 -6.92
C THR A 22 -8.46 9.63 -6.17
N SER A 23 -7.29 10.04 -6.67
CA SER A 23 -6.02 9.68 -6.04
C SER A 23 -5.98 10.16 -4.59
N GLN A 24 -6.16 11.46 -4.39
CA GLN A 24 -6.15 12.04 -3.05
C GLN A 24 -6.82 11.11 -2.05
N GLU A 25 -7.91 10.48 -2.49
CA GLU A 25 -8.66 9.56 -1.62
C GLU A 25 -7.74 8.47 -1.06
N LEU A 26 -7.23 7.63 -1.96
CA LEU A 26 -6.33 6.55 -1.56
C LEU A 26 -5.10 7.09 -0.84
N ARG A 27 -4.57 8.19 -1.34
CA ARG A 27 -3.39 8.81 -0.75
C ARG A 27 -3.63 9.12 0.72
N SER A 28 -4.68 9.89 0.99
CA SER A 28 -5.02 10.26 2.37
C SER A 28 -5.09 9.04 3.27
N LEU A 29 -5.83 8.03 2.83
CA LEU A 29 -5.97 6.80 3.59
C LEU A 29 -4.62 6.29 4.09
N PHE A 30 -3.69 6.07 3.15
CA PHE A 30 -2.37 5.60 3.51
C PHE A 30 -1.63 6.62 4.36
N GLU A 31 -1.73 7.88 3.98
CA GLU A 31 -1.06 8.96 4.72
C GLU A 31 -1.42 8.91 6.19
N ARG A 32 -2.69 8.58 6.48
CA ARG A 32 -3.16 8.50 7.85
C ARG A 32 -2.61 7.25 8.54
N ARG A 33 -2.56 6.15 7.81
CA ARG A 33 -2.06 4.89 8.33
C ARG A 33 -0.55 4.79 8.16
N GLY A 34 0.08 5.91 7.85
CA GLY A 34 1.53 5.92 7.66
C GLY A 34 1.97 7.01 6.69
N ARG A 35 3.28 7.11 6.49
CA ARG A 35 3.83 8.12 5.60
C ARG A 35 3.72 7.66 4.14
N VAL A 36 3.35 8.60 3.26
CA VAL A 36 3.21 8.30 1.85
C VAL A 36 4.06 9.23 1.00
N ILE A 37 5.12 8.69 0.40
CA ILE A 37 6.01 9.48 -0.43
C ILE A 37 5.44 9.63 -1.84
N GLU A 38 5.17 8.50 -2.50
CA GLU A 38 4.63 8.52 -3.85
C GLU A 38 3.29 7.79 -3.90
N CYS A 39 2.30 8.42 -4.53
CA CYS A 39 0.97 7.83 -4.65
C CYS A 39 0.41 8.04 -6.05
N ASP A 40 0.06 6.94 -6.71
CA ASP A 40 -0.48 7.00 -8.06
C ASP A 40 -1.68 6.06 -8.21
N VAL A 41 -2.55 6.36 -9.17
CA VAL A 41 -3.74 5.55 -9.40
C VAL A 41 -3.82 5.12 -10.87
N VAL A 42 -4.02 3.82 -11.08
CA VAL A 42 -4.11 3.27 -12.43
C VAL A 42 -5.57 3.04 -12.82
N LYS A 43 -5.78 2.73 -14.10
CA LYS A 43 -7.13 2.48 -14.60
C LYS A 43 -8.02 1.88 -13.52
N ASP A 44 -7.82 0.59 -13.23
CA ASP A 44 -8.59 -0.10 -12.21
C ASP A 44 -7.79 -0.26 -10.93
N TYR A 45 -6.51 -0.57 -11.07
CA TYR A 45 -5.63 -0.75 -9.93
C TYR A 45 -4.88 0.54 -9.61
N ALA A 46 -4.05 0.48 -8.57
CA ALA A 46 -3.27 1.65 -8.16
C ALA A 46 -1.99 1.22 -7.44
N PHE A 47 -1.07 2.16 -7.28
CA PHE A 47 0.21 1.89 -6.62
C PHE A 47 0.53 2.98 -5.60
N VAL A 48 0.67 2.59 -4.34
CA VAL A 48 0.98 3.53 -3.27
C VAL A 48 2.27 3.15 -2.55
N HIS A 49 3.27 4.01 -2.63
CA HIS A 49 4.55 3.76 -1.99
C HIS A 49 4.59 4.38 -0.58
N MET A 50 5.20 3.66 0.35
CA MET A 50 5.30 4.13 1.72
C MET A 50 6.73 3.99 2.24
N GLU A 51 7.06 4.77 3.26
CA GLU A 51 8.40 4.73 3.85
C GLU A 51 8.45 3.73 5.01
N LYS A 52 7.65 3.98 6.03
CA LYS A 52 7.61 3.11 7.20
C LYS A 52 7.01 1.75 6.84
N GLU A 53 7.75 0.68 7.11
CA GLU A 53 7.29 -0.67 6.81
C GLU A 53 6.11 -1.04 7.71
N ALA A 54 6.33 -0.98 9.02
CA ALA A 54 5.29 -1.31 9.98
C ALA A 54 3.96 -0.69 9.59
N ASP A 55 4.00 0.58 9.21
CA ASP A 55 2.80 1.30 8.82
C ASP A 55 2.20 0.71 7.54
N ALA A 56 3.07 0.39 6.59
CA ALA A 56 2.64 -0.18 5.32
C ALA A 56 1.71 -1.36 5.54
N LYS A 57 2.20 -2.37 6.26
CA LYS A 57 1.41 -3.56 6.54
C LYS A 57 0.12 -3.19 7.27
N ALA A 58 0.25 -2.53 8.41
CA ALA A 58 -0.90 -2.12 9.20
C ALA A 58 -2.01 -1.58 8.31
N ALA A 59 -1.68 -0.59 7.49
CA ALA A 59 -2.64 0.01 6.58
C ALA A 59 -3.35 -1.05 5.74
N ILE A 60 -2.56 -1.91 5.10
CA ILE A 60 -3.11 -2.97 4.27
C ILE A 60 -4.16 -3.78 5.03
N ALA A 61 -3.97 -3.90 6.34
CA ALA A 61 -4.90 -4.64 7.19
C ALA A 61 -6.17 -3.83 7.44
N GLN A 62 -6.00 -2.55 7.77
CA GLN A 62 -7.12 -1.68 8.04
C GLN A 62 -7.72 -1.12 6.74
N LEU A 63 -7.09 -1.46 5.62
CA LEU A 63 -7.55 -1.01 4.32
C LEU A 63 -8.10 -2.16 3.50
N ASN A 64 -7.32 -3.24 3.41
CA ASN A 64 -7.72 -4.42 2.65
C ASN A 64 -9.18 -4.77 2.93
N GLY A 65 -10.07 -4.30 2.05
CA GLY A 65 -11.49 -4.57 2.22
C GLY A 65 -12.30 -3.32 2.49
N LYS A 66 -11.72 -2.40 3.26
CA LYS A 66 -12.39 -1.15 3.58
C LYS A 66 -13.27 -0.68 2.43
N GLU A 67 -14.56 -0.55 2.69
CA GLU A 67 -15.50 -0.11 1.67
C GLU A 67 -15.19 1.31 1.21
N VAL A 68 -14.84 1.45 -0.07
CA VAL A 68 -14.51 2.76 -0.63
C VAL A 68 -15.39 3.08 -1.83
N LYS A 69 -16.10 4.20 -1.74
CA LYS A 69 -16.99 4.63 -2.81
C LYS A 69 -17.99 3.53 -3.16
N GLY A 70 -18.45 2.82 -2.14
CA GLY A 70 -19.41 1.75 -2.35
C GLY A 70 -18.75 0.45 -2.78
N LYS A 71 -17.57 0.56 -3.37
CA LYS A 71 -16.82 -0.62 -3.82
C LYS A 71 -15.70 -0.96 -2.85
N ARG A 72 -15.65 -2.22 -2.43
CA ARG A 72 -14.62 -2.67 -1.50
C ARG A 72 -13.27 -2.78 -2.20
N ILE A 73 -12.36 -1.87 -1.88
CA ILE A 73 -11.03 -1.88 -2.47
C ILE A 73 -10.18 -3.03 -1.94
N ASN A 74 -9.36 -3.60 -2.81
CA ASN A 74 -8.50 -4.72 -2.43
C ASN A 74 -7.05 -4.27 -2.33
N VAL A 75 -6.57 -4.13 -1.10
CA VAL A 75 -5.19 -3.70 -0.87
C VAL A 75 -4.32 -4.87 -0.42
N GLU A 76 -3.10 -4.91 -0.92
CA GLU A 76 -2.17 -5.98 -0.58
C GLU A 76 -0.72 -5.58 -0.87
N LEU A 77 0.21 -6.09 -0.07
CA LEU A 77 1.62 -5.77 -0.25
C LEU A 77 2.12 -6.26 -1.60
N SER A 78 2.75 -5.36 -2.35
CA SER A 78 3.28 -5.69 -3.67
C SER A 78 4.51 -6.60 -3.55
N THR A 79 5.41 -6.24 -2.66
CA THR A 79 6.63 -7.02 -2.44
C THR A 79 6.35 -8.26 -1.60
N LYS A 80 7.24 -9.24 -1.69
CA LYS A 80 7.09 -10.48 -0.94
C LYS A 80 7.39 -10.25 0.54
N GLY A 81 8.53 -9.62 0.82
CA GLY A 81 8.92 -9.35 2.20
C GLY A 81 10.08 -10.21 2.64
N GLN A 82 10.56 -9.95 3.85
CA GLN A 82 11.70 -10.70 4.40
C GLN A 82 11.22 -11.68 5.47
N LYS A 83 11.96 -12.77 5.64
CA LYS A 83 11.62 -13.78 6.63
C LYS A 83 12.65 -13.81 7.75
N LYS A 84 12.42 -12.99 8.78
CA LYS A 84 13.32 -12.92 9.92
C LYS A 84 12.60 -13.31 11.20
N SER A 85 13.31 -14.04 12.07
CA SER A 85 12.74 -14.48 13.34
C SER A 85 13.68 -14.16 14.50
N GLY A 86 13.10 -13.95 15.68
CA GLY A 86 13.90 -13.64 16.85
C GLY A 86 13.43 -12.39 17.56
N PRO A 87 12.36 -12.52 18.36
CA PRO A 87 11.79 -11.39 19.10
C PRO A 87 12.70 -10.92 20.23
N SER A 88 13.59 -9.98 19.91
CA SER A 88 14.52 -9.45 20.89
C SER A 88 13.78 -8.95 22.13
N SER A 89 12.82 -8.06 21.92
CA SER A 89 12.03 -7.49 23.01
C SER A 89 12.94 -7.02 24.14
N GLY A 90 14.04 -6.37 23.77
CA GLY A 90 14.98 -5.87 24.76
C GLY A 90 15.40 -6.94 25.74
N GLY A 1 13.50 -11.46 -11.29
CA GLY A 1 14.55 -10.74 -10.58
C GLY A 1 14.25 -9.27 -10.42
N SER A 2 15.25 -8.49 -10.05
CA SER A 2 15.09 -7.05 -9.85
C SER A 2 15.21 -6.31 -11.17
N SER A 3 14.19 -5.51 -11.50
CA SER A 3 14.18 -4.74 -12.72
C SER A 3 14.21 -3.25 -12.44
N GLY A 4 15.41 -2.73 -12.17
CA GLY A 4 15.55 -1.31 -11.88
C GLY A 4 14.83 -0.91 -10.62
N SER A 5 15.36 0.09 -9.92
CA SER A 5 14.75 0.58 -8.69
C SER A 5 14.82 2.10 -8.61
N SER A 6 13.67 2.73 -8.41
CA SER A 6 13.60 4.18 -8.31
C SER A 6 13.21 4.62 -6.91
N GLY A 7 14.17 5.19 -6.18
CA GLY A 7 13.90 5.65 -4.83
C GLY A 7 13.44 4.52 -3.92
N ASN A 8 14.28 4.15 -2.96
CA ASN A 8 13.97 3.07 -2.03
C ASN A 8 12.67 3.38 -1.28
N THR A 9 11.60 2.71 -1.67
CA THR A 9 10.30 2.90 -1.04
C THR A 9 9.41 1.68 -1.21
N TRP A 10 8.47 1.50 -0.29
CA TRP A 10 7.55 0.37 -0.35
C TRP A 10 6.57 0.51 -1.51
N LYS A 11 5.79 -0.54 -1.74
CA LYS A 11 4.81 -0.53 -2.82
C LYS A 11 3.57 -1.34 -2.44
N ILE A 12 2.41 -0.70 -2.51
CA ILE A 12 1.15 -1.37 -2.17
C ILE A 12 0.18 -1.32 -3.35
N PHE A 13 -0.22 -2.51 -3.82
CA PHE A 13 -1.15 -2.61 -4.94
C PHE A 13 -2.59 -2.53 -4.45
N VAL A 14 -3.34 -1.57 -5.00
CA VAL A 14 -4.74 -1.39 -4.62
C VAL A 14 -5.66 -1.60 -5.81
N GLY A 15 -6.42 -2.69 -5.78
CA GLY A 15 -7.34 -3.00 -6.87
C GLY A 15 -8.77 -2.69 -6.51
N ASN A 16 -9.69 -3.03 -7.42
CA ASN A 16 -11.11 -2.79 -7.19
C ASN A 16 -11.37 -1.33 -6.85
N VAL A 17 -10.65 -0.43 -7.51
CA VAL A 17 -10.80 1.00 -7.28
C VAL A 17 -12.00 1.57 -8.04
N SER A 18 -12.96 2.10 -7.31
CA SER A 18 -14.16 2.67 -7.93
C SER A 18 -13.79 3.62 -9.07
N ALA A 19 -14.59 3.61 -10.12
CA ALA A 19 -14.35 4.47 -11.28
C ALA A 19 -14.31 5.94 -10.87
N ALA A 20 -15.18 6.31 -9.94
CA ALA A 20 -15.25 7.69 -9.46
C ALA A 20 -14.37 7.89 -8.24
N CYS A 21 -13.22 7.21 -8.22
CA CYS A 21 -12.28 7.31 -7.12
C CYS A 21 -11.11 8.22 -7.48
N THR A 22 -10.84 9.20 -6.62
CA THR A 22 -9.75 10.14 -6.85
C THR A 22 -8.52 9.76 -6.03
N SER A 23 -7.34 9.92 -6.64
CA SER A 23 -6.09 9.60 -5.97
C SER A 23 -6.06 10.18 -4.56
N GLN A 24 -6.36 11.47 -4.46
CA GLN A 24 -6.36 12.15 -3.16
C GLN A 24 -6.98 11.27 -2.09
N GLU A 25 -8.05 10.57 -2.45
CA GLU A 25 -8.73 9.69 -1.51
C GLU A 25 -7.81 8.59 -1.01
N LEU A 26 -7.23 7.84 -1.95
CA LEU A 26 -6.32 6.76 -1.59
C LEU A 26 -5.11 7.28 -0.82
N ARG A 27 -4.46 8.30 -1.39
CA ARG A 27 -3.29 8.90 -0.75
C ARG A 27 -3.57 9.19 0.71
N SER A 28 -4.63 9.95 0.97
CA SER A 28 -4.99 10.31 2.34
C SER A 28 -5.05 9.08 3.23
N LEU A 29 -5.84 8.09 2.81
CA LEU A 29 -5.99 6.85 3.56
C LEU A 29 -4.64 6.37 4.08
N PHE A 30 -3.73 6.06 3.16
CA PHE A 30 -2.40 5.59 3.53
C PHE A 30 -1.68 6.62 4.38
N GLU A 31 -1.76 7.88 3.98
CA GLU A 31 -1.11 8.97 4.71
C GLU A 31 -1.45 8.90 6.20
N ARG A 32 -2.70 8.58 6.49
CA ARG A 32 -3.16 8.49 7.87
C ARG A 32 -2.59 7.25 8.56
N ARG A 33 -2.59 6.13 7.84
CA ARG A 33 -2.08 4.87 8.38
C ARG A 33 -0.56 4.79 8.22
N GLY A 34 0.06 5.93 7.90
CA GLY A 34 1.50 5.96 7.71
C GLY A 34 1.92 6.96 6.66
N ARG A 35 3.22 7.24 6.60
CA ARG A 35 3.75 8.19 5.63
C ARG A 35 3.61 7.65 4.22
N VAL A 36 3.36 8.56 3.27
CA VAL A 36 3.21 8.17 1.87
C VAL A 36 4.02 9.08 0.95
N ILE A 37 5.11 8.55 0.42
CA ILE A 37 5.98 9.31 -0.48
C ILE A 37 5.37 9.41 -1.87
N GLU A 38 5.21 8.28 -2.53
CA GLU A 38 4.64 8.24 -3.87
C GLU A 38 3.26 7.59 -3.86
N CYS A 39 2.33 8.19 -4.60
CA CYS A 39 0.97 7.67 -4.68
C CYS A 39 0.38 7.86 -6.06
N ASP A 40 0.25 6.76 -6.81
CA ASP A 40 -0.29 6.81 -8.16
C ASP A 40 -1.51 5.91 -8.29
N VAL A 41 -2.44 6.31 -9.15
CA VAL A 41 -3.66 5.53 -9.36
C VAL A 41 -3.78 5.08 -10.81
N VAL A 42 -4.05 3.80 -11.02
CA VAL A 42 -4.19 3.25 -12.35
C VAL A 42 -5.65 3.03 -12.70
N LYS A 43 -5.92 2.67 -13.96
CA LYS A 43 -7.27 2.42 -14.43
C LYS A 43 -8.14 1.86 -13.31
N ASP A 44 -7.94 0.58 -13.00
CA ASP A 44 -8.70 -0.09 -11.96
C ASP A 44 -7.85 -0.29 -10.71
N TYR A 45 -6.55 -0.54 -10.92
CA TYR A 45 -5.63 -0.76 -9.82
C TYR A 45 -4.88 0.52 -9.47
N ALA A 46 -4.03 0.45 -8.46
CA ALA A 46 -3.24 1.60 -8.02
C ALA A 46 -1.96 1.16 -7.35
N PHE A 47 -0.99 2.09 -7.25
CA PHE A 47 0.28 1.80 -6.63
C PHE A 47 0.66 2.88 -5.62
N VAL A 48 0.62 2.53 -4.34
CA VAL A 48 0.96 3.47 -3.29
C VAL A 48 2.24 3.07 -2.57
N HIS A 49 3.25 3.94 -2.63
CA HIS A 49 4.54 3.66 -1.99
C HIS A 49 4.62 4.34 -0.63
N MET A 50 5.11 3.62 0.37
CA MET A 50 5.24 4.15 1.72
C MET A 50 6.69 4.08 2.19
N GLU A 51 6.99 4.79 3.27
CA GLU A 51 8.34 4.81 3.82
C GLU A 51 8.45 3.83 5.00
N LYS A 52 7.58 4.01 5.99
CA LYS A 52 7.59 3.16 7.17
C LYS A 52 7.00 1.79 6.85
N GLU A 53 7.79 0.74 7.09
CA GLU A 53 7.35 -0.62 6.82
C GLU A 53 6.19 -1.01 7.74
N ALA A 54 6.43 -0.93 9.05
CA ALA A 54 5.40 -1.27 10.03
C ALA A 54 4.05 -0.69 9.62
N ASP A 55 4.02 0.61 9.37
CA ASP A 55 2.78 1.29 8.98
C ASP A 55 2.23 0.70 7.68
N ALA A 56 3.13 0.36 6.76
CA ALA A 56 2.73 -0.21 5.48
C ALA A 56 1.79 -1.39 5.68
N LYS A 57 2.25 -2.39 6.44
CA LYS A 57 1.45 -3.58 6.71
C LYS A 57 0.14 -3.21 7.40
N ALA A 58 0.24 -2.44 8.48
CA ALA A 58 -0.94 -2.02 9.22
C ALA A 58 -2.03 -1.50 8.29
N ALA A 59 -1.67 -0.53 7.45
CA ALA A 59 -2.61 0.04 6.50
C ALA A 59 -3.28 -1.04 5.66
N ILE A 60 -2.46 -1.89 5.04
CA ILE A 60 -2.98 -2.97 4.21
C ILE A 60 -4.00 -3.81 4.97
N ALA A 61 -3.86 -3.85 6.29
CA ALA A 61 -4.78 -4.62 7.13
C ALA A 61 -6.08 -3.86 7.35
N GLN A 62 -5.97 -2.57 7.65
CA GLN A 62 -7.14 -1.74 7.90
C GLN A 62 -7.71 -1.21 6.58
N LEU A 63 -7.03 -1.53 5.48
CA LEU A 63 -7.47 -1.09 4.16
C LEU A 63 -8.02 -2.25 3.35
N ASN A 64 -7.27 -3.35 3.31
CA ASN A 64 -7.69 -4.54 2.57
C ASN A 64 -9.16 -4.86 2.86
N GLY A 65 -10.05 -4.38 1.99
CA GLY A 65 -11.47 -4.63 2.16
C GLY A 65 -12.25 -3.36 2.41
N LYS A 66 -11.66 -2.44 3.15
CA LYS A 66 -12.31 -1.17 3.47
C LYS A 66 -13.17 -0.71 2.31
N GLU A 67 -14.47 -0.53 2.58
CA GLU A 67 -15.41 -0.09 1.56
C GLU A 67 -15.13 1.36 1.16
N VAL A 68 -14.88 1.57 -0.12
CA VAL A 68 -14.60 2.92 -0.64
C VAL A 68 -15.47 3.22 -1.86
N LYS A 69 -16.31 4.24 -1.73
CA LYS A 69 -17.19 4.64 -2.82
C LYS A 69 -18.15 3.52 -3.20
N GLY A 70 -18.61 2.78 -2.19
CA GLY A 70 -19.53 1.68 -2.43
C GLY A 70 -18.82 0.41 -2.84
N LYS A 71 -17.65 0.56 -3.46
CA LYS A 71 -16.87 -0.58 -3.91
C LYS A 71 -15.75 -0.90 -2.92
N ARG A 72 -15.64 -2.17 -2.55
CA ARG A 72 -14.61 -2.61 -1.61
C ARG A 72 -13.26 -2.71 -2.30
N ILE A 73 -12.33 -1.83 -1.93
CA ILE A 73 -10.99 -1.83 -2.52
C ILE A 73 -10.15 -2.98 -1.97
N ASN A 74 -9.32 -3.55 -2.84
CA ASN A 74 -8.46 -4.67 -2.45
C ASN A 74 -7.00 -4.22 -2.34
N VAL A 75 -6.52 -4.06 -1.12
CA VAL A 75 -5.14 -3.64 -0.89
C VAL A 75 -4.27 -4.83 -0.49
N GLU A 76 -3.05 -4.86 -1.03
CA GLU A 76 -2.11 -5.93 -0.72
C GLU A 76 -0.67 -5.48 -0.94
N LEU A 77 0.23 -6.00 -0.13
CA LEU A 77 1.65 -5.65 -0.23
C LEU A 77 2.24 -6.17 -1.55
N SER A 78 2.59 -5.24 -2.44
CA SER A 78 3.16 -5.60 -3.72
C SER A 78 4.47 -6.37 -3.54
N THR A 79 5.36 -5.82 -2.72
CA THR A 79 6.64 -6.46 -2.46
C THR A 79 6.48 -7.95 -2.17
N LYS A 80 5.59 -8.27 -1.22
CA LYS A 80 5.34 -9.65 -0.86
C LYS A 80 6.57 -10.27 -0.20
N GLY A 81 7.19 -9.52 0.71
CA GLY A 81 8.36 -10.02 1.40
C GLY A 81 9.64 -9.66 0.69
N GLN A 82 10.75 -9.65 1.42
CA GLN A 82 12.04 -9.31 0.85
C GLN A 82 13.18 -9.93 1.66
N LYS A 83 14.33 -10.11 1.02
CA LYS A 83 15.49 -10.70 1.68
C LYS A 83 16.09 -9.73 2.70
N LYS A 84 16.23 -10.19 3.94
CA LYS A 84 16.79 -9.36 5.00
C LYS A 84 17.49 -10.23 6.05
N SER A 85 18.73 -9.87 6.38
CA SER A 85 19.50 -10.61 7.37
C SER A 85 20.05 -9.68 8.44
N GLY A 86 20.71 -8.61 8.00
CA GLY A 86 21.27 -7.66 8.93
C GLY A 86 22.57 -7.06 8.44
N PRO A 87 22.50 -6.27 7.36
CA PRO A 87 23.68 -5.63 6.77
C PRO A 87 24.24 -4.52 7.65
N SER A 88 23.64 -4.34 8.82
CA SER A 88 24.08 -3.31 9.76
C SER A 88 24.76 -3.94 10.97
N SER A 89 25.63 -3.17 11.61
CA SER A 89 26.35 -3.65 12.79
C SER A 89 26.40 -2.58 13.87
N GLY A 90 26.34 -3.01 15.12
CA GLY A 90 26.38 -2.07 16.23
C GLY A 90 27.15 -2.62 17.43
N GLY A 1 18.87 -0.69 14.14
CA GLY A 1 18.19 -0.74 12.87
C GLY A 1 19.15 -0.80 11.70
N SER A 2 18.64 -0.59 10.49
CA SER A 2 19.45 -0.63 9.28
C SER A 2 20.60 0.38 9.38
N SER A 3 20.25 1.64 9.60
CA SER A 3 21.24 2.71 9.70
C SER A 3 21.95 2.92 8.37
N GLY A 4 21.18 2.89 7.28
CA GLY A 4 21.76 3.07 5.96
C GLY A 4 20.71 3.22 4.88
N SER A 5 20.42 4.46 4.49
CA SER A 5 19.43 4.73 3.46
C SER A 5 20.08 5.32 2.21
N SER A 6 19.56 4.92 1.05
CA SER A 6 20.10 5.40 -0.22
C SER A 6 19.00 6.04 -1.06
N GLY A 7 17.86 5.35 -1.16
CA GLY A 7 16.75 5.86 -1.94
C GLY A 7 15.80 4.76 -2.39
N ASN A 8 14.97 4.29 -1.48
CA ASN A 8 14.01 3.23 -1.80
C ASN A 8 12.71 3.43 -1.05
N THR A 9 11.63 2.86 -1.57
CA THR A 9 10.32 2.99 -0.95
C THR A 9 9.49 1.73 -1.18
N TRP A 10 8.50 1.52 -0.32
CA TRP A 10 7.63 0.35 -0.41
C TRP A 10 6.63 0.51 -1.56
N LYS A 11 5.81 -0.50 -1.76
CA LYS A 11 4.80 -0.47 -2.82
C LYS A 11 3.55 -1.25 -2.42
N ILE A 12 2.40 -0.59 -2.52
CA ILE A 12 1.13 -1.22 -2.16
C ILE A 12 0.16 -1.19 -3.33
N PHE A 13 -0.28 -2.38 -3.75
CA PHE A 13 -1.22 -2.50 -4.86
C PHE A 13 -2.66 -2.38 -4.38
N VAL A 14 -3.44 -1.53 -5.03
CA VAL A 14 -4.83 -1.33 -4.67
C VAL A 14 -5.76 -1.63 -5.85
N GLY A 15 -6.51 -2.73 -5.74
CA GLY A 15 -7.42 -3.11 -6.80
C GLY A 15 -8.87 -2.80 -6.46
N ASN A 16 -9.77 -3.04 -7.41
CA ASN A 16 -11.18 -2.78 -7.21
C ASN A 16 -11.42 -1.32 -6.85
N VAL A 17 -10.66 -0.42 -7.46
CA VAL A 17 -10.79 1.00 -7.20
C VAL A 17 -11.96 1.60 -7.96
N SER A 18 -12.96 2.07 -7.22
CA SER A 18 -14.14 2.66 -7.83
C SER A 18 -13.76 3.61 -8.96
N ALA A 19 -14.62 3.67 -9.98
CA ALA A 19 -14.37 4.53 -11.13
C ALA A 19 -14.37 6.00 -10.72
N ALA A 20 -15.27 6.36 -9.80
CA ALA A 20 -15.38 7.73 -9.33
C ALA A 20 -14.48 7.96 -8.12
N CYS A 21 -13.33 7.29 -8.10
CA CYS A 21 -12.38 7.43 -7.00
C CYS A 21 -11.22 8.33 -7.40
N THR A 22 -10.92 9.30 -6.54
CA THR A 22 -9.84 10.25 -6.79
C THR A 22 -8.59 9.87 -6.02
N SER A 23 -7.45 9.85 -6.71
CA SER A 23 -6.18 9.50 -6.10
C SER A 23 -6.05 10.16 -4.72
N GLN A 24 -6.50 11.40 -4.62
CA GLN A 24 -6.43 12.14 -3.37
C GLN A 24 -6.98 11.32 -2.22
N GLU A 25 -8.07 10.60 -2.47
CA GLU A 25 -8.70 9.77 -1.46
C GLU A 25 -7.76 8.65 -1.02
N LEU A 26 -7.31 7.86 -1.98
CA LEU A 26 -6.40 6.75 -1.68
C LEU A 26 -5.19 7.24 -0.89
N ARG A 27 -4.53 8.27 -1.40
CA ARG A 27 -3.36 8.83 -0.74
C ARG A 27 -3.65 9.13 0.72
N SER A 28 -4.73 9.85 0.98
CA SER A 28 -5.12 10.21 2.33
C SER A 28 -5.12 8.98 3.24
N LEU A 29 -5.96 8.00 2.90
CA LEU A 29 -6.05 6.78 3.68
C LEU A 29 -4.67 6.26 4.06
N PHE A 30 -3.86 5.96 3.06
CA PHE A 30 -2.51 5.46 3.28
C PHE A 30 -1.70 6.44 4.14
N GLU A 31 -1.93 7.73 3.92
CA GLU A 31 -1.23 8.76 4.67
C GLU A 31 -1.55 8.68 6.15
N ARG A 32 -2.83 8.81 6.49
CA ARG A 32 -3.27 8.75 7.87
C ARG A 32 -2.70 7.52 8.57
N ARG A 33 -2.63 6.41 7.84
CA ARG A 33 -2.10 5.17 8.40
C ARG A 33 -0.59 5.26 8.60
N GLY A 34 0.06 6.11 7.81
CA GLY A 34 1.49 6.27 7.91
C GLY A 34 2.06 7.18 6.83
N ARG A 35 3.36 7.44 6.91
CA ARG A 35 4.01 8.30 5.94
C ARG A 35 3.85 7.75 4.52
N VAL A 36 3.57 8.64 3.57
CA VAL A 36 3.38 8.23 2.18
C VAL A 36 4.21 9.11 1.24
N ILE A 37 5.27 8.54 0.69
CA ILE A 37 6.14 9.27 -0.23
C ILE A 37 5.47 9.45 -1.59
N GLU A 38 5.18 8.34 -2.25
CA GLU A 38 4.55 8.38 -3.56
C GLU A 38 3.16 7.75 -3.52
N CYS A 39 2.30 8.14 -4.44
CA CYS A 39 0.94 7.62 -4.51
C CYS A 39 0.33 7.85 -5.88
N ASP A 40 0.19 6.77 -6.65
CA ASP A 40 -0.38 6.85 -7.99
C ASP A 40 -1.60 5.94 -8.12
N VAL A 41 -2.40 6.19 -9.15
CA VAL A 41 -3.61 5.40 -9.38
C VAL A 41 -3.69 4.95 -10.84
N VAL A 42 -3.91 3.66 -11.05
CA VAL A 42 -4.01 3.11 -12.40
C VAL A 42 -5.48 2.91 -12.79
N LYS A 43 -5.69 2.55 -14.06
CA LYS A 43 -7.04 2.31 -14.57
C LYS A 43 -7.94 1.77 -13.47
N ASP A 44 -7.79 0.49 -13.15
CA ASP A 44 -8.59 -0.15 -12.11
C ASP A 44 -7.79 -0.32 -10.82
N TYR A 45 -6.52 -0.68 -10.97
CA TYR A 45 -5.64 -0.89 -9.82
C TYR A 45 -4.89 0.39 -9.48
N ALA A 46 -4.14 0.36 -8.39
CA ALA A 46 -3.35 1.51 -7.96
C ALA A 46 -2.02 1.08 -7.36
N PHE A 47 -1.19 2.06 -7.00
CA PHE A 47 0.11 1.78 -6.41
C PHE A 47 0.51 2.88 -5.42
N VAL A 48 0.67 2.50 -4.16
CA VAL A 48 1.05 3.46 -3.12
C VAL A 48 2.35 3.04 -2.44
N HIS A 49 3.34 3.92 -2.48
CA HIS A 49 4.63 3.64 -1.87
C HIS A 49 4.73 4.29 -0.49
N MET A 50 5.23 3.53 0.47
CA MET A 50 5.38 4.04 1.83
C MET A 50 6.82 3.87 2.33
N GLU A 51 7.20 4.68 3.31
CA GLU A 51 8.55 4.62 3.86
C GLU A 51 8.62 3.60 4.99
N LYS A 52 7.89 3.87 6.07
CA LYS A 52 7.87 2.98 7.22
C LYS A 52 7.16 1.67 6.89
N GLU A 53 7.88 0.56 7.04
CA GLU A 53 7.31 -0.76 6.76
C GLU A 53 6.14 -1.06 7.68
N ALA A 54 6.35 -0.86 8.98
CA ALA A 54 5.31 -1.11 9.96
C ALA A 54 3.98 -0.53 9.52
N ASP A 55 4.01 0.72 9.06
CA ASP A 55 2.80 1.40 8.60
C ASP A 55 2.27 0.76 7.32
N ALA A 56 3.19 0.36 6.44
CA ALA A 56 2.82 -0.28 5.18
C ALA A 56 1.84 -1.42 5.41
N LYS A 57 2.25 -2.40 6.18
CA LYS A 57 1.41 -3.56 6.48
C LYS A 57 0.15 -3.13 7.23
N ALA A 58 0.34 -2.39 8.32
CA ALA A 58 -0.78 -1.91 9.12
C ALA A 58 -1.88 -1.33 8.24
N ALA A 59 -1.47 -0.57 7.22
CA ALA A 59 -2.42 0.06 6.31
C ALA A 59 -3.16 -0.99 5.50
N ILE A 60 -2.42 -1.90 4.88
CA ILE A 60 -3.00 -2.96 4.06
C ILE A 60 -4.07 -3.72 4.85
N ALA A 61 -3.89 -3.79 6.16
CA ALA A 61 -4.84 -4.50 7.02
C ALA A 61 -6.08 -3.64 7.27
N GLN A 62 -5.87 -2.37 7.56
CA GLN A 62 -6.97 -1.44 7.82
C GLN A 62 -7.57 -0.92 6.52
N LEU A 63 -6.95 -1.31 5.40
CA LEU A 63 -7.43 -0.89 4.08
C LEU A 63 -8.01 -2.06 3.31
N ASN A 64 -7.25 -3.15 3.25
CA ASN A 64 -7.68 -4.35 2.53
C ASN A 64 -9.12 -4.70 2.89
N GLY A 65 -10.06 -4.35 2.00
CA GLY A 65 -11.45 -4.64 2.24
C GLY A 65 -12.27 -3.38 2.51
N LYS A 66 -11.64 -2.40 3.16
CA LYS A 66 -12.32 -1.15 3.48
C LYS A 66 -13.20 -0.70 2.32
N GLU A 67 -14.48 -0.47 2.60
CA GLU A 67 -15.43 -0.04 1.59
C GLU A 67 -15.13 1.39 1.14
N VAL A 68 -14.94 1.57 -0.16
CA VAL A 68 -14.64 2.88 -0.72
C VAL A 68 -15.50 3.17 -1.95
N LYS A 69 -16.37 4.16 -1.83
CA LYS A 69 -17.25 4.54 -2.93
C LYS A 69 -18.19 3.39 -3.30
N GLY A 70 -18.64 2.66 -2.28
CA GLY A 70 -19.54 1.54 -2.51
C GLY A 70 -18.80 0.28 -2.92
N LYS A 71 -17.62 0.45 -3.51
CA LYS A 71 -16.82 -0.68 -3.95
C LYS A 71 -15.70 -0.98 -2.95
N ARG A 72 -15.65 -2.22 -2.49
CA ARG A 72 -14.63 -2.64 -1.54
C ARG A 72 -13.27 -2.79 -2.22
N ILE A 73 -12.37 -1.84 -1.96
CA ILE A 73 -11.04 -1.87 -2.55
C ILE A 73 -10.21 -3.02 -1.97
N ASN A 74 -9.42 -3.66 -2.82
CA ASN A 74 -8.57 -4.77 -2.39
C ASN A 74 -7.11 -4.36 -2.36
N VAL A 75 -6.58 -4.15 -1.15
CA VAL A 75 -5.19 -3.74 -0.99
C VAL A 75 -4.32 -4.93 -0.58
N GLU A 76 -3.12 -5.01 -1.14
CA GLU A 76 -2.20 -6.09 -0.83
C GLU A 76 -0.75 -5.68 -1.10
N LEU A 77 0.16 -6.20 -0.29
CA LEU A 77 1.57 -5.88 -0.44
C LEU A 77 2.07 -6.25 -1.83
N SER A 78 2.82 -5.35 -2.45
CA SER A 78 3.36 -5.57 -3.79
C SER A 78 4.76 -6.21 -3.72
N THR A 79 4.79 -7.52 -3.55
CA THR A 79 6.06 -8.24 -3.46
C THR A 79 6.08 -9.44 -4.42
N LYS A 80 7.27 -9.81 -4.87
CA LYS A 80 7.43 -10.92 -5.79
C LYS A 80 8.40 -11.95 -5.23
N GLY A 81 9.65 -11.53 -5.04
CA GLY A 81 10.67 -12.42 -4.52
C GLY A 81 10.40 -12.82 -3.08
N GLN A 82 10.02 -14.07 -2.87
CA GLN A 82 9.73 -14.56 -1.53
C GLN A 82 11.03 -14.92 -0.80
N LYS A 83 11.51 -13.99 0.01
CA LYS A 83 12.74 -14.21 0.78
C LYS A 83 12.44 -14.28 2.26
N LYS A 84 13.23 -15.08 2.99
CA LYS A 84 13.05 -15.24 4.42
C LYS A 84 13.96 -14.28 5.19
N SER A 85 13.41 -13.14 5.58
CA SER A 85 14.17 -12.13 6.32
C SER A 85 14.80 -12.75 7.57
N GLY A 86 16.03 -12.32 7.86
CA GLY A 86 16.73 -12.84 9.03
C GLY A 86 16.33 -12.14 10.31
N PRO A 87 16.77 -12.68 11.45
CA PRO A 87 16.46 -12.11 12.76
C PRO A 87 17.15 -10.78 13.00
N SER A 88 16.86 -10.15 14.14
CA SER A 88 17.46 -8.87 14.48
C SER A 88 17.50 -8.69 16.00
N SER A 89 18.27 -7.69 16.44
CA SER A 89 18.40 -7.41 17.86
C SER A 89 17.12 -6.81 18.42
N GLY A 90 16.51 -7.50 19.37
CA GLY A 90 15.28 -7.02 19.99
C GLY A 90 14.91 -7.78 21.24
N GLY A 1 5.42 -13.22 -9.25
CA GLY A 1 6.81 -12.92 -8.97
C GLY A 1 6.98 -12.14 -7.68
N SER A 2 7.90 -12.58 -6.83
CA SER A 2 8.15 -11.92 -5.56
C SER A 2 9.51 -11.21 -5.59
N SER A 3 10.52 -11.89 -6.10
CA SER A 3 11.86 -11.34 -6.18
C SER A 3 11.85 -10.02 -6.96
N GLY A 4 12.74 -9.10 -6.58
CA GLY A 4 12.82 -7.82 -7.25
C GLY A 4 12.56 -6.66 -6.32
N SER A 5 13.41 -5.64 -6.40
CA SER A 5 13.27 -4.47 -5.55
C SER A 5 13.26 -3.19 -6.38
N SER A 6 12.08 -2.59 -6.51
CA SER A 6 11.93 -1.37 -7.29
C SER A 6 12.06 -0.14 -6.39
N GLY A 7 13.10 0.65 -6.64
CA GLY A 7 13.32 1.85 -5.85
C GLY A 7 13.66 1.54 -4.40
N ASN A 8 13.46 2.51 -3.52
CA ASN A 8 13.74 2.33 -2.11
C ASN A 8 12.46 2.34 -1.28
N THR A 9 11.49 3.13 -1.72
CA THR A 9 10.21 3.24 -1.03
C THR A 9 9.38 1.99 -1.22
N TRP A 10 8.42 1.77 -0.32
CA TRP A 10 7.55 0.60 -0.39
C TRP A 10 6.55 0.74 -1.53
N LYS A 11 5.78 -0.31 -1.76
CA LYS A 11 4.78 -0.32 -2.83
C LYS A 11 3.56 -1.16 -2.44
N ILE A 12 2.39 -0.55 -2.49
CA ILE A 12 1.16 -1.25 -2.15
C ILE A 12 0.17 -1.22 -3.30
N PHE A 13 -0.17 -2.40 -3.82
CA PHE A 13 -1.11 -2.51 -4.93
C PHE A 13 -2.55 -2.45 -4.44
N VAL A 14 -3.33 -1.54 -5.00
CA VAL A 14 -4.72 -1.38 -4.61
C VAL A 14 -5.65 -1.58 -5.81
N GLY A 15 -6.44 -2.66 -5.77
CA GLY A 15 -7.35 -2.95 -6.85
C GLY A 15 -8.79 -2.65 -6.48
N ASN A 16 -9.70 -2.90 -7.42
CA ASN A 16 -11.12 -2.66 -7.19
C ASN A 16 -11.38 -1.19 -6.88
N VAL A 17 -10.66 -0.31 -7.56
CA VAL A 17 -10.80 1.12 -7.36
C VAL A 17 -12.03 1.66 -8.11
N SER A 18 -12.93 2.30 -7.36
CA SER A 18 -14.15 2.86 -7.94
C SER A 18 -13.82 3.84 -9.05
N ALA A 19 -14.56 3.76 -10.14
CA ALA A 19 -14.35 4.65 -11.28
C ALA A 19 -14.43 6.12 -10.86
N ALA A 20 -15.30 6.39 -9.90
CA ALA A 20 -15.48 7.76 -9.40
C ALA A 20 -14.57 8.02 -8.20
N CYS A 21 -13.42 7.36 -8.18
CA CYS A 21 -12.47 7.52 -7.09
C CYS A 21 -11.26 8.35 -7.54
N THR A 22 -10.82 9.26 -6.67
CA THR A 22 -9.68 10.12 -6.97
C THR A 22 -8.41 9.61 -6.29
N SER A 23 -7.28 9.84 -6.95
CA SER A 23 -6.00 9.40 -6.41
C SER A 23 -5.80 9.91 -4.99
N GLN A 24 -5.99 11.21 -4.81
CA GLN A 24 -5.83 11.83 -3.49
C GLN A 24 -6.46 10.96 -2.40
N GLU A 25 -7.62 10.39 -2.71
CA GLU A 25 -8.32 9.53 -1.76
C GLU A 25 -7.38 8.48 -1.18
N LEU A 26 -7.05 7.48 -2.00
CA LEU A 26 -6.16 6.40 -1.58
C LEU A 26 -4.96 6.95 -0.81
N ARG A 27 -4.43 8.07 -1.29
CA ARG A 27 -3.28 8.70 -0.64
C ARG A 27 -3.61 9.06 0.81
N SER A 28 -4.68 9.81 1.00
CA SER A 28 -5.09 10.24 2.33
C SER A 28 -5.15 9.06 3.28
N LEU A 29 -5.75 7.96 2.83
CA LEU A 29 -5.86 6.76 3.64
C LEU A 29 -4.50 6.29 4.13
N PHE A 30 -3.62 5.95 3.20
CA PHE A 30 -2.27 5.49 3.53
C PHE A 30 -1.52 6.57 4.31
N GLU A 31 -1.91 7.82 4.12
CA GLU A 31 -1.28 8.93 4.81
C GLU A 31 -1.60 8.92 6.29
N ARG A 32 -2.87 8.62 6.61
CA ARG A 32 -3.31 8.57 8.00
C ARG A 32 -2.76 7.35 8.71
N ARG A 33 -2.59 6.26 7.97
CA ARG A 33 -2.07 5.01 8.52
C ARG A 33 -0.55 5.02 8.53
N GLY A 34 0.05 6.08 7.98
CA GLY A 34 1.50 6.19 7.94
C GLY A 34 1.97 7.21 6.93
N ARG A 35 3.28 7.26 6.70
CA ARG A 35 3.86 8.19 5.76
C ARG A 35 3.67 7.70 4.32
N VAL A 36 3.40 8.63 3.42
CA VAL A 36 3.19 8.29 2.01
C VAL A 36 4.02 9.20 1.10
N ILE A 37 5.14 8.67 0.62
CA ILE A 37 6.02 9.43 -0.26
C ILE A 37 5.40 9.61 -1.65
N GLU A 38 4.97 8.50 -2.25
CA GLU A 38 4.36 8.54 -3.57
C GLU A 38 2.99 7.86 -3.55
N CYS A 39 2.23 8.07 -4.61
CA CYS A 39 0.90 7.49 -4.72
C CYS A 39 0.27 7.80 -6.08
N ASP A 40 0.08 6.75 -6.87
CA ASP A 40 -0.51 6.90 -8.20
C ASP A 40 -1.72 5.98 -8.38
N VAL A 41 -2.53 6.26 -9.39
CA VAL A 41 -3.72 5.46 -9.66
C VAL A 41 -3.71 4.94 -11.10
N VAL A 42 -4.02 3.65 -11.26
CA VAL A 42 -4.04 3.03 -12.57
C VAL A 42 -5.47 2.79 -13.04
N LYS A 43 -5.62 2.36 -14.29
CA LYS A 43 -6.93 2.10 -14.85
C LYS A 43 -7.90 1.61 -13.78
N ASP A 44 -7.76 0.36 -13.39
CA ASP A 44 -8.62 -0.23 -12.36
C ASP A 44 -7.88 -0.34 -11.03
N TYR A 45 -6.59 -0.66 -11.10
CA TYR A 45 -5.78 -0.81 -9.90
C TYR A 45 -5.01 0.48 -9.60
N ALA A 46 -4.23 0.45 -8.53
CA ALA A 46 -3.43 1.62 -8.14
C ALA A 46 -2.13 1.20 -7.47
N PHE A 47 -1.30 2.18 -7.13
CA PHE A 47 -0.02 1.91 -6.49
C PHE A 47 0.32 2.99 -5.47
N VAL A 48 0.53 2.58 -4.23
CA VAL A 48 0.87 3.52 -3.17
C VAL A 48 2.21 3.16 -2.53
N HIS A 49 3.12 4.13 -2.50
CA HIS A 49 4.44 3.92 -1.91
C HIS A 49 4.52 4.54 -0.53
N MET A 50 5.02 3.77 0.44
CA MET A 50 5.16 4.24 1.81
C MET A 50 6.61 4.13 2.29
N GLU A 51 6.92 4.84 3.36
CA GLU A 51 8.27 4.81 3.92
C GLU A 51 8.37 3.79 5.05
N LYS A 52 7.66 4.05 6.15
CA LYS A 52 7.66 3.15 7.29
C LYS A 52 7.02 1.81 6.94
N GLU A 53 7.79 0.74 7.11
CA GLU A 53 7.29 -0.60 6.81
C GLU A 53 6.12 -0.96 7.73
N ALA A 54 6.34 -0.82 9.03
CA ALA A 54 5.31 -1.14 10.02
C ALA A 54 3.96 -0.57 9.60
N ASP A 55 3.93 0.72 9.26
CA ASP A 55 2.70 1.37 8.83
C ASP A 55 2.18 0.75 7.55
N ALA A 56 3.08 0.45 6.62
CA ALA A 56 2.70 -0.14 5.35
C ALA A 56 1.77 -1.32 5.55
N LYS A 57 2.25 -2.35 6.24
CA LYS A 57 1.46 -3.55 6.50
C LYS A 57 0.19 -3.19 7.28
N ALA A 58 0.37 -2.54 8.43
CA ALA A 58 -0.75 -2.14 9.27
C ALA A 58 -1.90 -1.60 8.43
N ALA A 59 -1.58 -0.73 7.48
CA ALA A 59 -2.58 -0.15 6.61
C ALA A 59 -3.28 -1.21 5.77
N ILE A 60 -2.49 -1.98 5.03
CA ILE A 60 -3.02 -3.05 4.18
C ILE A 60 -4.05 -3.88 4.95
N ALA A 61 -3.86 -4.01 6.25
CA ALA A 61 -4.77 -4.78 7.08
C ALA A 61 -6.06 -4.02 7.33
N GLN A 62 -5.93 -2.74 7.67
CA GLN A 62 -7.10 -1.90 7.94
C GLN A 62 -7.68 -1.35 6.63
N LEU A 63 -7.02 -1.66 5.53
CA LEU A 63 -7.47 -1.19 4.21
C LEU A 63 -8.04 -2.34 3.39
N ASN A 64 -7.30 -3.44 3.32
CA ASN A 64 -7.73 -4.61 2.57
C ASN A 64 -9.20 -4.93 2.87
N GLY A 65 -10.08 -4.45 2.00
CA GLY A 65 -11.50 -4.69 2.18
C GLY A 65 -12.28 -3.42 2.46
N LYS A 66 -11.68 -2.51 3.23
CA LYS A 66 -12.32 -1.25 3.56
C LYS A 66 -13.18 -0.75 2.41
N GLU A 67 -14.47 -0.53 2.69
CA GLU A 67 -15.39 -0.05 1.68
C GLU A 67 -15.09 1.40 1.29
N VAL A 68 -14.85 1.63 0.01
CA VAL A 68 -14.54 2.97 -0.48
C VAL A 68 -15.41 3.32 -1.69
N LYS A 69 -16.26 4.33 -1.52
CA LYS A 69 -17.14 4.76 -2.60
C LYS A 69 -18.14 3.67 -2.97
N GLY A 70 -18.56 2.89 -1.97
CA GLY A 70 -19.51 1.83 -2.21
C GLY A 70 -18.84 0.56 -2.71
N LYS A 71 -17.61 0.70 -3.20
CA LYS A 71 -16.86 -0.44 -3.70
C LYS A 71 -15.72 -0.82 -2.76
N ARG A 72 -15.66 -2.08 -2.39
CA ARG A 72 -14.61 -2.57 -1.48
C ARG A 72 -13.27 -2.67 -2.21
N ILE A 73 -12.32 -1.85 -1.79
CA ILE A 73 -11.00 -1.84 -2.39
C ILE A 73 -10.15 -3.00 -1.88
N ASN A 74 -9.34 -3.58 -2.77
CA ASN A 74 -8.49 -4.70 -2.41
C ASN A 74 -7.03 -4.27 -2.33
N VAL A 75 -6.51 -4.13 -1.12
CA VAL A 75 -5.13 -3.72 -0.92
C VAL A 75 -4.24 -4.92 -0.58
N GLU A 76 -3.02 -4.92 -1.09
CA GLU A 76 -2.08 -6.00 -0.83
C GLU A 76 -0.65 -5.57 -1.16
N LEU A 77 0.29 -6.00 -0.32
CA LEU A 77 1.69 -5.66 -0.51
C LEU A 77 2.19 -6.13 -1.88
N SER A 78 2.67 -5.18 -2.68
CA SER A 78 3.17 -5.49 -4.01
C SER A 78 4.51 -6.22 -3.93
N THR A 79 5.50 -5.56 -3.36
CA THR A 79 6.84 -6.14 -3.22
C THR A 79 7.02 -6.79 -1.85
N LYS A 80 7.46 -8.04 -1.86
CA LYS A 80 7.67 -8.78 -0.62
C LYS A 80 9.15 -8.89 -0.29
N GLY A 81 9.65 -7.99 0.55
CA GLY A 81 11.05 -8.01 0.92
C GLY A 81 11.25 -8.09 2.42
N GLN A 82 10.98 -9.26 3.00
CA GLN A 82 11.13 -9.45 4.43
C GLN A 82 11.05 -10.93 4.80
N LYS A 83 12.03 -11.41 5.56
CA LYS A 83 12.05 -12.81 5.98
C LYS A 83 11.76 -12.93 7.46
N LYS A 84 11.33 -14.12 7.87
CA LYS A 84 11.00 -14.38 9.27
C LYS A 84 11.95 -13.62 10.20
N SER A 85 11.43 -12.59 10.86
CA SER A 85 12.22 -11.79 11.78
C SER A 85 12.71 -12.63 12.95
N GLY A 86 13.75 -12.13 13.63
CA GLY A 86 14.30 -12.85 14.77
C GLY A 86 15.68 -13.42 14.49
N PRO A 87 16.66 -12.53 14.32
CA PRO A 87 18.04 -12.91 14.05
C PRO A 87 18.71 -13.57 15.26
N SER A 88 18.43 -13.04 16.44
CA SER A 88 19.00 -13.57 17.67
C SER A 88 18.37 -12.91 18.89
N SER A 89 18.53 -13.55 20.05
CA SER A 89 17.97 -13.03 21.29
C SER A 89 18.41 -11.59 21.53
N GLY A 90 17.53 -10.79 22.12
CA GLY A 90 17.84 -9.41 22.39
C GLY A 90 16.61 -8.58 22.71
N GLY A 1 28.99 -0.30 -2.76
CA GLY A 1 27.56 -0.29 -2.51
C GLY A 1 26.99 -1.68 -2.39
N SER A 2 27.21 -2.30 -1.22
CA SER A 2 26.70 -3.64 -0.97
C SER A 2 25.19 -3.63 -0.73
N SER A 3 24.43 -3.60 -1.81
CA SER A 3 22.97 -3.57 -1.72
C SER A 3 22.44 -4.91 -1.21
N GLY A 4 21.60 -4.85 -0.18
CA GLY A 4 21.04 -6.06 0.38
C GLY A 4 19.53 -5.99 0.54
N SER A 5 19.08 -5.45 1.67
CA SER A 5 17.65 -5.32 1.94
C SER A 5 17.12 -3.97 1.46
N SER A 6 17.64 -2.90 2.07
CA SER A 6 17.22 -1.55 1.70
C SER A 6 17.42 -1.30 0.21
N GLY A 7 16.32 -1.07 -0.51
CA GLY A 7 16.41 -0.82 -1.93
C GLY A 7 15.68 0.45 -2.34
N ASN A 8 14.38 0.50 -2.10
CA ASN A 8 13.58 1.66 -2.45
C ASN A 8 12.29 1.70 -1.63
N THR A 9 11.51 2.77 -1.80
CA THR A 9 10.26 2.92 -1.08
C THR A 9 9.36 1.71 -1.26
N TRP A 10 8.48 1.48 -0.29
CA TRP A 10 7.56 0.35 -0.35
C TRP A 10 6.59 0.50 -1.52
N LYS A 11 5.77 -0.53 -1.73
CA LYS A 11 4.79 -0.52 -2.81
C LYS A 11 3.56 -1.33 -2.44
N ILE A 12 2.40 -0.69 -2.45
CA ILE A 12 1.15 -1.37 -2.12
C ILE A 12 0.17 -1.32 -3.29
N PHE A 13 -0.20 -2.50 -3.79
CA PHE A 13 -1.13 -2.60 -4.90
C PHE A 13 -2.58 -2.50 -4.43
N VAL A 14 -3.32 -1.55 -4.99
CA VAL A 14 -4.71 -1.35 -4.62
C VAL A 14 -5.63 -1.60 -5.81
N GLY A 15 -6.39 -2.69 -5.75
CA GLY A 15 -7.31 -3.01 -6.84
C GLY A 15 -8.75 -2.71 -6.48
N ASN A 16 -9.64 -2.87 -7.45
CA ASN A 16 -11.06 -2.61 -7.24
C ASN A 16 -11.29 -1.16 -6.85
N VAL A 17 -10.58 -0.25 -7.52
CA VAL A 17 -10.71 1.17 -7.26
C VAL A 17 -11.93 1.76 -7.97
N SER A 18 -12.96 2.08 -7.21
CA SER A 18 -14.19 2.64 -7.77
C SER A 18 -13.86 3.58 -8.92
N ALA A 19 -14.54 3.38 -10.05
CA ALA A 19 -14.33 4.22 -11.22
C ALA A 19 -14.36 5.70 -10.86
N ALA A 20 -15.26 6.06 -9.95
CA ALA A 20 -15.39 7.45 -9.52
C ALA A 20 -14.54 7.71 -8.28
N CYS A 21 -13.37 7.08 -8.23
CA CYS A 21 -12.46 7.25 -7.09
C CYS A 21 -11.29 8.16 -7.46
N THR A 22 -10.95 9.07 -6.56
CA THR A 22 -9.85 10.00 -6.79
C THR A 22 -8.58 9.54 -6.07
N SER A 23 -7.43 9.90 -6.62
CA SER A 23 -6.14 9.52 -6.04
C SER A 23 -6.04 10.02 -4.60
N GLN A 24 -6.38 11.30 -4.41
CA GLN A 24 -6.32 11.91 -3.08
C GLN A 24 -6.94 10.99 -2.04
N GLU A 25 -8.04 10.34 -2.40
CA GLU A 25 -8.74 9.44 -1.49
C GLU A 25 -7.78 8.37 -0.95
N LEU A 26 -7.24 7.56 -1.85
CA LEU A 26 -6.32 6.50 -1.48
C LEU A 26 -5.11 7.07 -0.75
N ARG A 27 -4.56 8.15 -1.28
CA ARG A 27 -3.39 8.79 -0.68
C ARG A 27 -3.65 9.10 0.80
N SER A 28 -4.75 9.80 1.07
CA SER A 28 -5.11 10.17 2.43
C SER A 28 -5.13 8.94 3.33
N LEU A 29 -5.81 7.90 2.88
CA LEU A 29 -5.92 6.67 3.65
C LEU A 29 -4.55 6.21 4.15
N PHE A 30 -3.62 5.98 3.23
CA PHE A 30 -2.28 5.55 3.57
C PHE A 30 -1.57 6.60 4.42
N GLU A 31 -1.65 7.86 4.00
CA GLU A 31 -1.03 8.95 4.73
C GLU A 31 -1.40 8.91 6.21
N ARG A 32 -2.66 8.60 6.48
CA ARG A 32 -3.15 8.54 7.85
C ARG A 32 -2.60 7.31 8.56
N ARG A 33 -2.47 6.21 7.82
CA ARG A 33 -1.97 4.95 8.37
C ARG A 33 -0.45 4.87 8.20
N GLY A 34 0.17 6.01 7.90
CA GLY A 34 1.61 6.03 7.72
C GLY A 34 2.06 7.08 6.72
N ARG A 35 3.35 7.16 6.49
CA ARG A 35 3.90 8.14 5.55
C ARG A 35 3.75 7.66 4.12
N VAL A 36 3.45 8.58 3.20
CA VAL A 36 3.27 8.25 1.80
C VAL A 36 4.11 9.16 0.91
N ILE A 37 5.19 8.60 0.34
CA ILE A 37 6.06 9.36 -0.53
C ILE A 37 5.49 9.47 -1.93
N GLU A 38 5.22 8.33 -2.54
CA GLU A 38 4.67 8.29 -3.89
C GLU A 38 3.27 7.67 -3.89
N CYS A 39 2.35 8.29 -4.63
CA CYS A 39 0.98 7.81 -4.71
C CYS A 39 0.43 7.98 -6.12
N ASP A 40 0.28 6.87 -6.84
CA ASP A 40 -0.25 6.90 -8.20
C ASP A 40 -1.47 6.01 -8.34
N VAL A 41 -2.37 6.38 -9.25
CA VAL A 41 -3.60 5.62 -9.47
C VAL A 41 -3.69 5.16 -10.92
N VAL A 42 -3.93 3.85 -11.10
CA VAL A 42 -4.05 3.29 -12.44
C VAL A 42 -5.51 3.08 -12.82
N LYS A 43 -5.74 2.75 -14.08
CA LYS A 43 -7.09 2.52 -14.58
C LYS A 43 -7.98 1.96 -13.47
N ASP A 44 -7.81 0.68 -13.18
CA ASP A 44 -8.59 0.01 -12.14
C ASP A 44 -7.79 -0.14 -10.86
N TYR A 45 -6.53 -0.53 -11.00
CA TYR A 45 -5.66 -0.72 -9.85
C TYR A 45 -4.89 0.57 -9.53
N ALA A 46 -4.09 0.52 -8.48
CA ALA A 46 -3.30 1.68 -8.07
C ALA A 46 -2.03 1.26 -7.33
N PHE A 47 -1.08 2.17 -7.23
CA PHE A 47 0.18 1.88 -6.56
C PHE A 47 0.52 2.99 -5.56
N VAL A 48 0.69 2.61 -4.30
CA VAL A 48 1.02 3.57 -3.25
C VAL A 48 2.29 3.15 -2.50
N HIS A 49 3.33 3.96 -2.62
CA HIS A 49 4.60 3.67 -1.95
C HIS A 49 4.62 4.30 -0.56
N MET A 50 5.25 3.60 0.37
CA MET A 50 5.35 4.08 1.75
C MET A 50 6.79 3.98 2.26
N GLU A 51 7.12 4.79 3.26
CA GLU A 51 8.44 4.78 3.85
C GLU A 51 8.53 3.80 5.01
N LYS A 52 7.69 4.00 6.01
CA LYS A 52 7.67 3.13 7.18
C LYS A 52 7.02 1.79 6.86
N GLU A 53 7.75 0.71 7.11
CA GLU A 53 7.24 -0.63 6.85
C GLU A 53 6.08 -0.97 7.78
N ALA A 54 6.34 -0.96 9.08
CA ALA A 54 5.30 -1.26 10.07
C ALA A 54 3.96 -0.66 9.66
N ASP A 55 3.99 0.60 9.22
CA ASP A 55 2.77 1.27 8.80
C ASP A 55 2.20 0.63 7.54
N ALA A 56 3.06 0.40 6.56
CA ALA A 56 2.64 -0.20 5.30
C ALA A 56 1.71 -1.39 5.55
N LYS A 57 2.15 -2.32 6.38
CA LYS A 57 1.35 -3.50 6.70
C LYS A 57 0.06 -3.11 7.42
N ALA A 58 0.20 -2.39 8.52
CA ALA A 58 -0.96 -1.95 9.29
C ALA A 58 -2.06 -1.43 8.38
N ALA A 59 -1.71 -0.54 7.46
CA ALA A 59 -2.67 0.02 6.53
C ALA A 59 -3.34 -1.07 5.71
N ILE A 60 -2.53 -1.89 5.04
CA ILE A 60 -3.06 -2.98 4.22
C ILE A 60 -4.09 -3.80 4.99
N ALA A 61 -3.95 -3.83 6.32
CA ALA A 61 -4.86 -4.57 7.16
C ALA A 61 -6.17 -3.81 7.36
N GLN A 62 -6.07 -2.52 7.66
CA GLN A 62 -7.25 -1.69 7.87
C GLN A 62 -7.79 -1.17 6.54
N LEU A 63 -7.10 -1.50 5.46
CA LEU A 63 -7.52 -1.06 4.13
C LEU A 63 -8.08 -2.23 3.32
N ASN A 64 -7.34 -3.33 3.30
CA ASN A 64 -7.77 -4.53 2.57
C ASN A 64 -9.22 -4.86 2.88
N GLY A 65 -10.12 -4.40 2.00
CA GLY A 65 -11.53 -4.67 2.20
C GLY A 65 -12.33 -3.40 2.43
N LYS A 66 -11.71 -2.43 3.12
CA LYS A 66 -12.37 -1.17 3.41
C LYS A 66 -13.22 -0.71 2.24
N GLU A 67 -14.50 -0.44 2.52
CA GLU A 67 -15.42 0.01 1.47
C GLU A 67 -15.11 1.44 1.06
N VAL A 68 -14.83 1.63 -0.23
CA VAL A 68 -14.52 2.95 -0.76
C VAL A 68 -15.44 3.31 -1.92
N LYS A 69 -16.34 4.26 -1.68
CA LYS A 69 -17.28 4.69 -2.72
C LYS A 69 -18.23 3.56 -3.09
N GLY A 70 -18.67 2.80 -2.09
CA GLY A 70 -19.59 1.70 -2.34
C GLY A 70 -18.86 0.43 -2.77
N LYS A 71 -17.70 0.60 -3.40
CA LYS A 71 -16.92 -0.54 -3.85
C LYS A 71 -15.78 -0.85 -2.88
N ARG A 72 -15.64 -2.11 -2.52
CA ARG A 72 -14.60 -2.53 -1.60
C ARG A 72 -13.26 -2.65 -2.32
N ILE A 73 -12.31 -1.82 -1.91
CA ILE A 73 -10.98 -1.82 -2.52
C ILE A 73 -10.13 -2.96 -1.97
N ASN A 74 -9.34 -3.57 -2.83
CA ASN A 74 -8.48 -4.68 -2.43
C ASN A 74 -7.02 -4.22 -2.33
N VAL A 75 -6.54 -4.06 -1.10
CA VAL A 75 -5.17 -3.63 -0.86
C VAL A 75 -4.30 -4.80 -0.42
N GLU A 76 -3.09 -4.87 -0.97
CA GLU A 76 -2.15 -5.94 -0.63
C GLU A 76 -0.72 -5.53 -0.93
N LEU A 77 0.21 -5.95 -0.06
CA LEU A 77 1.62 -5.62 -0.24
C LEU A 77 2.14 -6.13 -1.57
N SER A 78 2.76 -5.24 -2.34
CA SER A 78 3.30 -5.60 -3.65
C SER A 78 4.68 -6.24 -3.51
N THR A 79 4.82 -7.11 -2.51
CA THR A 79 6.08 -7.79 -2.27
C THR A 79 5.87 -9.29 -2.05
N LYS A 80 6.84 -10.09 -2.47
CA LYS A 80 6.76 -11.54 -2.30
C LYS A 80 7.53 -11.99 -1.07
N GLY A 81 7.05 -13.05 -0.44
CA GLY A 81 7.71 -13.57 0.75
C GLY A 81 6.87 -14.59 1.48
N GLN A 82 6.82 -15.81 0.96
CA GLN A 82 6.04 -16.88 1.57
C GLN A 82 6.85 -17.59 2.65
N LYS A 83 7.56 -16.81 3.46
CA LYS A 83 8.37 -17.37 4.53
C LYS A 83 8.50 -16.38 5.68
N LYS A 84 8.51 -16.90 6.91
CA LYS A 84 8.63 -16.06 8.09
C LYS A 84 10.07 -15.66 8.33
N SER A 85 10.37 -14.38 8.11
CA SER A 85 11.72 -13.86 8.29
C SER A 85 12.02 -13.65 9.77
N GLY A 86 13.29 -13.39 10.09
CA GLY A 86 13.68 -13.18 11.47
C GLY A 86 13.90 -14.48 12.22
N PRO A 87 15.03 -14.56 12.95
CA PRO A 87 15.38 -15.75 13.73
C PRO A 87 14.47 -15.94 14.93
N SER A 88 13.68 -17.01 14.90
CA SER A 88 12.75 -17.31 15.98
C SER A 88 13.49 -17.39 17.32
N SER A 89 14.55 -18.17 17.35
CA SER A 89 15.34 -18.33 18.58
C SER A 89 16.82 -18.05 18.30
N GLY A 90 17.31 -16.94 18.84
CA GLY A 90 18.70 -16.57 18.66
C GLY A 90 19.47 -16.53 19.96
N GLY A 1 23.68 -0.86 8.56
CA GLY A 1 22.29 -1.07 8.20
C GLY A 1 22.07 -1.09 6.70
N SER A 2 20.81 -1.06 6.29
CA SER A 2 20.47 -1.08 4.87
C SER A 2 19.71 0.18 4.48
N SER A 3 20.45 1.19 4.03
CA SER A 3 19.84 2.46 3.62
C SER A 3 19.43 2.41 2.15
N GLY A 4 18.67 3.41 1.71
CA GLY A 4 18.22 3.46 0.34
C GLY A 4 19.12 4.33 -0.53
N SER A 5 19.76 3.70 -1.51
CA SER A 5 20.66 4.42 -2.40
C SER A 5 19.90 5.47 -3.22
N SER A 6 18.82 5.03 -3.87
CA SER A 6 18.01 5.94 -4.69
C SER A 6 16.70 6.25 -3.99
N GLY A 7 16.77 6.46 -2.68
CA GLY A 7 15.58 6.77 -1.91
C GLY A 7 14.47 5.76 -2.11
N ASN A 8 14.84 4.48 -2.12
CA ASN A 8 13.87 3.41 -2.30
C ASN A 8 12.69 3.56 -1.34
N THR A 9 11.51 3.14 -1.78
CA THR A 9 10.31 3.22 -0.96
C THR A 9 9.44 1.98 -1.12
N TRP A 10 8.47 1.83 -0.23
CA TRP A 10 7.57 0.69 -0.27
C TRP A 10 6.57 0.82 -1.40
N LYS A 11 5.80 -0.23 -1.65
CA LYS A 11 4.80 -0.23 -2.71
C LYS A 11 3.61 -1.12 -2.35
N ILE A 12 2.41 -0.56 -2.44
CA ILE A 12 1.19 -1.30 -2.12
C ILE A 12 0.20 -1.24 -3.26
N PHE A 13 -0.16 -2.41 -3.79
CA PHE A 13 -1.11 -2.49 -4.89
C PHE A 13 -2.54 -2.42 -4.38
N VAL A 14 -3.34 -1.54 -4.99
CA VAL A 14 -4.73 -1.36 -4.59
C VAL A 14 -5.66 -1.59 -5.78
N GLY A 15 -6.42 -2.69 -5.73
CA GLY A 15 -7.34 -3.00 -6.82
C GLY A 15 -8.78 -2.68 -6.45
N ASN A 16 -9.71 -3.07 -7.32
CA ASN A 16 -11.13 -2.83 -7.07
C ASN A 16 -11.38 -1.37 -6.74
N VAL A 17 -10.77 -0.47 -7.52
CA VAL A 17 -10.93 0.96 -7.31
C VAL A 17 -12.12 1.50 -8.09
N SER A 18 -13.08 2.09 -7.38
CA SER A 18 -14.27 2.64 -8.01
C SER A 18 -13.89 3.63 -9.11
N ALA A 19 -14.83 3.85 -10.03
CA ALA A 19 -14.59 4.77 -11.14
C ALA A 19 -14.64 6.22 -10.67
N ALA A 20 -15.57 6.52 -9.77
CA ALA A 20 -15.73 7.87 -9.24
C ALA A 20 -14.79 8.11 -8.07
N CYS A 21 -13.64 7.44 -8.10
CA CYS A 21 -12.65 7.58 -7.04
C CYS A 21 -11.49 8.45 -7.49
N THR A 22 -10.96 9.24 -6.56
CA THR A 22 -9.84 10.14 -6.87
C THR A 22 -8.52 9.58 -6.33
N SER A 23 -7.41 10.08 -6.86
CA SER A 23 -6.09 9.64 -6.43
C SER A 23 -5.81 10.05 -4.99
N GLN A 24 -6.02 11.33 -4.70
CA GLN A 24 -5.79 11.87 -3.37
C GLN A 24 -6.49 11.00 -2.31
N GLU A 25 -7.66 10.48 -2.67
CA GLU A 25 -8.43 9.65 -1.75
C GLU A 25 -7.57 8.52 -1.20
N LEU A 26 -7.25 7.55 -2.06
CA LEU A 26 -6.45 6.41 -1.65
C LEU A 26 -5.21 6.86 -0.90
N ARG A 27 -4.51 7.86 -1.44
CA ARG A 27 -3.31 8.39 -0.82
C ARG A 27 -3.59 8.81 0.63
N SER A 28 -4.68 9.55 0.83
CA SER A 28 -5.05 10.02 2.15
C SER A 28 -5.14 8.86 3.14
N LEU A 29 -5.85 7.81 2.73
CA LEU A 29 -6.01 6.63 3.59
C LEU A 29 -4.66 6.11 4.06
N PHE A 30 -3.79 5.79 3.11
CA PHE A 30 -2.45 5.29 3.42
C PHE A 30 -1.67 6.31 4.23
N GLU A 31 -1.87 7.59 3.93
CA GLU A 31 -1.17 8.66 4.62
C GLU A 31 -1.44 8.60 6.13
N ARG A 32 -2.69 8.36 6.49
CA ARG A 32 -3.08 8.28 7.89
C ARG A 32 -2.51 7.03 8.54
N ARG A 33 -2.55 5.92 7.82
CA ARG A 33 -2.03 4.65 8.33
C ARG A 33 -0.54 4.53 8.08
N GLY A 34 0.09 5.66 7.76
CA GLY A 34 1.52 5.67 7.50
C GLY A 34 1.92 6.73 6.50
N ARG A 35 3.17 7.17 6.58
CA ARG A 35 3.68 8.20 5.69
C ARG A 35 3.70 7.70 4.24
N VAL A 36 3.16 8.50 3.33
CA VAL A 36 3.11 8.14 1.92
C VAL A 36 3.94 9.09 1.07
N ILE A 37 5.13 8.64 0.68
CA ILE A 37 6.04 9.45 -0.13
C ILE A 37 5.49 9.64 -1.53
N GLU A 38 5.02 8.54 -2.12
CA GLU A 38 4.46 8.59 -3.47
C GLU A 38 3.07 7.97 -3.52
N CYS A 39 2.35 8.21 -4.61
CA CYS A 39 1.00 7.68 -4.77
C CYS A 39 0.50 7.90 -6.19
N ASP A 40 0.02 6.83 -6.81
CA ASP A 40 -0.49 6.89 -8.18
C ASP A 40 -1.74 6.04 -8.34
N VAL A 41 -2.48 6.27 -9.41
CA VAL A 41 -3.70 5.52 -9.68
C VAL A 41 -3.70 4.96 -11.09
N VAL A 42 -4.01 3.67 -11.22
CA VAL A 42 -4.05 3.01 -12.52
C VAL A 42 -5.48 2.77 -12.97
N LYS A 43 -5.64 2.33 -14.21
CA LYS A 43 -6.96 2.06 -14.77
C LYS A 43 -7.92 1.57 -13.68
N ASP A 44 -7.75 0.32 -13.27
CA ASP A 44 -8.60 -0.26 -12.24
C ASP A 44 -7.84 -0.39 -10.92
N TYR A 45 -6.56 -0.70 -11.01
CA TYR A 45 -5.71 -0.85 -9.83
C TYR A 45 -4.97 0.45 -9.52
N ALA A 46 -4.17 0.41 -8.46
CA ALA A 46 -3.40 1.58 -8.05
C ALA A 46 -2.09 1.17 -7.40
N PHE A 47 -1.23 2.15 -7.13
CA PHE A 47 0.06 1.90 -6.51
C PHE A 47 0.41 2.99 -5.50
N VAL A 48 0.49 2.61 -4.23
CA VAL A 48 0.81 3.56 -3.16
C VAL A 48 2.15 3.21 -2.50
N HIS A 49 3.02 4.21 -2.39
CA HIS A 49 4.33 4.01 -1.77
C HIS A 49 4.36 4.59 -0.37
N MET A 50 5.12 3.94 0.52
CA MET A 50 5.23 4.39 1.89
C MET A 50 6.67 4.23 2.40
N GLU A 51 7.00 4.97 3.45
CA GLU A 51 8.34 4.92 4.03
C GLU A 51 8.40 3.92 5.17
N LYS A 52 7.56 4.13 6.18
CA LYS A 52 7.50 3.24 7.33
C LYS A 52 6.92 1.88 6.96
N GLU A 53 7.73 0.84 7.13
CA GLU A 53 7.29 -0.52 6.81
C GLU A 53 6.13 -0.94 7.69
N ALA A 54 6.33 -0.85 9.01
CA ALA A 54 5.29 -1.23 9.96
C ALA A 54 3.95 -0.58 9.60
N ASP A 55 3.99 0.71 9.31
CA ASP A 55 2.78 1.45 8.95
C ASP A 55 2.20 0.93 7.64
N ALA A 56 3.08 0.49 6.74
CA ALA A 56 2.67 -0.03 5.44
C ALA A 56 1.74 -1.22 5.62
N LYS A 57 2.23 -2.27 6.25
CA LYS A 57 1.45 -3.48 6.48
C LYS A 57 0.18 -3.17 7.27
N ALA A 58 0.36 -2.54 8.43
CA ALA A 58 -0.77 -2.19 9.28
C ALA A 58 -1.91 -1.57 8.46
N ALA A 59 -1.54 -0.72 7.51
CA ALA A 59 -2.53 -0.06 6.66
C ALA A 59 -3.25 -1.08 5.77
N ILE A 60 -2.47 -1.94 5.12
CA ILE A 60 -3.03 -2.96 4.25
C ILE A 60 -4.07 -3.81 4.98
N ALA A 61 -3.89 -3.94 6.29
CA ALA A 61 -4.81 -4.72 7.11
C ALA A 61 -6.10 -3.95 7.38
N GLN A 62 -5.96 -2.69 7.75
CA GLN A 62 -7.11 -1.84 8.04
C GLN A 62 -7.68 -1.23 6.76
N LEU A 63 -7.02 -1.51 5.64
CA LEU A 63 -7.45 -1.00 4.35
C LEU A 63 -7.99 -2.11 3.47
N ASN A 64 -7.22 -3.20 3.36
CA ASN A 64 -7.63 -4.34 2.55
C ASN A 64 -9.08 -4.73 2.83
N GLY A 65 -9.97 -4.31 1.94
CA GLY A 65 -11.38 -4.62 2.11
C GLY A 65 -12.21 -3.40 2.45
N LYS A 66 -11.61 -2.46 3.18
CA LYS A 66 -12.29 -1.24 3.57
C LYS A 66 -13.17 -0.71 2.43
N GLU A 67 -14.46 -0.54 2.71
CA GLU A 67 -15.39 -0.05 1.71
C GLU A 67 -15.12 1.41 1.39
N VAL A 68 -14.81 1.68 0.12
CA VAL A 68 -14.53 3.04 -0.33
C VAL A 68 -15.19 3.33 -1.68
N LYS A 69 -15.85 4.47 -1.76
CA LYS A 69 -16.53 4.87 -3.00
C LYS A 69 -17.63 3.87 -3.37
N GLY A 70 -18.16 3.19 -2.35
CA GLY A 70 -19.22 2.22 -2.58
C GLY A 70 -18.67 0.85 -2.92
N LYS A 71 -17.42 0.80 -3.37
CA LYS A 71 -16.79 -0.46 -3.73
C LYS A 71 -15.68 -0.81 -2.75
N ARG A 72 -15.57 -2.09 -2.42
CA ARG A 72 -14.54 -2.56 -1.49
C ARG A 72 -13.19 -2.68 -2.18
N ILE A 73 -12.27 -1.77 -1.85
CA ILE A 73 -10.94 -1.79 -2.44
C ILE A 73 -10.12 -2.95 -1.90
N ASN A 74 -9.31 -3.54 -2.78
CA ASN A 74 -8.46 -4.67 -2.39
C ASN A 74 -6.99 -4.24 -2.32
N VAL A 75 -6.49 -4.09 -1.10
CA VAL A 75 -5.11 -3.69 -0.89
C VAL A 75 -4.23 -4.89 -0.56
N GLU A 76 -3.00 -4.88 -1.05
CA GLU A 76 -2.07 -5.97 -0.80
C GLU A 76 -0.63 -5.54 -1.09
N LEU A 77 0.31 -5.99 -0.27
CA LEU A 77 1.72 -5.65 -0.45
C LEU A 77 2.20 -6.07 -1.82
N SER A 78 2.81 -5.14 -2.54
CA SER A 78 3.32 -5.41 -3.88
C SER A 78 4.63 -6.18 -3.81
N THR A 79 4.54 -7.51 -3.87
CA THR A 79 5.71 -8.36 -3.81
C THR A 79 5.81 -9.25 -5.05
N LYS A 80 7.03 -9.52 -5.48
CA LYS A 80 7.27 -10.36 -6.65
C LYS A 80 8.06 -11.61 -6.27
N GLY A 81 7.37 -12.74 -6.17
CA GLY A 81 8.03 -13.98 -5.83
C GLY A 81 7.78 -14.38 -4.39
N GLN A 82 8.37 -15.50 -3.98
CA GLN A 82 8.21 -15.99 -2.60
C GLN A 82 9.46 -15.72 -1.78
N LYS A 83 9.42 -16.11 -0.52
CA LYS A 83 10.55 -15.91 0.39
C LYS A 83 10.78 -17.14 1.26
N LYS A 84 12.01 -17.66 1.23
CA LYS A 84 12.35 -18.83 2.01
C LYS A 84 13.29 -18.46 3.17
N SER A 85 12.72 -18.22 4.34
CA SER A 85 13.49 -17.86 5.51
C SER A 85 14.68 -18.79 5.69
N GLY A 86 15.75 -18.27 6.31
CA GLY A 86 16.94 -19.08 6.53
C GLY A 86 17.96 -18.36 7.38
N PRO A 87 17.64 -18.17 8.67
CA PRO A 87 18.53 -17.50 9.62
C PRO A 87 19.76 -18.34 9.95
N SER A 88 20.92 -17.88 9.49
CA SER A 88 22.18 -18.58 9.73
C SER A 88 22.72 -18.26 11.12
N SER A 89 22.61 -17.00 11.52
CA SER A 89 23.10 -16.56 12.83
C SER A 89 21.95 -16.02 13.67
N GLY A 90 22.18 -15.93 14.97
CA GLY A 90 21.16 -15.43 15.87
C GLY A 90 21.69 -14.37 16.83
N GLY A 1 7.58 -8.43 -8.89
CA GLY A 1 8.81 -7.79 -9.35
C GLY A 1 8.72 -7.40 -10.81
N SER A 2 7.80 -6.51 -11.14
CA SER A 2 7.62 -6.05 -12.52
C SER A 2 8.36 -4.74 -12.75
N SER A 3 8.95 -4.61 -13.93
CA SER A 3 9.69 -3.40 -14.28
C SER A 3 10.88 -3.20 -13.35
N GLY A 4 11.61 -4.29 -13.08
CA GLY A 4 12.76 -4.21 -12.20
C GLY A 4 12.47 -3.45 -10.93
N SER A 5 13.51 -2.95 -10.28
CA SER A 5 13.36 -2.20 -9.04
C SER A 5 14.00 -0.82 -9.15
N SER A 6 13.40 0.16 -8.48
CA SER A 6 13.91 1.52 -8.51
C SER A 6 13.24 2.38 -7.45
N GLY A 7 14.04 3.07 -6.64
CA GLY A 7 13.50 3.91 -5.59
C GLY A 7 13.35 3.18 -4.28
N ASN A 8 14.10 3.59 -3.27
CA ASN A 8 14.04 2.97 -1.96
C ASN A 8 12.73 3.29 -1.25
N THR A 9 11.68 2.56 -1.60
CA THR A 9 10.36 2.78 -1.02
C THR A 9 9.47 1.55 -1.19
N TRP A 10 8.51 1.39 -0.29
CA TRP A 10 7.59 0.26 -0.34
C TRP A 10 6.60 0.42 -1.49
N LYS A 11 5.80 -0.62 -1.72
CA LYS A 11 4.81 -0.60 -2.79
C LYS A 11 3.55 -1.37 -2.38
N ILE A 12 2.40 -0.70 -2.46
CA ILE A 12 1.14 -1.32 -2.10
C ILE A 12 0.17 -1.32 -3.28
N PHE A 13 -0.25 -2.51 -3.70
CA PHE A 13 -1.19 -2.64 -4.81
C PHE A 13 -2.63 -2.53 -4.34
N VAL A 14 -3.40 -1.66 -5.00
CA VAL A 14 -4.80 -1.45 -4.65
C VAL A 14 -5.71 -1.72 -5.84
N GLY A 15 -6.47 -2.80 -5.77
CA GLY A 15 -7.38 -3.16 -6.85
C GLY A 15 -8.81 -2.81 -6.53
N ASN A 16 -9.69 -2.96 -7.51
CA ASN A 16 -11.11 -2.66 -7.33
C ASN A 16 -11.30 -1.19 -6.98
N VAL A 17 -10.55 -0.31 -7.64
CA VAL A 17 -10.64 1.12 -7.39
C VAL A 17 -11.88 1.71 -8.08
N SER A 18 -12.89 2.03 -7.28
CA SER A 18 -14.13 2.59 -7.80
C SER A 18 -13.84 3.61 -8.91
N ALA A 19 -14.58 3.53 -9.99
CA ALA A 19 -14.41 4.43 -11.13
C ALA A 19 -14.45 5.89 -10.67
N ALA A 20 -15.35 6.19 -9.74
CA ALA A 20 -15.49 7.54 -9.22
C ALA A 20 -14.58 7.76 -8.01
N CYS A 21 -13.42 7.12 -8.03
CA CYS A 21 -12.46 7.25 -6.94
C CYS A 21 -11.32 8.20 -7.31
N THR A 22 -11.00 9.11 -6.40
CA THR A 22 -9.93 10.08 -6.64
C THR A 22 -8.66 9.68 -5.91
N SER A 23 -7.54 9.68 -6.64
CA SER A 23 -6.25 9.32 -6.05
C SER A 23 -6.06 9.98 -4.70
N GLN A 24 -6.61 11.18 -4.54
CA GLN A 24 -6.50 11.91 -3.30
C GLN A 24 -7.05 11.10 -2.12
N GLU A 25 -8.15 10.39 -2.38
CA GLU A 25 -8.76 9.57 -1.34
C GLU A 25 -7.80 8.49 -0.86
N LEU A 26 -7.29 7.69 -1.80
CA LEU A 26 -6.37 6.62 -1.47
C LEU A 26 -5.15 7.16 -0.72
N ARG A 27 -4.53 8.20 -1.27
CA ARG A 27 -3.36 8.81 -0.66
C ARG A 27 -3.63 9.13 0.81
N SER A 28 -4.67 9.93 1.06
CA SER A 28 -5.02 10.32 2.42
C SER A 28 -5.09 9.11 3.34
N LEU A 29 -5.82 8.08 2.90
CA LEU A 29 -5.95 6.85 3.68
C LEU A 29 -4.60 6.37 4.19
N PHE A 30 -3.69 6.09 3.26
CA PHE A 30 -2.36 5.62 3.62
C PHE A 30 -1.63 6.64 4.48
N GLU A 31 -1.75 7.91 4.10
CA GLU A 31 -1.10 8.99 4.84
C GLU A 31 -1.44 8.91 6.32
N ARG A 32 -2.68 8.56 6.63
CA ARG A 32 -3.13 8.45 8.01
C ARG A 32 -2.58 7.18 8.66
N ARG A 33 -2.53 6.11 7.89
CA ARG A 33 -2.02 4.83 8.39
C ARG A 33 -0.51 4.73 8.19
N GLY A 34 0.12 5.87 7.89
CA GLY A 34 1.56 5.88 7.68
C GLY A 34 1.98 6.92 6.66
N ARG A 35 3.28 7.16 6.58
CA ARG A 35 3.82 8.15 5.65
C ARG A 35 3.66 7.68 4.20
N VAL A 36 3.36 8.62 3.30
CA VAL A 36 3.18 8.29 1.90
C VAL A 36 4.07 9.17 1.02
N ILE A 37 5.14 8.59 0.50
CA ILE A 37 6.07 9.31 -0.36
C ILE A 37 5.51 9.45 -1.77
N GLU A 38 5.25 8.30 -2.41
CA GLU A 38 4.72 8.30 -3.77
C GLU A 38 3.34 7.64 -3.82
N CYS A 39 2.42 8.25 -4.55
CA CYS A 39 1.06 7.72 -4.67
C CYS A 39 0.52 7.93 -6.08
N ASP A 40 0.21 6.82 -6.76
CA ASP A 40 -0.32 6.89 -8.11
C ASP A 40 -1.49 5.94 -8.29
N VAL A 41 -2.42 6.31 -9.16
CA VAL A 41 -3.60 5.49 -9.42
C VAL A 41 -3.67 5.07 -10.89
N VAL A 42 -3.88 3.78 -11.12
CA VAL A 42 -3.98 3.26 -12.48
C VAL A 42 -5.43 3.06 -12.90
N LYS A 43 -5.64 2.75 -14.17
CA LYS A 43 -6.99 2.54 -14.69
C LYS A 43 -7.91 1.96 -13.61
N ASP A 44 -7.74 0.67 -13.33
CA ASP A 44 -8.55 0.00 -12.32
C ASP A 44 -7.77 -0.18 -11.03
N TYR A 45 -6.49 -0.53 -11.16
CA TYR A 45 -5.64 -0.74 -10.00
C TYR A 45 -4.87 0.52 -9.66
N ALA A 46 -4.09 0.47 -8.59
CA ALA A 46 -3.29 1.61 -8.15
C ALA A 46 -2.01 1.16 -7.47
N PHE A 47 -1.08 2.10 -7.26
CA PHE A 47 0.19 1.79 -6.62
C PHE A 47 0.57 2.89 -5.62
N VAL A 48 0.65 2.51 -4.35
CA VAL A 48 1.01 3.46 -3.30
C VAL A 48 2.30 3.06 -2.60
N HIS A 49 3.30 3.92 -2.68
CA HIS A 49 4.60 3.65 -2.05
C HIS A 49 4.68 4.32 -0.68
N MET A 50 5.21 3.58 0.30
CA MET A 50 5.35 4.09 1.65
C MET A 50 6.79 3.96 2.14
N GLU A 51 7.12 4.69 3.20
CA GLU A 51 8.46 4.65 3.77
C GLU A 51 8.54 3.65 4.92
N LYS A 52 7.78 3.92 5.97
CA LYS A 52 7.77 3.04 7.14
C LYS A 52 7.11 1.71 6.81
N GLU A 53 7.82 0.61 7.06
CA GLU A 53 7.31 -0.72 6.78
C GLU A 53 6.14 -1.04 7.71
N ALA A 54 6.40 -1.02 9.02
CA ALA A 54 5.38 -1.32 10.00
C ALA A 54 4.04 -0.67 9.62
N ASP A 55 4.09 0.61 9.28
CA ASP A 55 2.89 1.33 8.88
C ASP A 55 2.30 0.77 7.59
N ALA A 56 3.17 0.42 6.66
CA ALA A 56 2.75 -0.13 5.38
C ALA A 56 1.77 -1.28 5.58
N LYS A 57 2.21 -2.32 6.28
CA LYS A 57 1.37 -3.48 6.53
C LYS A 57 0.11 -3.08 7.29
N ALA A 58 0.30 -2.40 8.43
CA ALA A 58 -0.84 -1.95 9.23
C ALA A 58 -1.94 -1.37 8.36
N ALA A 59 -1.55 -0.49 7.44
CA ALA A 59 -2.52 0.14 6.55
C ALA A 59 -3.26 -0.90 5.71
N ILE A 60 -2.51 -1.78 5.07
CA ILE A 60 -3.10 -2.83 4.24
C ILE A 60 -4.13 -3.63 5.02
N ALA A 61 -3.94 -3.72 6.33
CA ALA A 61 -4.86 -4.44 7.19
C ALA A 61 -6.13 -3.65 7.43
N GLN A 62 -5.98 -2.37 7.75
CA GLN A 62 -7.12 -1.51 8.01
C GLN A 62 -7.70 -0.96 6.71
N LEU A 63 -7.05 -1.29 5.59
CA LEU A 63 -7.51 -0.84 4.29
C LEU A 63 -8.06 -2.01 3.47
N ASN A 64 -7.29 -3.09 3.41
CA ASN A 64 -7.70 -4.28 2.66
C ASN A 64 -9.16 -4.62 2.95
N GLY A 65 -10.04 -4.25 2.03
CA GLY A 65 -11.46 -4.53 2.21
C GLY A 65 -12.27 -3.27 2.43
N LYS A 66 -11.68 -2.30 3.14
CA LYS A 66 -12.36 -1.05 3.43
C LYS A 66 -13.23 -0.61 2.26
N GLU A 67 -14.52 -0.42 2.52
CA GLU A 67 -15.46 0.00 1.48
C GLU A 67 -15.19 1.44 1.05
N VAL A 68 -15.00 1.64 -0.25
CA VAL A 68 -14.74 2.97 -0.79
C VAL A 68 -15.62 3.26 -2.00
N LYS A 69 -16.51 4.23 -1.84
CA LYS A 69 -17.42 4.61 -2.92
C LYS A 69 -18.34 3.45 -3.29
N GLY A 70 -18.75 2.69 -2.28
CA GLY A 70 -19.63 1.56 -2.52
C GLY A 70 -18.88 0.32 -2.95
N LYS A 71 -17.71 0.51 -3.55
CA LYS A 71 -16.89 -0.60 -4.02
C LYS A 71 -15.76 -0.89 -3.03
N ARG A 72 -15.61 -2.17 -2.67
CA ARG A 72 -14.57 -2.57 -1.73
C ARG A 72 -13.22 -2.69 -2.45
N ILE A 73 -12.26 -1.89 -2.01
CA ILE A 73 -10.92 -1.90 -2.59
C ILE A 73 -10.09 -3.04 -2.02
N ASN A 74 -9.27 -3.64 -2.87
CA ASN A 74 -8.41 -4.75 -2.46
C ASN A 74 -6.95 -4.30 -2.35
N VAL A 75 -6.50 -4.13 -1.11
CA VAL A 75 -5.12 -3.69 -0.87
C VAL A 75 -4.26 -4.86 -0.38
N GLU A 76 -3.05 -4.97 -0.95
CA GLU A 76 -2.14 -6.04 -0.57
C GLU A 76 -0.70 -5.64 -0.86
N LEU A 77 0.22 -6.06 0.00
CA LEU A 77 1.63 -5.76 -0.16
C LEU A 77 2.15 -6.25 -1.51
N SER A 78 2.76 -5.34 -2.27
CA SER A 78 3.29 -5.68 -3.58
C SER A 78 4.57 -6.50 -3.45
N THR A 79 5.56 -5.93 -2.77
CA THR A 79 6.85 -6.61 -2.57
C THR A 79 6.69 -7.81 -1.65
N LYS A 80 6.44 -8.98 -2.25
CA LYS A 80 6.27 -10.21 -1.49
C LYS A 80 7.60 -10.68 -0.91
N GLY A 81 7.56 -11.27 0.28
CA GLY A 81 8.77 -11.76 0.91
C GLY A 81 8.59 -13.13 1.54
N GLN A 82 9.04 -14.17 0.83
CA GLN A 82 8.92 -15.53 1.32
C GLN A 82 9.33 -15.63 2.77
N LYS A 83 10.63 -15.51 3.03
CA LYS A 83 11.16 -15.58 4.38
C LYS A 83 12.46 -14.78 4.51
N LYS A 84 12.72 -14.28 5.70
CA LYS A 84 13.93 -13.49 5.95
C LYS A 84 14.61 -13.94 7.24
N SER A 85 15.87 -14.35 7.12
CA SER A 85 16.64 -14.81 8.28
C SER A 85 18.04 -14.20 8.27
N GLY A 86 18.72 -14.30 9.41
CA GLY A 86 20.06 -13.75 9.53
C GLY A 86 20.81 -14.29 10.73
N PRO A 87 22.13 -14.08 10.75
CA PRO A 87 22.99 -14.54 11.85
C PRO A 87 22.74 -13.78 13.14
N SER A 88 23.51 -14.11 14.17
CA SER A 88 23.36 -13.47 15.47
C SER A 88 24.62 -13.67 16.31
N SER A 89 25.09 -12.60 16.93
CA SER A 89 26.28 -12.65 17.78
C SER A 89 25.98 -13.36 19.10
N GLY A 90 25.08 -12.79 19.87
CA GLY A 90 24.72 -13.39 21.15
C GLY A 90 24.58 -12.35 22.25
N GLY A 1 7.13 -7.57 -13.83
CA GLY A 1 7.08 -9.02 -13.88
C GLY A 1 6.65 -9.61 -12.55
N SER A 2 6.32 -10.90 -12.56
CA SER A 2 5.88 -11.59 -11.35
C SER A 2 6.88 -11.39 -10.22
N SER A 3 8.16 -11.55 -10.53
CA SER A 3 9.22 -11.39 -9.55
C SER A 3 10.12 -10.20 -9.90
N GLY A 4 10.76 -9.63 -8.89
CA GLY A 4 11.64 -8.50 -9.10
C GLY A 4 11.08 -7.21 -8.54
N SER A 5 11.97 -6.34 -8.07
CA SER A 5 11.56 -5.06 -7.49
C SER A 5 12.68 -4.04 -7.61
N SER A 6 12.37 -2.91 -8.25
CA SER A 6 13.35 -1.85 -8.43
C SER A 6 12.90 -0.57 -7.72
N GLY A 7 13.29 -0.45 -6.45
CA GLY A 7 12.93 0.72 -5.68
C GLY A 7 13.15 0.53 -4.19
N ASN A 8 13.47 1.62 -3.50
CA ASN A 8 13.72 1.56 -2.06
C ASN A 8 12.42 1.69 -1.28
N THR A 9 11.57 2.64 -1.69
CA THR A 9 10.30 2.86 -1.02
C THR A 9 9.37 1.66 -1.19
N TRP A 10 8.47 1.48 -0.23
CA TRP A 10 7.53 0.37 -0.27
C TRP A 10 6.56 0.52 -1.44
N LYS A 11 5.75 -0.51 -1.66
CA LYS A 11 4.77 -0.50 -2.75
C LYS A 11 3.54 -1.32 -2.38
N ILE A 12 2.38 -0.66 -2.36
CA ILE A 12 1.14 -1.34 -2.03
C ILE A 12 0.16 -1.28 -3.20
N PHE A 13 -0.17 -2.45 -3.75
CA PHE A 13 -1.09 -2.54 -4.87
C PHE A 13 -2.55 -2.48 -4.38
N VAL A 14 -3.33 -1.59 -4.99
CA VAL A 14 -4.73 -1.44 -4.63
C VAL A 14 -5.64 -1.65 -5.83
N GLY A 15 -6.43 -2.72 -5.79
CA GLY A 15 -7.33 -3.01 -6.88
C GLY A 15 -8.78 -2.74 -6.53
N ASN A 16 -9.68 -2.97 -7.49
CA ASN A 16 -11.10 -2.74 -7.27
C ASN A 16 -11.36 -1.30 -6.85
N VAL A 17 -10.61 -0.37 -7.44
CA VAL A 17 -10.76 1.05 -7.13
C VAL A 17 -11.95 1.65 -7.87
N SER A 18 -12.98 2.03 -7.12
CA SER A 18 -14.17 2.63 -7.71
C SER A 18 -13.81 3.56 -8.85
N ALA A 19 -14.51 3.42 -9.98
CA ALA A 19 -14.26 4.24 -11.14
C ALA A 19 -14.29 5.73 -10.77
N ALA A 20 -15.21 6.09 -9.89
CA ALA A 20 -15.34 7.48 -9.46
C ALA A 20 -14.49 7.75 -8.23
N CYS A 21 -13.34 7.11 -8.15
CA CYS A 21 -12.43 7.27 -7.02
C CYS A 21 -11.27 8.19 -7.39
N THR A 22 -10.98 9.14 -6.52
CA THR A 22 -9.89 10.09 -6.76
C THR A 22 -8.64 9.70 -5.98
N SER A 23 -7.48 9.92 -6.58
CA SER A 23 -6.21 9.59 -5.93
C SER A 23 -6.17 10.12 -4.50
N GLN A 24 -6.36 11.43 -4.36
CA GLN A 24 -6.35 12.07 -3.05
C GLN A 24 -6.96 11.15 -1.99
N GLU A 25 -8.06 10.49 -2.35
CA GLU A 25 -8.74 9.58 -1.43
C GLU A 25 -7.79 8.50 -0.94
N LEU A 26 -7.24 7.72 -1.87
CA LEU A 26 -6.33 6.65 -1.53
C LEU A 26 -5.11 7.19 -0.79
N ARG A 27 -4.45 8.18 -1.38
CA ARG A 27 -3.28 8.79 -0.77
C ARG A 27 -3.53 9.10 0.71
N SER A 28 -4.59 9.84 0.99
CA SER A 28 -4.93 10.20 2.35
C SER A 28 -4.98 8.97 3.25
N LEU A 29 -5.80 8.00 2.87
CA LEU A 29 -5.94 6.76 3.64
C LEU A 29 -4.58 6.28 4.13
N PHE A 30 -3.67 6.04 3.19
CA PHE A 30 -2.33 5.56 3.53
C PHE A 30 -1.59 6.59 4.37
N GLU A 31 -1.68 7.86 3.97
CA GLU A 31 -1.01 8.93 4.70
C GLU A 31 -1.34 8.88 6.19
N ARG A 32 -2.60 8.57 6.50
CA ARG A 32 -3.05 8.49 7.87
C ARG A 32 -2.50 7.24 8.55
N ARG A 33 -2.52 6.12 7.84
CA ARG A 33 -2.02 4.86 8.37
C ARG A 33 -0.50 4.75 8.18
N GLY A 34 0.12 5.88 7.85
CA GLY A 34 1.56 5.88 7.65
C GLY A 34 1.99 6.90 6.59
N ARG A 35 3.27 7.23 6.59
CA ARG A 35 3.81 8.20 5.64
C ARG A 35 3.67 7.68 4.21
N VAL A 36 3.39 8.59 3.28
CA VAL A 36 3.22 8.23 1.88
C VAL A 36 4.07 9.12 0.98
N ILE A 37 5.18 8.59 0.49
CA ILE A 37 6.08 9.34 -0.38
C ILE A 37 5.49 9.47 -1.78
N GLU A 38 5.32 8.33 -2.46
CA GLU A 38 4.77 8.32 -3.80
C GLU A 38 3.38 7.67 -3.83
N CYS A 39 2.47 8.27 -4.57
CA CYS A 39 1.11 7.75 -4.67
C CYS A 39 0.56 7.95 -6.08
N ASP A 40 0.20 6.85 -6.73
CA ASP A 40 -0.34 6.90 -8.09
C ASP A 40 -1.52 5.95 -8.24
N VAL A 41 -2.47 6.32 -9.09
CA VAL A 41 -3.66 5.49 -9.33
C VAL A 41 -3.74 5.06 -10.79
N VAL A 42 -3.95 3.76 -11.00
CA VAL A 42 -4.06 3.22 -12.34
C VAL A 42 -5.51 3.01 -12.75
N LYS A 43 -5.73 2.69 -14.02
CA LYS A 43 -7.08 2.47 -14.53
C LYS A 43 -7.98 1.88 -13.44
N ASP A 44 -7.80 0.59 -13.17
CA ASP A 44 -8.60 -0.08 -12.14
C ASP A 44 -7.81 -0.23 -10.85
N TYR A 45 -6.53 -0.59 -10.98
CA TYR A 45 -5.67 -0.77 -9.82
C TYR A 45 -4.91 0.51 -9.50
N ALA A 46 -4.12 0.47 -8.43
CA ALA A 46 -3.34 1.63 -8.02
C ALA A 46 -2.06 1.21 -7.30
N PHE A 47 -1.08 2.10 -7.28
CA PHE A 47 0.20 1.81 -6.64
C PHE A 47 0.56 2.91 -5.63
N VAL A 48 0.63 2.53 -4.36
CA VAL A 48 0.96 3.49 -3.30
C VAL A 48 2.23 3.07 -2.57
N HIS A 49 3.24 3.94 -2.63
CA HIS A 49 4.53 3.66 -1.98
C HIS A 49 4.57 4.30 -0.60
N MET A 50 5.23 3.62 0.34
CA MET A 50 5.36 4.12 1.70
C MET A 50 6.79 3.97 2.22
N GLU A 51 7.11 4.72 3.27
CA GLU A 51 8.45 4.67 3.85
C GLU A 51 8.51 3.68 5.01
N LYS A 52 7.70 3.93 6.03
CA LYS A 52 7.65 3.06 7.20
C LYS A 52 7.05 1.70 6.86
N GLU A 53 7.79 0.65 7.13
CA GLU A 53 7.34 -0.71 6.84
C GLU A 53 6.16 -1.09 7.74
N ALA A 54 6.40 -1.07 9.05
CA ALA A 54 5.35 -1.40 10.02
C ALA A 54 4.03 -0.75 9.64
N ASP A 55 4.08 0.54 9.31
CA ASP A 55 2.88 1.28 8.93
C ASP A 55 2.27 0.73 7.65
N ALA A 56 3.13 0.43 6.68
CA ALA A 56 2.69 -0.10 5.40
C ALA A 56 1.73 -1.28 5.61
N LYS A 57 2.17 -2.26 6.38
CA LYS A 57 1.36 -3.44 6.65
C LYS A 57 0.06 -3.06 7.36
N ALA A 58 0.19 -2.32 8.46
CA ALA A 58 -0.97 -1.89 9.22
C ALA A 58 -2.05 -1.33 8.31
N ALA A 59 -1.65 -0.44 7.40
CA ALA A 59 -2.58 0.18 6.46
C ALA A 59 -3.29 -0.88 5.62
N ILE A 60 -2.50 -1.78 5.03
CA ILE A 60 -3.07 -2.84 4.19
C ILE A 60 -4.12 -3.64 4.95
N ALA A 61 -3.98 -3.69 6.27
CA ALA A 61 -4.93 -4.42 7.12
C ALA A 61 -6.21 -3.61 7.32
N GLN A 62 -6.05 -2.33 7.62
CA GLN A 62 -7.20 -1.46 7.84
C GLN A 62 -7.76 -0.94 6.51
N LEU A 63 -7.10 -1.31 5.42
CA LEU A 63 -7.53 -0.88 4.09
C LEU A 63 -8.07 -2.07 3.29
N ASN A 64 -7.31 -3.16 3.27
CA ASN A 64 -7.71 -4.36 2.54
C ASN A 64 -9.16 -4.71 2.84
N GLY A 65 -10.06 -4.26 1.97
CA GLY A 65 -11.48 -4.53 2.15
C GLY A 65 -12.29 -3.27 2.36
N LYS A 66 -11.70 -2.31 3.07
CA LYS A 66 -12.38 -1.04 3.35
C LYS A 66 -13.28 -0.65 2.17
N GLU A 67 -14.57 -0.45 2.47
CA GLU A 67 -15.54 -0.06 1.45
C GLU A 67 -15.31 1.38 1.01
N VAL A 68 -14.85 1.55 -0.22
CA VAL A 68 -14.60 2.87 -0.77
C VAL A 68 -15.53 3.19 -1.93
N LYS A 69 -16.41 4.16 -1.74
CA LYS A 69 -17.36 4.55 -2.78
C LYS A 69 -18.29 3.39 -3.13
N GLY A 70 -18.67 2.62 -2.12
CA GLY A 70 -19.55 1.49 -2.34
C GLY A 70 -18.81 0.25 -2.82
N LYS A 71 -17.65 0.47 -3.44
CA LYS A 71 -16.84 -0.64 -3.94
C LYS A 71 -15.70 -0.96 -2.98
N ARG A 72 -15.64 -2.21 -2.54
CA ARG A 72 -14.61 -2.65 -1.62
C ARG A 72 -13.26 -2.78 -2.33
N ILE A 73 -12.33 -1.88 -2.01
CA ILE A 73 -11.01 -1.89 -2.62
C ILE A 73 -10.16 -3.01 -2.04
N ASN A 74 -9.36 -3.64 -2.90
CA ASN A 74 -8.49 -4.73 -2.48
C ASN A 74 -7.04 -4.25 -2.36
N VAL A 75 -6.58 -4.07 -1.13
CA VAL A 75 -5.21 -3.62 -0.89
C VAL A 75 -4.31 -4.78 -0.48
N GLU A 76 -3.13 -4.84 -1.07
CA GLU A 76 -2.17 -5.91 -0.76
C GLU A 76 -0.74 -5.46 -1.04
N LEU A 77 0.20 -5.98 -0.26
CA LEU A 77 1.60 -5.63 -0.43
C LEU A 77 2.11 -6.04 -1.81
N SER A 78 2.53 -5.05 -2.60
CA SER A 78 3.03 -5.30 -3.94
C SER A 78 4.34 -6.10 -3.89
N THR A 79 5.31 -5.57 -3.15
CA THR A 79 6.62 -6.22 -3.02
C THR A 79 6.62 -7.22 -1.86
N LYS A 80 6.49 -8.50 -2.19
CA LYS A 80 6.48 -9.55 -1.18
C LYS A 80 7.71 -9.46 -0.29
N GLY A 81 7.55 -9.78 0.99
CA GLY A 81 8.65 -9.73 1.91
C GLY A 81 8.25 -10.14 3.32
N GLN A 82 9.25 -10.39 4.17
CA GLN A 82 8.99 -10.80 5.55
C GLN A 82 10.26 -10.78 6.37
N LYS A 83 10.13 -10.51 7.66
CA LYS A 83 11.27 -10.46 8.56
C LYS A 83 11.29 -11.66 9.50
N LYS A 84 12.48 -12.03 9.97
CA LYS A 84 12.64 -13.15 10.87
C LYS A 84 13.35 -12.74 12.16
N SER A 85 13.04 -13.42 13.25
CA SER A 85 13.66 -13.12 14.54
C SER A 85 14.48 -14.31 15.04
N GLY A 86 15.43 -14.03 15.92
CA GLY A 86 16.26 -15.08 16.47
C GLY A 86 16.13 -15.22 17.97
N PRO A 87 16.86 -14.38 18.72
CA PRO A 87 16.84 -14.38 20.19
C PRO A 87 15.51 -13.88 20.74
N SER A 88 15.28 -14.14 22.03
CA SER A 88 14.04 -13.71 22.67
C SER A 88 14.29 -13.35 24.14
N SER A 89 13.31 -12.72 24.76
CA SER A 89 13.42 -12.31 26.16
C SER A 89 13.18 -13.49 27.09
N GLY A 90 13.75 -13.42 28.29
CA GLY A 90 13.59 -14.49 29.26
C GLY A 90 12.81 -14.05 30.49
#